data_1WFY
#
_entry.id   1WFY
#
_cell.length_a   1.000
_cell.length_b   1.000
_cell.length_c   1.000
_cell.angle_alpha   90.00
_cell.angle_beta   90.00
_cell.angle_gamma   90.00
#
_symmetry.space_group_name_H-M   'P 1'
#
_entity_poly.entity_id   1
_entity_poly.type   'polypeptide(L)'
_entity_poly.pdbx_seq_one_letter_code
;GSSGSSGDQEVRLENRITFQLELVGLERVVRISAKPTKRLQEALQPILAKHGLSLDQVVLHRPGEKQPMDLENPVSSVAS
QTLVLDTPPDAKMSEARSSGPSSG
;
_entity_poly.pdbx_strand_id   A
#
# COMPACT_ATOMS: atom_id res chain seq x y z
N GLY A 1 2.43 18.56 -27.54
CA GLY A 1 1.10 18.06 -27.19
C GLY A 1 0.97 16.59 -27.56
N SER A 2 -0.21 16.25 -28.07
CA SER A 2 -0.49 14.88 -28.48
C SER A 2 -0.46 13.96 -27.25
N SER A 3 -1.60 13.33 -27.01
CA SER A 3 -1.73 12.43 -25.88
C SER A 3 -2.46 11.15 -26.29
N GLY A 4 -2.41 10.16 -25.42
CA GLY A 4 -3.06 8.88 -25.69
C GLY A 4 -3.04 7.98 -24.46
N SER A 5 -3.47 6.75 -24.66
CA SER A 5 -3.51 5.78 -23.57
C SER A 5 -3.76 4.38 -24.13
N SER A 6 -3.45 3.39 -23.31
CA SER A 6 -3.63 2.00 -23.71
C SER A 6 -4.42 1.25 -22.62
N GLY A 7 -4.87 0.07 -23.00
CA GLY A 7 -5.64 -0.76 -22.07
C GLY A 7 -4.77 -1.87 -21.48
N ASP A 8 -5.41 -2.73 -20.69
CA ASP A 8 -4.71 -3.83 -20.07
C ASP A 8 -5.62 -5.06 -20.03
N GLN A 9 -5.01 -6.20 -19.75
CA GLN A 9 -5.75 -7.45 -19.69
C GLN A 9 -5.61 -8.08 -18.30
N GLU A 10 -6.50 -9.02 -18.01
CA GLU A 10 -6.48 -9.70 -16.73
C GLU A 10 -6.50 -11.21 -16.93
N VAL A 11 -5.34 -11.82 -16.75
CA VAL A 11 -5.22 -13.27 -16.91
C VAL A 11 -4.47 -13.84 -15.70
N ARG A 12 -4.62 -15.14 -15.53
CA ARG A 12 -3.97 -15.84 -14.43
C ARG A 12 -2.45 -15.69 -14.54
N LEU A 13 -1.82 -15.44 -13.40
CA LEU A 13 -0.38 -15.28 -13.37
C LEU A 13 0.13 -15.66 -11.97
N GLU A 14 0.87 -16.77 -11.94
CA GLU A 14 1.42 -17.25 -10.67
C GLU A 14 2.87 -16.79 -10.52
N ASN A 15 3.01 -15.54 -10.07
CA ASN A 15 4.32 -14.97 -9.87
C ASN A 15 4.19 -13.66 -9.10
N ARG A 16 5.30 -13.23 -8.52
CA ARG A 16 5.32 -12.00 -7.75
C ARG A 16 4.75 -10.85 -8.57
N ILE A 17 3.76 -10.19 -7.99
CA ILE A 17 3.10 -9.08 -8.66
C ILE A 17 3.60 -7.76 -8.05
N THR A 18 3.32 -6.67 -8.76
CA THR A 18 3.73 -5.35 -8.31
C THR A 18 2.65 -4.32 -8.62
N PHE A 19 2.73 -3.19 -7.92
CA PHE A 19 1.77 -2.12 -8.12
C PHE A 19 2.36 -0.78 -7.68
N GLN A 20 1.70 0.28 -8.12
CA GLN A 20 2.14 1.63 -7.78
C GLN A 20 1.29 2.20 -6.65
N LEU A 21 1.83 3.21 -5.99
CA LEU A 21 1.14 3.85 -4.89
C LEU A 21 1.19 5.37 -5.07
N GLU A 22 0.07 6.01 -4.79
CA GLU A 22 -0.02 7.45 -4.92
C GLU A 22 0.27 8.13 -3.58
N LEU A 23 1.33 8.92 -3.57
CA LEU A 23 1.72 9.62 -2.36
C LEU A 23 1.02 10.97 -2.29
N VAL A 24 -0.29 10.91 -2.10
CA VAL A 24 -1.10 12.12 -2.02
C VAL A 24 -0.34 13.19 -1.25
N GLY A 25 -0.01 12.85 0.00
CA GLY A 25 0.72 13.77 0.85
C GLY A 25 1.98 14.30 0.16
N LEU A 26 2.67 13.38 -0.51
CA LEU A 26 3.89 13.74 -1.22
C LEU A 26 3.55 14.07 -2.67
N GLU A 27 4.52 13.87 -3.54
CA GLU A 27 4.34 14.15 -4.95
C GLU A 27 5.24 13.23 -5.79
N ARG A 28 4.82 11.98 -5.88
CA ARG A 28 5.57 10.99 -6.65
C ARG A 28 4.89 9.62 -6.57
N VAL A 29 5.04 8.86 -7.64
CA VAL A 29 4.44 7.53 -7.70
C VAL A 29 5.49 6.49 -7.29
N VAL A 30 5.13 5.72 -6.28
CA VAL A 30 6.03 4.68 -5.78
C VAL A 30 5.52 3.31 -6.24
N ARG A 31 6.44 2.35 -6.22
CA ARG A 31 6.10 1.00 -6.65
C ARG A 31 6.29 0.02 -5.49
N ILE A 32 5.44 -0.98 -5.45
CA ILE A 32 5.50 -1.99 -4.41
C ILE A 32 5.45 -3.39 -5.03
N SER A 33 6.45 -4.19 -4.71
CA SER A 33 6.52 -5.55 -5.24
C SER A 33 6.42 -6.56 -4.10
N ALA A 34 5.67 -7.62 -4.35
CA ALA A 34 5.48 -8.66 -3.35
C ALA A 34 4.61 -9.77 -3.94
N LYS A 35 4.66 -10.92 -3.29
CA LYS A 35 3.88 -12.06 -3.74
C LYS A 35 2.40 -11.68 -3.77
N PRO A 36 1.64 -12.37 -4.67
CA PRO A 36 0.22 -12.11 -4.81
C PRO A 36 -0.56 -12.72 -3.64
N THR A 37 -0.37 -14.01 -3.44
CA THR A 37 -1.05 -14.71 -2.37
C THR A 37 -1.13 -13.83 -1.12
N LYS A 38 0.03 -13.35 -0.70
CA LYS A 38 0.10 -12.49 0.47
C LYS A 38 -1.03 -11.46 0.41
N ARG A 39 -1.24 -10.80 1.55
CA ARG A 39 -2.28 -9.79 1.63
C ARG A 39 -1.70 -8.40 1.34
N LEU A 40 -2.53 -7.39 1.51
CA LEU A 40 -2.12 -6.02 1.27
C LEU A 40 -1.43 -5.46 2.52
N GLN A 41 -1.75 -6.08 3.65
CA GLN A 41 -1.17 -5.66 4.91
C GLN A 41 0.14 -6.40 5.17
N GLU A 42 0.17 -7.66 4.77
CA GLU A 42 1.36 -8.48 4.95
C GLU A 42 2.42 -8.09 3.93
N ALA A 43 1.96 -7.59 2.80
CA ALA A 43 2.85 -7.17 1.73
C ALA A 43 3.39 -5.77 2.03
N LEU A 44 2.61 -5.02 2.80
CA LEU A 44 2.99 -3.67 3.17
C LEU A 44 3.75 -3.71 4.49
N GLN A 45 3.65 -4.84 5.17
CA GLN A 45 4.31 -5.02 6.45
C GLN A 45 5.79 -4.66 6.33
N PRO A 46 6.45 -5.27 5.30
CA PRO A 46 7.86 -5.03 5.07
C PRO A 46 8.09 -3.65 4.44
N ILE A 47 6.98 -2.97 4.16
CA ILE A 47 7.04 -1.65 3.57
C ILE A 47 6.85 -0.60 4.65
N LEU A 48 5.90 -0.87 5.54
CA LEU A 48 5.61 0.05 6.63
C LEU A 48 6.75 -0.01 7.65
N ALA A 49 7.23 -1.21 7.88
CA ALA A 49 8.32 -1.42 8.83
C ALA A 49 9.62 -0.92 8.21
N LYS A 50 9.59 -0.73 6.91
CA LYS A 50 10.77 -0.26 6.19
C LYS A 50 10.61 1.23 5.88
N HIS A 51 9.43 1.75 6.20
CA HIS A 51 9.13 3.15 5.96
C HIS A 51 8.76 3.83 7.28
N GLY A 52 8.96 3.08 8.36
CA GLY A 52 8.65 3.60 9.68
C GLY A 52 7.15 3.88 9.84
N LEU A 53 6.38 3.29 8.94
CA LEU A 53 4.94 3.46 8.96
C LEU A 53 4.31 2.27 9.68
N SER A 54 3.00 2.14 9.50
CA SER A 54 2.27 1.05 10.13
C SER A 54 0.98 0.77 9.35
N LEU A 55 0.32 -0.32 9.71
CA LEU A 55 -0.91 -0.70 9.06
C LEU A 55 -2.07 0.10 9.64
N ASP A 56 -1.82 0.68 10.81
CA ASP A 56 -2.83 1.48 11.49
C ASP A 56 -2.45 2.96 11.38
N GLN A 57 -1.53 3.24 10.47
CA GLN A 57 -1.07 4.61 10.27
C GLN A 57 -1.46 5.10 8.89
N VAL A 58 -1.19 4.25 7.89
CA VAL A 58 -1.51 4.59 6.51
C VAL A 58 -2.89 4.01 6.16
N VAL A 59 -3.40 4.46 5.02
CA VAL A 59 -4.70 4.00 4.57
C VAL A 59 -4.66 3.80 3.05
N LEU A 60 -5.05 2.61 2.63
CA LEU A 60 -5.06 2.27 1.22
C LEU A 60 -6.48 2.45 0.67
N HIS A 61 -6.55 2.99 -0.54
CA HIS A 61 -7.83 3.23 -1.19
C HIS A 61 -7.60 3.78 -2.59
N ARG A 62 -8.09 3.03 -3.57
CA ARG A 62 -7.95 3.43 -4.96
C ARG A 62 -8.37 4.88 -5.14
N PRO A 63 -7.93 5.47 -6.29
CA PRO A 63 -8.26 6.86 -6.59
C PRO A 63 -9.71 6.98 -7.05
N GLY A 64 -10.51 7.64 -6.21
CA GLY A 64 -11.92 7.83 -6.53
C GLY A 64 -12.78 6.74 -5.90
N GLU A 65 -12.61 6.58 -4.59
CA GLU A 65 -13.36 5.58 -3.85
C GLU A 65 -14.21 6.24 -2.77
N LYS A 66 -14.87 5.41 -1.98
CA LYS A 66 -15.71 5.90 -0.91
C LYS A 66 -15.11 5.50 0.44
N GLN A 67 -14.67 4.25 0.51
CA GLN A 67 -14.08 3.73 1.72
C GLN A 67 -12.67 3.18 1.44
N PRO A 68 -11.89 2.99 2.54
CA PRO A 68 -10.54 2.46 2.41
C PRO A 68 -10.56 0.97 2.12
N MET A 69 -9.84 0.59 1.07
CA MET A 69 -9.77 -0.81 0.67
C MET A 69 -9.31 -1.69 1.85
N ASP A 70 -9.65 -2.96 1.77
CA ASP A 70 -9.28 -3.91 2.80
C ASP A 70 -7.95 -4.55 2.44
N LEU A 71 -6.99 -4.43 3.35
CA LEU A 71 -5.67 -4.99 3.15
C LEU A 71 -5.77 -6.51 3.13
N GLU A 72 -6.70 -7.02 3.93
CA GLU A 72 -6.91 -8.45 4.01
C GLU A 72 -6.89 -9.08 2.62
N ASN A 73 -7.24 -8.27 1.64
CA ASN A 73 -7.28 -8.73 0.26
C ASN A 73 -5.84 -8.94 -0.24
N PRO A 74 -5.70 -9.93 -1.15
CA PRO A 74 -4.39 -10.24 -1.71
C PRO A 74 -3.96 -9.18 -2.73
N VAL A 75 -2.67 -8.87 -2.71
CA VAL A 75 -2.13 -7.89 -3.62
C VAL A 75 -2.42 -8.31 -5.06
N SER A 76 -2.70 -9.59 -5.22
CA SER A 76 -3.01 -10.14 -6.53
C SER A 76 -4.24 -9.45 -7.12
N SER A 77 -4.97 -8.76 -6.25
CA SER A 77 -6.16 -8.05 -6.66
C SER A 77 -5.87 -6.55 -6.79
N VAL A 78 -4.65 -6.18 -6.39
CA VAL A 78 -4.23 -4.80 -6.45
C VAL A 78 -2.99 -4.68 -7.34
N ALA A 79 -2.91 -5.58 -8.30
CA ALA A 79 -1.79 -5.60 -9.23
C ALA A 79 -2.29 -5.31 -10.64
N SER A 80 -2.70 -4.06 -10.85
CA SER A 80 -3.19 -3.65 -12.15
C SER A 80 -3.16 -2.12 -12.27
N GLN A 81 -3.99 -1.48 -11.46
CA GLN A 81 -4.07 -0.03 -11.47
C GLN A 81 -3.21 0.54 -10.33
N THR A 82 -3.17 1.87 -10.27
CA THR A 82 -2.39 2.55 -9.25
C THR A 82 -3.28 2.86 -8.03
N LEU A 83 -2.75 2.56 -6.86
CA LEU A 83 -3.47 2.80 -5.62
C LEU A 83 -3.07 4.17 -5.06
N VAL A 84 -3.74 4.55 -4.00
CA VAL A 84 -3.46 5.83 -3.35
C VAL A 84 -3.21 5.60 -1.87
N LEU A 85 -2.25 6.35 -1.34
CA LEU A 85 -1.90 6.24 0.07
C LEU A 85 -2.29 7.54 0.79
N ASP A 86 -3.04 7.37 1.86
CA ASP A 86 -3.49 8.51 2.65
C ASP A 86 -2.77 8.50 4.01
N THR A 87 -1.55 9.00 4.00
CA THR A 87 -0.76 9.05 5.22
C THR A 87 -1.49 9.87 6.29
N PRO A 88 -1.08 9.62 7.57
CA PRO A 88 -1.69 10.33 8.69
C PRO A 88 -1.18 11.77 8.78
N PRO A 89 -2.02 12.64 9.40
CA PRO A 89 -1.66 14.04 9.55
C PRO A 89 -0.60 14.22 10.65
N ASP A 90 0.51 13.52 10.47
CA ASP A 90 1.60 13.59 11.42
C ASP A 90 2.61 12.50 11.11
N ALA A 91 3.86 12.93 10.95
CA ALA A 91 4.94 11.99 10.65
C ALA A 91 6.28 12.67 10.91
N LYS A 92 7.07 12.06 11.78
CA LYS A 92 8.38 12.59 12.11
C LYS A 92 9.46 11.62 11.62
N MET A 93 9.35 10.38 12.08
CA MET A 93 10.31 9.36 11.69
C MET A 93 9.99 8.80 10.31
N SER A 94 10.61 9.41 9.30
CA SER A 94 10.41 8.98 7.93
C SER A 94 11.48 9.60 7.03
N GLU A 95 11.63 9.00 5.85
CA GLU A 95 12.61 9.49 4.89
C GLU A 95 12.12 10.77 4.23
N ALA A 96 13.07 11.62 3.89
CA ALA A 96 12.75 12.89 3.25
C ALA A 96 11.86 13.72 4.18
N ARG A 97 11.66 14.97 3.79
CA ARG A 97 10.84 15.87 4.58
C ARG A 97 10.40 17.07 3.74
N SER A 98 9.12 17.08 3.41
CA SER A 98 8.57 18.17 2.60
C SER A 98 7.07 18.29 2.87
N SER A 99 6.74 19.22 3.76
CA SER A 99 5.35 19.46 4.11
C SER A 99 5.15 20.93 4.49
N GLY A 100 3.92 21.38 4.30
CA GLY A 100 3.59 22.76 4.61
C GLY A 100 2.29 22.84 5.42
N PRO A 101 2.13 23.98 6.14
CA PRO A 101 0.94 24.19 6.95
C PRO A 101 -0.27 24.54 6.07
N SER A 102 -1.40 24.75 6.73
CA SER A 102 -2.63 25.09 6.03
C SER A 102 -3.64 25.70 7.00
N SER A 103 -4.60 26.41 6.44
CA SER A 103 -5.63 27.05 7.25
C SER A 103 -6.84 27.36 6.38
N GLY A 104 -7.92 27.76 7.04
CA GLY A 104 -9.16 28.10 6.34
C GLY A 104 -10.03 29.01 7.20
N GLY A 1 -11.80 -9.67 -4.95
CA GLY A 1 -11.44 -10.78 -4.09
C GLY A 1 -12.64 -11.27 -3.29
N SER A 2 -12.74 -12.58 -3.14
CA SER A 2 -13.82 -13.19 -2.40
C SER A 2 -13.71 -14.71 -2.44
N SER A 3 -14.50 -15.36 -1.59
CA SER A 3 -14.50 -16.80 -1.51
C SER A 3 -13.13 -17.29 -1.02
N GLY A 4 -13.15 -18.46 -0.40
CA GLY A 4 -11.93 -19.05 0.13
C GLY A 4 -12.16 -20.51 0.54
N SER A 5 -11.06 -21.25 0.64
CA SER A 5 -11.12 -22.65 1.01
C SER A 5 -9.90 -23.02 1.85
N SER A 6 -9.98 -24.18 2.48
CA SER A 6 -8.89 -24.66 3.31
C SER A 6 -8.59 -26.12 2.98
N GLY A 7 -7.41 -26.56 3.41
CA GLY A 7 -6.99 -27.93 3.16
C GLY A 7 -5.94 -27.99 2.06
N ASP A 8 -6.08 -28.99 1.19
CA ASP A 8 -5.14 -29.17 0.09
C ASP A 8 -5.14 -27.92 -0.78
N GLN A 9 -3.95 -27.39 -1.01
CA GLN A 9 -3.80 -26.20 -1.84
C GLN A 9 -2.47 -26.23 -2.59
N GLU A 10 -2.26 -25.22 -3.41
CA GLU A 10 -1.04 -25.13 -4.19
C GLU A 10 -1.10 -23.92 -5.12
N VAL A 11 -0.87 -22.74 -4.54
CA VAL A 11 -0.89 -21.51 -5.31
C VAL A 11 0.43 -20.77 -5.12
N ARG A 12 1.50 -21.55 -5.06
CA ARG A 12 2.83 -20.98 -4.89
C ARG A 12 3.85 -21.76 -5.73
N LEU A 13 4.51 -21.04 -6.62
CA LEU A 13 5.52 -21.64 -7.48
C LEU A 13 6.29 -20.54 -8.20
N GLU A 14 6.99 -19.73 -7.41
CA GLU A 14 7.76 -18.64 -7.96
C GLU A 14 6.86 -17.66 -8.70
N ASN A 15 6.44 -16.64 -7.96
CA ASN A 15 5.57 -15.62 -8.52
C ASN A 15 5.57 -14.40 -7.61
N ARG A 16 5.40 -13.23 -8.24
CA ARG A 16 5.37 -11.98 -7.49
C ARG A 16 4.73 -10.88 -8.32
N ILE A 17 3.72 -10.26 -7.73
CA ILE A 17 3.00 -9.19 -8.42
C ILE A 17 3.48 -7.84 -7.87
N THR A 18 3.40 -6.83 -8.72
CA THR A 18 3.81 -5.50 -8.34
C THR A 18 2.72 -4.47 -8.67
N PHE A 19 2.77 -3.35 -8.00
CA PHE A 19 1.80 -2.29 -8.21
C PHE A 19 2.38 -0.93 -7.82
N GLN A 20 1.71 0.12 -8.30
CA GLN A 20 2.14 1.47 -8.01
C GLN A 20 1.26 2.09 -6.92
N LEU A 21 1.81 3.08 -6.23
CA LEU A 21 1.10 3.76 -5.17
C LEU A 21 1.17 5.27 -5.40
N GLU A 22 0.15 5.96 -4.91
CA GLU A 22 0.08 7.40 -5.06
C GLU A 22 0.22 8.08 -3.69
N LEU A 23 1.45 8.46 -3.39
CA LEU A 23 1.75 9.12 -2.13
C LEU A 23 1.11 10.51 -2.11
N VAL A 24 -0.21 10.51 -1.98
CA VAL A 24 -0.96 11.76 -1.95
C VAL A 24 -0.28 12.73 -0.98
N GLY A 25 0.45 12.16 -0.03
CA GLY A 25 1.14 12.96 0.96
C GLY A 25 2.53 13.38 0.45
N LEU A 26 3.38 12.39 0.28
CA LEU A 26 4.73 12.64 -0.20
C LEU A 26 4.66 13.47 -1.49
N GLU A 27 3.64 13.18 -2.29
CA GLU A 27 3.45 13.88 -3.54
C GLU A 27 4.33 13.26 -4.64
N ARG A 28 4.25 11.94 -4.74
CA ARG A 28 5.02 11.22 -5.74
C ARG A 28 4.50 9.78 -5.86
N VAL A 29 4.79 9.19 -7.02
CA VAL A 29 4.36 7.82 -7.27
C VAL A 29 5.46 6.85 -6.82
N VAL A 30 5.04 5.66 -6.44
CA VAL A 30 5.97 4.64 -6.00
C VAL A 30 5.48 3.27 -6.45
N ARG A 31 6.39 2.31 -6.41
CA ARG A 31 6.07 0.95 -6.82
C ARG A 31 6.34 -0.03 -5.67
N ILE A 32 5.51 -1.05 -5.60
CA ILE A 32 5.64 -2.06 -4.56
C ILE A 32 5.60 -3.45 -5.20
N SER A 33 6.54 -4.29 -4.77
CA SER A 33 6.62 -5.64 -5.29
C SER A 33 6.54 -6.64 -4.14
N ALA A 34 5.65 -7.61 -4.31
CA ALA A 34 5.45 -8.65 -3.30
C ALA A 34 4.53 -9.73 -3.86
N LYS A 35 4.65 -10.92 -3.27
CA LYS A 35 3.84 -12.05 -3.70
C LYS A 35 2.37 -11.63 -3.76
N PRO A 36 1.62 -12.29 -4.67
CA PRO A 36 0.21 -12.00 -4.83
C PRO A 36 -0.61 -12.57 -3.68
N THR A 37 -0.51 -13.88 -3.52
CA THR A 37 -1.23 -14.56 -2.46
C THR A 37 -1.26 -13.71 -1.19
N LYS A 38 -0.07 -13.26 -0.79
CA LYS A 38 0.06 -12.43 0.40
C LYS A 38 -1.04 -11.37 0.40
N ARG A 39 -1.21 -10.74 1.55
CA ARG A 39 -2.23 -9.72 1.70
C ARG A 39 -1.62 -8.34 1.45
N LEU A 40 -2.46 -7.32 1.58
CA LEU A 40 -2.02 -5.95 1.38
C LEU A 40 -1.30 -5.46 2.63
N GLN A 41 -1.64 -6.07 3.75
CA GLN A 41 -1.03 -5.71 5.02
C GLN A 41 0.29 -6.46 5.22
N GLU A 42 0.28 -7.72 4.81
CA GLU A 42 1.46 -8.55 4.92
C GLU A 42 2.50 -8.16 3.87
N ALA A 43 2.01 -7.58 2.79
CA ALA A 43 2.87 -7.15 1.70
C ALA A 43 3.41 -5.76 2.00
N LEU A 44 2.65 -5.02 2.81
CA LEU A 44 3.03 -3.67 3.18
C LEU A 44 3.74 -3.70 4.53
N GLN A 45 3.65 -4.84 5.19
CA GLN A 45 4.28 -5.01 6.49
C GLN A 45 5.78 -4.73 6.39
N PRO A 46 6.42 -5.40 5.39
CA PRO A 46 7.85 -5.23 5.18
C PRO A 46 8.15 -3.89 4.52
N ILE A 47 7.09 -3.16 4.21
CA ILE A 47 7.22 -1.86 3.58
C ILE A 47 7.05 -0.77 4.64
N LEU A 48 5.99 -0.90 5.42
CA LEU A 48 5.71 0.06 6.47
C LEU A 48 6.81 0.00 7.53
N ALA A 49 7.18 -1.22 7.89
CA ALA A 49 8.21 -1.43 8.88
C ALA A 49 9.52 -0.82 8.38
N LYS A 50 9.74 -0.96 7.08
CA LYS A 50 10.94 -0.43 6.47
C LYS A 50 10.76 1.07 6.21
N HIS A 51 9.53 1.52 6.36
CA HIS A 51 9.21 2.93 6.15
C HIS A 51 8.82 3.57 7.48
N GLY A 52 9.00 2.81 8.55
CA GLY A 52 8.67 3.28 9.89
C GLY A 52 7.18 3.65 9.98
N LEU A 53 6.41 3.10 9.05
CA LEU A 53 4.98 3.38 9.02
C LEU A 53 4.24 2.27 9.78
N SER A 54 2.92 2.30 9.66
CA SER A 54 2.10 1.31 10.34
C SER A 54 0.87 0.98 9.48
N LEU A 55 0.24 -0.15 9.78
CA LEU A 55 -0.93 -0.58 9.05
C LEU A 55 -2.14 0.22 9.54
N ASP A 56 -2.11 0.57 10.81
CA ASP A 56 -3.21 1.33 11.40
C ASP A 56 -2.85 2.82 11.39
N GLN A 57 -2.20 3.23 10.32
CA GLN A 57 -1.80 4.62 10.17
C GLN A 57 -2.07 5.10 8.75
N VAL A 58 -1.53 4.37 7.78
CA VAL A 58 -1.71 4.71 6.39
C VAL A 58 -3.04 4.14 5.89
N VAL A 59 -3.73 4.93 5.07
CA VAL A 59 -5.00 4.52 4.53
C VAL A 59 -4.83 4.19 3.05
N LEU A 60 -4.93 2.90 2.74
CA LEU A 60 -4.79 2.44 1.37
C LEU A 60 -6.17 2.37 0.72
N HIS A 61 -6.24 2.91 -0.49
CA HIS A 61 -7.49 2.91 -1.23
C HIS A 61 -7.27 3.51 -2.63
N ARG A 62 -7.91 2.90 -3.60
CA ARG A 62 -7.79 3.35 -4.97
C ARG A 62 -8.25 4.80 -5.10
N PRO A 63 -7.93 5.41 -6.29
CA PRO A 63 -8.31 6.78 -6.54
C PRO A 63 -9.81 6.89 -6.84
N GLY A 64 -10.42 7.94 -6.30
CA GLY A 64 -11.83 8.18 -6.51
C GLY A 64 -12.62 6.87 -6.36
N GLU A 65 -12.67 6.38 -5.13
CA GLU A 65 -13.39 5.15 -4.84
C GLU A 65 -14.67 5.46 -4.06
N LYS A 66 -14.58 5.31 -2.75
CA LYS A 66 -15.72 5.57 -1.89
C LYS A 66 -15.31 5.36 -0.43
N GLN A 67 -14.50 4.33 -0.21
CA GLN A 67 -14.03 4.02 1.12
C GLN A 67 -12.64 3.38 1.05
N PRO A 68 -12.00 3.28 2.25
CA PRO A 68 -10.67 2.70 2.34
C PRO A 68 -10.72 1.17 2.20
N MET A 69 -9.92 0.67 1.27
CA MET A 69 -9.87 -0.76 1.03
C MET A 69 -9.25 -1.50 2.22
N ASP A 70 -9.63 -2.76 2.35
CA ASP A 70 -9.12 -3.59 3.43
C ASP A 70 -7.86 -4.32 2.96
N LEU A 71 -6.78 -4.10 3.69
CA LEU A 71 -5.51 -4.72 3.36
C LEU A 71 -5.69 -6.24 3.34
N GLU A 72 -6.75 -6.69 4.00
CA GLU A 72 -7.05 -8.11 4.06
C GLU A 72 -7.02 -8.72 2.67
N ASN A 73 -7.37 -7.90 1.68
CA ASN A 73 -7.39 -8.35 0.30
C ASN A 73 -5.96 -8.61 -0.17
N PRO A 74 -5.81 -9.62 -1.07
CA PRO A 74 -4.50 -9.97 -1.60
C PRO A 74 -4.03 -8.94 -2.63
N VAL A 75 -2.72 -8.74 -2.65
CA VAL A 75 -2.13 -7.78 -3.57
C VAL A 75 -2.40 -8.24 -5.01
N SER A 76 -2.78 -9.50 -5.14
CA SER A 76 -3.07 -10.08 -6.44
C SER A 76 -4.25 -9.34 -7.08
N SER A 77 -4.94 -8.57 -6.26
CA SER A 77 -6.09 -7.81 -6.73
C SER A 77 -5.66 -6.38 -7.08
N VAL A 78 -4.69 -5.89 -6.33
CA VAL A 78 -4.18 -4.55 -6.54
C VAL A 78 -2.95 -4.61 -7.44
N ALA A 79 -3.02 -5.47 -8.44
CA ALA A 79 -1.93 -5.64 -9.38
C ALA A 79 -2.41 -5.31 -10.78
N SER A 80 -2.65 -4.03 -11.01
CA SER A 80 -3.11 -3.56 -12.31
C SER A 80 -3.20 -2.04 -12.32
N GLN A 81 -4.13 -1.52 -11.52
CA GLN A 81 -4.32 -0.09 -11.43
C GLN A 81 -3.42 0.50 -10.35
N THR A 82 -3.40 1.83 -10.31
CA THR A 82 -2.58 2.53 -9.33
C THR A 82 -3.40 2.86 -8.08
N LEU A 83 -2.83 2.51 -6.93
CA LEU A 83 -3.50 2.76 -5.66
C LEU A 83 -3.21 4.19 -5.21
N VAL A 84 -3.87 4.58 -4.12
CA VAL A 84 -3.70 5.91 -3.58
C VAL A 84 -3.55 5.82 -2.06
N LEU A 85 -2.39 6.26 -1.59
CA LEU A 85 -2.11 6.23 -0.16
C LEU A 85 -2.33 7.63 0.42
N ASP A 86 -2.91 7.65 1.62
CA ASP A 86 -3.18 8.91 2.29
C ASP A 86 -2.55 8.89 3.68
N THR A 87 -1.26 9.17 3.71
CA THR A 87 -0.51 9.18 4.96
C THR A 87 -1.26 10.00 6.01
N PRO A 88 -0.96 9.71 7.30
CA PRO A 88 -1.59 10.41 8.40
C PRO A 88 -1.01 11.82 8.55
N PRO A 89 -1.79 12.69 9.25
CA PRO A 89 -1.36 14.07 9.47
C PRO A 89 -0.27 14.13 10.54
N ASP A 90 0.80 13.40 10.29
CA ASP A 90 1.92 13.37 11.21
C ASP A 90 2.77 12.12 10.94
N ALA A 91 4.06 12.35 10.74
CA ALA A 91 4.98 11.25 10.47
C ALA A 91 6.37 11.63 10.98
N LYS A 92 6.88 12.72 10.42
CA LYS A 92 8.20 13.19 10.81
C LYS A 92 9.23 12.07 10.61
N MET A 93 9.93 12.15 9.49
CA MET A 93 10.94 11.16 9.17
C MET A 93 12.04 11.75 8.30
N SER A 94 13.21 11.13 8.36
CA SER A 94 14.35 11.59 7.59
C SER A 94 14.17 11.20 6.12
N GLU A 95 13.74 12.18 5.34
CA GLU A 95 13.52 11.96 3.92
C GLU A 95 13.44 13.30 3.18
N ALA A 96 14.60 13.92 3.00
CA ALA A 96 14.67 15.19 2.32
C ALA A 96 14.72 14.95 0.81
N ARG A 97 14.12 15.88 0.07
CA ARG A 97 14.08 15.79 -1.38
C ARG A 97 13.53 17.07 -1.98
N SER A 98 14.40 17.81 -2.66
CA SER A 98 14.00 19.05 -3.28
C SER A 98 14.35 19.02 -4.77
N SER A 99 13.73 19.94 -5.52
CA SER A 99 13.97 20.03 -6.95
C SER A 99 14.32 21.45 -7.33
N GLY A 100 15.23 21.58 -8.28
CA GLY A 100 15.66 22.89 -8.75
C GLY A 100 15.19 23.14 -10.19
N PRO A 101 14.05 23.87 -10.30
CA PRO A 101 13.49 24.18 -11.60
C PRO A 101 14.29 25.28 -12.29
N SER A 102 14.00 25.47 -13.57
CA SER A 102 14.69 26.48 -14.35
C SER A 102 13.67 27.28 -15.19
N SER A 103 14.10 28.45 -15.63
CA SER A 103 13.25 29.30 -16.43
C SER A 103 13.02 28.68 -17.80
N GLY A 104 12.10 29.28 -18.55
CA GLY A 104 11.78 28.78 -19.87
C GLY A 104 12.74 29.34 -20.92
N GLY A 1 -14.80 -6.22 -31.36
CA GLY A 1 -14.99 -6.35 -29.92
C GLY A 1 -13.65 -6.49 -29.19
N SER A 2 -13.71 -7.02 -27.99
CA SER A 2 -12.51 -7.21 -27.19
C SER A 2 -12.79 -8.19 -26.04
N SER A 3 -11.72 -8.74 -25.51
CA SER A 3 -11.84 -9.69 -24.41
C SER A 3 -10.45 -10.18 -23.99
N GLY A 4 -10.41 -10.82 -22.84
CA GLY A 4 -9.15 -11.35 -22.31
C GLY A 4 -9.39 -12.22 -21.09
N SER A 5 -8.83 -13.43 -21.13
CA SER A 5 -8.98 -14.36 -20.04
C SER A 5 -7.93 -15.46 -20.15
N SER A 6 -7.04 -15.50 -19.17
CA SER A 6 -5.99 -16.50 -19.14
C SER A 6 -5.27 -16.48 -17.79
N GLY A 7 -4.85 -17.66 -17.37
CA GLY A 7 -4.16 -17.79 -16.10
C GLY A 7 -4.26 -19.21 -15.55
N ASP A 8 -3.17 -19.67 -14.96
CA ASP A 8 -3.13 -21.02 -14.40
C ASP A 8 -2.21 -21.03 -13.19
N GLN A 9 -2.31 -22.10 -12.41
CA GLN A 9 -1.49 -22.24 -11.22
C GLN A 9 -0.66 -23.53 -11.30
N GLU A 10 0.18 -23.72 -10.29
CA GLU A 10 1.03 -24.89 -10.23
C GLU A 10 1.96 -24.82 -9.02
N VAL A 11 1.38 -25.01 -7.86
CA VAL A 11 2.14 -24.97 -6.62
C VAL A 11 3.04 -23.73 -6.62
N ARG A 12 3.91 -23.66 -5.63
CA ARG A 12 4.82 -22.54 -5.50
C ARG A 12 6.07 -22.78 -6.37
N LEU A 13 6.52 -21.72 -7.01
CA LEU A 13 7.69 -21.79 -7.86
C LEU A 13 8.29 -20.39 -8.03
N GLU A 14 7.46 -19.49 -8.52
CA GLU A 14 7.89 -18.12 -8.73
C GLU A 14 6.74 -17.28 -9.29
N ASN A 15 6.24 -16.38 -8.46
CA ASN A 15 5.14 -15.51 -8.84
C ASN A 15 5.09 -14.29 -7.92
N ARG A 16 5.33 -13.14 -8.51
CA ARG A 16 5.32 -11.90 -7.75
C ARG A 16 4.66 -10.78 -8.56
N ILE A 17 3.71 -10.11 -7.92
CA ILE A 17 3.00 -9.03 -8.57
C ILE A 17 3.52 -7.69 -8.04
N THR A 18 3.36 -6.66 -8.85
CA THR A 18 3.81 -5.33 -8.49
C THR A 18 2.74 -4.29 -8.81
N PHE A 19 2.76 -3.20 -8.06
CA PHE A 19 1.80 -2.14 -8.25
C PHE A 19 2.37 -0.79 -7.78
N GLN A 20 1.71 0.28 -8.21
CA GLN A 20 2.14 1.61 -7.84
C GLN A 20 1.26 2.16 -6.72
N LEU A 21 1.78 3.18 -6.04
CA LEU A 21 1.04 3.80 -4.95
C LEU A 21 1.06 5.32 -5.13
N GLU A 22 -0.08 5.92 -4.82
CA GLU A 22 -0.21 7.36 -4.95
C GLU A 22 0.05 8.05 -3.61
N LEU A 23 1.15 8.78 -3.56
CA LEU A 23 1.54 9.49 -2.35
C LEU A 23 0.80 10.83 -2.29
N VAL A 24 -0.50 10.74 -2.08
CA VAL A 24 -1.32 11.93 -2.00
C VAL A 24 -0.57 13.02 -1.23
N GLY A 25 -0.29 12.73 0.03
CA GLY A 25 0.43 13.67 0.87
C GLY A 25 1.69 14.18 0.18
N LEU A 26 2.34 13.28 -0.54
CA LEU A 26 3.56 13.61 -1.26
C LEU A 26 3.22 13.93 -2.72
N GLU A 27 4.20 13.76 -3.58
CA GLU A 27 4.03 14.01 -5.00
C GLU A 27 4.96 13.13 -5.82
N ARG A 28 4.67 11.83 -5.77
CA ARG A 28 5.48 10.86 -6.50
C ARG A 28 4.80 9.48 -6.47
N VAL A 29 4.91 8.79 -7.59
CA VAL A 29 4.31 7.47 -7.70
C VAL A 29 5.35 6.42 -7.29
N VAL A 30 5.04 5.73 -6.20
CA VAL A 30 5.93 4.70 -5.69
C VAL A 30 5.45 3.32 -6.16
N ARG A 31 6.39 2.38 -6.19
CA ARG A 31 6.07 1.03 -6.61
C ARG A 31 6.27 0.05 -5.46
N ILE A 32 5.43 -0.97 -5.44
CA ILE A 32 5.50 -1.98 -4.40
C ILE A 32 5.48 -3.37 -5.05
N SER A 33 6.45 -4.19 -4.66
CA SER A 33 6.56 -5.54 -5.19
C SER A 33 6.47 -6.56 -4.05
N ALA A 34 5.70 -7.60 -4.29
CA ALA A 34 5.52 -8.65 -3.29
C ALA A 34 4.62 -9.75 -3.87
N LYS A 35 4.72 -10.92 -3.26
CA LYS A 35 3.92 -12.05 -3.69
C LYS A 35 2.45 -11.64 -3.78
N PRO A 36 1.73 -12.30 -4.72
CA PRO A 36 0.32 -12.02 -4.92
C PRO A 36 -0.53 -12.61 -3.78
N THR A 37 -0.44 -13.93 -3.65
CA THR A 37 -1.18 -14.62 -2.61
C THR A 37 -1.23 -13.78 -1.32
N LYS A 38 -0.05 -13.31 -0.92
CA LYS A 38 0.05 -12.50 0.28
C LYS A 38 -1.06 -11.46 0.28
N ARG A 39 -1.22 -10.81 1.43
CA ARG A 39 -2.24 -9.78 1.58
C ARG A 39 -1.66 -8.40 1.28
N LEU A 40 -2.49 -7.39 1.46
CA LEU A 40 -2.07 -6.02 1.23
C LEU A 40 -1.34 -5.49 2.47
N GLN A 41 -1.69 -6.06 3.61
CA GLN A 41 -1.07 -5.66 4.87
C GLN A 41 0.22 -6.44 5.09
N GLU A 42 0.20 -7.70 4.70
CA GLU A 42 1.37 -8.55 4.85
C GLU A 42 2.44 -8.17 3.83
N ALA A 43 1.99 -7.57 2.74
CA ALA A 43 2.90 -7.15 1.68
C ALA A 43 3.43 -5.74 2.01
N LEU A 44 2.66 -5.03 2.81
CA LEU A 44 3.03 -3.68 3.20
C LEU A 44 3.77 -3.73 4.54
N GLN A 45 3.58 -4.83 5.25
CA GLN A 45 4.22 -5.02 6.54
C GLN A 45 5.72 -4.76 6.43
N PRO A 46 6.35 -5.42 5.42
CA PRO A 46 7.77 -5.27 5.20
C PRO A 46 8.09 -3.92 4.56
N ILE A 47 7.04 -3.17 4.27
CA ILE A 47 7.19 -1.86 3.66
C ILE A 47 7.05 -0.79 4.74
N LEU A 48 5.98 -0.90 5.51
CA LEU A 48 5.72 0.04 6.58
C LEU A 48 6.87 0.02 7.58
N ALA A 49 7.24 -1.19 7.97
CA ALA A 49 8.32 -1.38 8.92
C ALA A 49 9.63 -0.83 8.32
N LYS A 50 9.72 -0.94 7.01
CA LYS A 50 10.90 -0.46 6.30
C LYS A 50 10.74 1.03 6.00
N HIS A 51 9.58 1.55 6.37
CA HIS A 51 9.28 2.96 6.15
C HIS A 51 8.93 3.63 7.47
N GLY A 52 9.09 2.87 8.55
CA GLY A 52 8.79 3.36 9.87
C GLY A 52 7.30 3.72 10.00
N LEU A 53 6.51 3.09 9.16
CA LEU A 53 5.07 3.33 9.16
C LEU A 53 4.37 2.18 9.88
N SER A 54 3.06 2.10 9.67
CA SER A 54 2.26 1.05 10.29
C SER A 54 1.01 0.80 9.47
N LEU A 55 0.27 -0.22 9.87
CA LEU A 55 -0.96 -0.58 9.18
C LEU A 55 -2.11 0.26 9.73
N ASP A 56 -1.96 0.69 10.97
CA ASP A 56 -2.97 1.50 11.61
C ASP A 56 -2.56 2.97 11.54
N GLN A 57 -1.98 3.33 10.40
CA GLN A 57 -1.54 4.71 10.19
C GLN A 57 -1.86 5.14 8.75
N VAL A 58 -1.35 4.36 7.81
CA VAL A 58 -1.57 4.65 6.40
C VAL A 58 -2.92 4.09 5.97
N VAL A 59 -3.63 4.87 5.18
CA VAL A 59 -4.94 4.47 4.69
C VAL A 59 -4.87 4.23 3.17
N LEU A 60 -4.94 2.96 2.80
CA LEU A 60 -4.89 2.60 1.40
C LEU A 60 -6.30 2.55 0.83
N HIS A 61 -6.46 3.09 -0.37
CA HIS A 61 -7.74 3.11 -1.03
C HIS A 61 -7.57 3.54 -2.48
N ARG A 62 -7.89 2.63 -3.39
CA ARG A 62 -7.77 2.90 -4.80
C ARG A 62 -8.35 4.28 -5.14
N PRO A 63 -7.91 4.82 -6.31
CA PRO A 63 -8.37 6.13 -6.75
C PRO A 63 -9.82 6.05 -7.26
N GLY A 64 -10.73 6.54 -6.44
CA GLY A 64 -12.14 6.53 -6.80
C GLY A 64 -13.01 6.03 -5.63
N GLU A 65 -12.62 4.88 -5.11
CA GLU A 65 -13.35 4.28 -4.01
C GLU A 65 -13.64 5.34 -2.94
N LYS A 66 -14.59 5.01 -2.07
CA LYS A 66 -14.97 5.92 -1.00
C LYS A 66 -14.26 5.50 0.28
N GLN A 67 -14.73 4.41 0.85
CA GLN A 67 -14.15 3.90 2.08
C GLN A 67 -12.75 3.33 1.81
N PRO A 68 -12.00 3.12 2.93
CA PRO A 68 -10.65 2.58 2.82
C PRO A 68 -10.67 1.08 2.51
N MET A 69 -9.95 0.72 1.46
CA MET A 69 -9.89 -0.67 1.06
C MET A 69 -9.52 -1.58 2.23
N ASP A 70 -9.57 -2.88 1.98
CA ASP A 70 -9.24 -3.86 3.01
C ASP A 70 -7.96 -4.57 2.63
N LEU A 71 -6.92 -4.29 3.40
CA LEU A 71 -5.61 -4.90 3.16
C LEU A 71 -5.77 -6.43 3.15
N GLU A 72 -6.81 -6.89 3.84
CA GLU A 72 -7.08 -8.31 3.92
C GLU A 72 -7.05 -8.93 2.52
N ASN A 73 -7.29 -8.10 1.53
CA ASN A 73 -7.31 -8.55 0.15
C ASN A 73 -5.86 -8.79 -0.31
N PRO A 74 -5.71 -9.79 -1.22
CA PRO A 74 -4.40 -10.13 -1.75
C PRO A 74 -3.94 -9.09 -2.77
N VAL A 75 -2.65 -8.77 -2.71
CA VAL A 75 -2.07 -7.80 -3.61
C VAL A 75 -2.36 -8.23 -5.06
N SER A 76 -2.67 -9.50 -5.22
CA SER A 76 -2.95 -10.04 -6.53
C SER A 76 -4.08 -9.26 -7.19
N SER A 77 -5.00 -8.79 -6.35
CA SER A 77 -6.14 -8.02 -6.84
C SER A 77 -5.69 -6.60 -7.16
N VAL A 78 -4.81 -6.07 -6.31
CA VAL A 78 -4.31 -4.72 -6.51
C VAL A 78 -3.01 -4.77 -7.32
N ALA A 79 -3.06 -5.56 -8.39
CA ALA A 79 -1.90 -5.71 -9.26
C ALA A 79 -2.30 -5.38 -10.70
N SER A 80 -2.41 -4.08 -10.97
CA SER A 80 -2.78 -3.62 -12.30
C SER A 80 -2.85 -2.10 -12.32
N GLN A 81 -3.72 -1.56 -11.48
CA GLN A 81 -3.89 -0.12 -11.40
C GLN A 81 -3.05 0.45 -10.25
N THR A 82 -2.96 1.77 -10.23
CA THR A 82 -2.19 2.45 -9.20
C THR A 82 -3.07 2.74 -7.99
N LEU A 83 -2.57 2.37 -6.83
CA LEU A 83 -3.30 2.58 -5.58
C LEU A 83 -2.98 3.98 -5.05
N VAL A 84 -3.72 4.37 -4.02
CA VAL A 84 -3.53 5.66 -3.41
C VAL A 84 -3.30 5.50 -1.91
N LEU A 85 -2.39 6.30 -1.38
CA LEU A 85 -2.06 6.24 0.03
C LEU A 85 -2.29 7.63 0.66
N ASP A 86 -2.85 7.62 1.85
CA ASP A 86 -3.13 8.86 2.56
C ASP A 86 -2.47 8.81 3.94
N THR A 87 -1.19 9.14 3.97
CA THR A 87 -0.44 9.13 5.21
C THR A 87 -1.13 10.02 6.26
N PRO A 88 -0.83 9.71 7.55
CA PRO A 88 -1.42 10.47 8.65
C PRO A 88 -0.76 11.85 8.77
N PRO A 89 -1.49 12.78 9.43
CA PRO A 89 -0.99 14.13 9.63
C PRO A 89 0.08 14.17 10.72
N ASP A 90 1.12 13.36 10.50
CA ASP A 90 2.21 13.29 11.45
C ASP A 90 3.19 12.19 11.02
N ALA A 91 4.27 12.62 10.38
CA ALA A 91 5.28 11.69 9.91
C ALA A 91 6.63 12.40 9.85
N LYS A 92 6.77 13.29 8.88
CA LYS A 92 7.99 14.04 8.72
C LYS A 92 7.73 15.28 7.85
N MET A 93 8.17 16.42 8.35
CA MET A 93 7.98 17.66 7.63
C MET A 93 8.57 17.58 6.22
N SER A 94 9.79 17.07 6.15
CA SER A 94 10.47 16.94 4.87
C SER A 94 10.30 18.21 4.05
N GLU A 95 11.13 19.19 4.36
CA GLU A 95 11.09 20.47 3.66
C GLU A 95 11.17 20.25 2.15
N ALA A 96 10.15 20.75 1.46
CA ALA A 96 10.08 20.62 0.01
C ALA A 96 10.68 21.86 -0.64
N ARG A 97 11.02 21.73 -1.91
CA ARG A 97 11.61 22.82 -2.65
C ARG A 97 11.41 22.60 -4.16
N SER A 98 11.15 23.70 -4.86
CA SER A 98 10.95 23.64 -6.29
C SER A 98 9.84 22.64 -6.62
N SER A 99 8.61 23.15 -6.57
CA SER A 99 7.45 22.31 -6.87
C SER A 99 6.19 23.19 -6.95
N GLY A 100 5.08 22.52 -7.20
CA GLY A 100 3.80 23.22 -7.30
C GLY A 100 2.87 22.84 -6.16
N PRO A 101 2.77 23.74 -5.16
CA PRO A 101 1.93 23.51 -4.00
C PRO A 101 0.45 23.71 -4.37
N SER A 102 -0.42 23.15 -3.53
CA SER A 102 -1.85 23.27 -3.74
C SER A 102 -2.17 23.02 -5.21
N SER A 103 -2.24 21.75 -5.57
CA SER A 103 -2.55 21.36 -6.93
C SER A 103 -3.67 20.33 -6.95
N GLY A 104 -4.88 20.82 -7.18
CA GLY A 104 -6.04 19.95 -7.21
C GLY A 104 -6.63 19.89 -8.63
N GLY A 1 -10.49 -15.42 16.55
CA GLY A 1 -10.01 -16.20 15.41
C GLY A 1 -8.74 -16.98 15.78
N SER A 2 -7.97 -17.29 14.76
CA SER A 2 -6.73 -18.04 14.96
C SER A 2 -5.80 -17.84 13.76
N SER A 3 -4.57 -18.28 13.93
CA SER A 3 -3.58 -18.17 12.87
C SER A 3 -2.52 -19.27 13.01
N GLY A 4 -1.82 -19.51 11.91
CA GLY A 4 -0.79 -20.54 11.91
C GLY A 4 -0.65 -21.17 10.52
N SER A 5 0.43 -21.91 10.34
CA SER A 5 0.69 -22.57 9.07
C SER A 5 0.83 -21.52 7.96
N SER A 6 1.49 -21.93 6.88
CA SER A 6 1.70 -21.04 5.76
C SER A 6 2.48 -21.78 4.66
N GLY A 7 2.40 -21.23 3.46
CA GLY A 7 3.07 -21.81 2.32
C GLY A 7 2.79 -21.02 1.04
N ASP A 8 3.38 -21.49 -0.05
CA ASP A 8 3.20 -20.85 -1.34
C ASP A 8 2.02 -21.48 -2.07
N GLN A 9 1.49 -20.74 -3.03
CA GLN A 9 0.35 -21.22 -3.80
C GLN A 9 0.65 -21.14 -5.30
N GLU A 10 -0.24 -21.71 -6.09
CA GLU A 10 -0.08 -21.71 -7.53
C GLU A 10 -1.20 -22.51 -8.19
N VAL A 11 -1.91 -21.84 -9.09
CA VAL A 11 -3.01 -22.47 -9.81
C VAL A 11 -3.01 -22.00 -11.26
N ARG A 12 -3.06 -20.69 -11.42
CA ARG A 12 -3.06 -20.10 -12.76
C ARG A 12 -2.11 -18.91 -12.81
N LEU A 13 -0.86 -19.21 -13.11
CA LEU A 13 0.16 -18.17 -13.20
C LEU A 13 0.16 -17.35 -11.91
N GLU A 14 0.98 -17.79 -10.97
CA GLU A 14 1.09 -17.11 -9.69
C GLU A 14 2.54 -16.73 -9.41
N ASN A 15 2.88 -15.51 -9.78
CA ASN A 15 4.23 -15.02 -9.57
C ASN A 15 4.17 -13.64 -8.90
N ARG A 16 5.24 -13.31 -8.20
CA ARG A 16 5.32 -12.03 -7.51
C ARG A 16 4.70 -10.92 -8.36
N ILE A 17 3.74 -10.23 -7.77
CA ILE A 17 3.06 -9.15 -8.46
C ILE A 17 3.59 -7.80 -7.96
N THR A 18 3.36 -6.79 -8.76
CA THR A 18 3.82 -5.45 -8.42
C THR A 18 2.73 -4.42 -8.71
N PHE A 19 2.78 -3.31 -7.97
CA PHE A 19 1.81 -2.25 -8.14
C PHE A 19 2.40 -0.90 -7.72
N GLN A 20 1.72 0.16 -8.15
CA GLN A 20 2.16 1.51 -7.83
C GLN A 20 1.33 2.07 -6.69
N LEU A 21 1.85 3.14 -6.08
CA LEU A 21 1.16 3.77 -4.97
C LEU A 21 1.20 5.30 -5.17
N GLU A 22 0.14 5.94 -4.73
CA GLU A 22 0.04 7.38 -4.86
C GLU A 22 0.30 8.06 -3.51
N LEU A 23 1.42 8.75 -3.44
CA LEU A 23 1.81 9.45 -2.22
C LEU A 23 1.11 10.81 -2.17
N VAL A 24 -0.19 10.76 -1.89
CA VAL A 24 -0.98 11.97 -1.82
C VAL A 24 -0.25 13.00 -0.94
N GLY A 25 -0.13 14.20 -1.46
CA GLY A 25 0.54 15.27 -0.74
C GLY A 25 2.04 15.27 -1.03
N LEU A 26 2.36 15.28 -2.31
CA LEU A 26 3.76 15.28 -2.73
C LEU A 26 3.82 15.08 -4.24
N GLU A 27 2.88 14.29 -4.75
CA GLU A 27 2.83 14.02 -6.17
C GLU A 27 3.99 13.11 -6.59
N ARG A 28 3.96 11.90 -6.06
CA ARG A 28 5.01 10.93 -6.35
C ARG A 28 4.42 9.52 -6.42
N VAL A 29 4.72 8.84 -7.52
CA VAL A 29 4.23 7.48 -7.71
C VAL A 29 5.33 6.49 -7.36
N VAL A 30 5.04 5.65 -6.38
CA VAL A 30 6.00 4.64 -5.93
C VAL A 30 5.52 3.26 -6.38
N ARG A 31 6.46 2.33 -6.41
CA ARG A 31 6.15 0.97 -6.81
C ARG A 31 6.41 0.00 -5.65
N ILE A 32 5.54 -1.00 -5.55
CA ILE A 32 5.67 -1.99 -4.50
C ILE A 32 5.63 -3.39 -5.11
N SER A 33 6.57 -4.22 -4.68
CA SER A 33 6.65 -5.58 -5.18
C SER A 33 6.55 -6.57 -4.02
N ALA A 34 5.75 -7.61 -4.24
CA ALA A 34 5.55 -8.63 -3.22
C ALA A 34 4.67 -9.75 -3.79
N LYS A 35 4.71 -10.89 -3.14
CA LYS A 35 3.92 -12.03 -3.56
C LYS A 35 2.45 -11.62 -3.66
N PRO A 36 1.72 -12.33 -4.57
CA PRO A 36 0.30 -12.04 -4.75
C PRO A 36 -0.53 -12.59 -3.61
N THR A 37 -0.38 -13.88 -3.36
CA THR A 37 -1.11 -14.54 -2.30
C THR A 37 -1.20 -13.63 -1.07
N LYS A 38 -0.03 -13.23 -0.59
CA LYS A 38 0.05 -12.36 0.57
C LYS A 38 -1.05 -11.29 0.47
N ARG A 39 -1.36 -10.70 1.61
CA ARG A 39 -2.38 -9.66 1.66
C ARG A 39 -1.74 -8.28 1.44
N LEU A 40 -2.57 -7.26 1.56
CA LEU A 40 -2.11 -5.89 1.39
C LEU A 40 -1.37 -5.43 2.65
N GLN A 41 -1.67 -6.12 3.75
CA GLN A 41 -1.05 -5.80 5.02
C GLN A 41 0.27 -6.55 5.18
N GLU A 42 0.25 -7.80 4.74
CA GLU A 42 1.44 -8.64 4.82
C GLU A 42 2.46 -8.21 3.77
N ALA A 43 1.96 -7.59 2.72
CA ALA A 43 2.82 -7.12 1.64
C ALA A 43 3.31 -5.71 1.96
N LEU A 44 2.49 -4.99 2.72
CA LEU A 44 2.83 -3.63 3.10
C LEU A 44 3.52 -3.64 4.47
N GLN A 45 3.51 -4.81 5.09
CA GLN A 45 4.13 -4.97 6.39
C GLN A 45 5.63 -4.70 6.31
N PRO A 46 6.28 -5.36 5.30
CA PRO A 46 7.71 -5.19 5.10
C PRO A 46 8.02 -3.84 4.46
N ILE A 47 6.95 -3.12 4.12
CA ILE A 47 7.10 -1.82 3.51
C ILE A 47 6.87 -0.73 4.55
N LEU A 48 5.71 -0.79 5.18
CA LEU A 48 5.35 0.17 6.21
C LEU A 48 6.39 0.13 7.32
N ALA A 49 6.77 -1.09 7.70
CA ALA A 49 7.75 -1.29 8.76
C ALA A 49 9.08 -0.69 8.31
N LYS A 50 9.39 -0.90 7.04
CA LYS A 50 10.64 -0.40 6.48
C LYS A 50 10.48 1.09 6.16
N HIS A 51 9.27 1.58 6.36
CA HIS A 51 8.97 2.97 6.09
C HIS A 51 8.59 3.68 7.40
N GLY A 52 8.81 2.98 8.49
CA GLY A 52 8.50 3.51 9.81
C GLY A 52 7.00 3.81 9.93
N LEU A 53 6.24 3.28 8.98
CA LEU A 53 4.81 3.48 8.98
C LEU A 53 4.14 2.36 9.75
N SER A 54 2.84 2.22 9.55
CA SER A 54 2.07 1.19 10.22
C SER A 54 0.79 0.89 9.43
N LEU A 55 0.22 -0.27 9.72
CA LEU A 55 -1.01 -0.68 9.06
C LEU A 55 -2.20 0.09 9.65
N ASP A 56 -2.08 0.36 10.95
CA ASP A 56 -3.14 1.08 11.65
C ASP A 56 -2.76 2.56 11.72
N GLN A 57 -2.13 3.04 10.67
CA GLN A 57 -1.73 4.43 10.61
C GLN A 57 -2.08 5.02 9.24
N VAL A 58 -1.58 4.36 8.20
CA VAL A 58 -1.84 4.81 6.84
C VAL A 58 -3.21 4.32 6.39
N VAL A 59 -3.61 4.78 5.21
CA VAL A 59 -4.90 4.41 4.66
C VAL A 59 -4.75 4.10 3.17
N LEU A 60 -5.34 2.99 2.77
CA LEU A 60 -5.27 2.56 1.38
C LEU A 60 -6.65 2.69 0.75
N HIS A 61 -6.67 3.13 -0.51
CA HIS A 61 -7.91 3.30 -1.23
C HIS A 61 -7.61 3.71 -2.67
N ARG A 62 -7.96 2.83 -3.59
CA ARG A 62 -7.74 3.09 -5.01
C ARG A 62 -8.24 4.49 -5.38
N PRO A 63 -7.67 5.03 -6.49
CA PRO A 63 -8.05 6.35 -6.95
C PRO A 63 -9.42 6.32 -7.62
N GLY A 64 -10.44 6.54 -6.80
CA GLY A 64 -11.81 6.54 -7.30
C GLY A 64 -12.79 6.05 -6.22
N GLU A 65 -12.42 4.94 -5.62
CA GLU A 65 -13.25 4.34 -4.57
C GLU A 65 -13.59 5.39 -3.51
N LYS A 66 -14.56 5.05 -2.68
CA LYS A 66 -15.00 5.95 -1.62
C LYS A 66 -14.94 5.21 -0.28
N GLN A 67 -13.74 4.76 0.06
CA GLN A 67 -13.54 4.04 1.30
C GLN A 67 -12.12 3.47 1.36
N PRO A 68 -11.66 3.19 2.61
CA PRO A 68 -10.33 2.64 2.81
C PRO A 68 -10.29 1.16 2.43
N MET A 69 -9.67 0.88 1.29
CA MET A 69 -9.55 -0.48 0.81
C MET A 69 -8.83 -1.37 1.84
N ASP A 70 -9.63 -2.05 2.65
CA ASP A 70 -9.09 -2.93 3.67
C ASP A 70 -7.88 -3.68 3.10
N LEU A 71 -6.95 -4.02 3.98
CA LEU A 71 -5.75 -4.73 3.59
C LEU A 71 -5.98 -6.23 3.76
N GLU A 72 -7.21 -6.65 3.48
CA GLU A 72 -7.57 -8.06 3.60
C GLU A 72 -7.41 -8.76 2.25
N ASN A 73 -7.64 -8.00 1.19
CA ASN A 73 -7.52 -8.54 -0.16
C ASN A 73 -6.05 -8.73 -0.51
N PRO A 74 -5.79 -9.77 -1.36
CA PRO A 74 -4.42 -10.07 -1.77
C PRO A 74 -3.93 -9.04 -2.80
N VAL A 75 -2.66 -8.69 -2.67
CA VAL A 75 -2.05 -7.73 -3.57
C VAL A 75 -2.32 -8.15 -5.02
N SER A 76 -2.59 -9.44 -5.19
CA SER A 76 -2.87 -9.98 -6.51
C SER A 76 -3.98 -9.17 -7.18
N SER A 77 -4.89 -8.67 -6.36
CA SER A 77 -6.00 -7.87 -6.86
C SER A 77 -5.53 -6.45 -7.15
N VAL A 78 -4.68 -5.95 -6.26
CA VAL A 78 -4.15 -4.60 -6.40
C VAL A 78 -2.87 -4.65 -7.23
N ALA A 79 -2.91 -5.44 -8.29
CA ALA A 79 -1.76 -5.58 -9.16
C ALA A 79 -2.19 -5.31 -10.61
N SER A 80 -2.76 -4.14 -10.82
CA SER A 80 -3.22 -3.74 -12.14
C SER A 80 -3.14 -2.23 -12.30
N GLN A 81 -3.84 -1.54 -11.41
CA GLN A 81 -3.86 -0.09 -11.43
C GLN A 81 -2.99 0.48 -10.30
N THR A 82 -3.04 1.80 -10.16
CA THR A 82 -2.26 2.46 -9.14
C THR A 82 -3.12 2.71 -7.89
N LEU A 83 -2.51 2.51 -6.74
CA LEU A 83 -3.19 2.71 -5.48
C LEU A 83 -2.86 4.09 -4.93
N VAL A 84 -3.61 4.48 -3.90
CA VAL A 84 -3.40 5.78 -3.27
C VAL A 84 -3.20 5.58 -1.77
N LEU A 85 -2.21 6.29 -1.24
CA LEU A 85 -1.90 6.20 0.18
C LEU A 85 -2.17 7.56 0.83
N ASP A 86 -2.77 7.50 2.00
CA ASP A 86 -3.08 8.71 2.74
C ASP A 86 -2.43 8.65 4.13
N THR A 87 -1.21 9.17 4.19
CA THR A 87 -0.47 9.18 5.44
C THR A 87 -1.25 9.91 6.53
N PRO A 88 -0.93 9.58 7.80
CA PRO A 88 -1.60 10.19 8.94
C PRO A 88 -1.10 11.63 9.14
N PRO A 89 -1.92 12.41 9.90
CA PRO A 89 -1.58 13.79 10.18
C PRO A 89 -0.48 13.88 11.24
N ASP A 90 0.64 13.23 10.93
CA ASP A 90 1.78 13.23 11.84
C ASP A 90 2.86 12.31 11.29
N ALA A 91 2.44 11.12 10.88
CA ALA A 91 3.36 10.14 10.33
C ALA A 91 4.28 9.63 11.45
N LYS A 92 5.10 10.54 11.96
CA LYS A 92 6.02 10.19 13.02
C LYS A 92 6.25 11.41 13.92
N MET A 93 6.78 12.46 13.31
CA MET A 93 7.05 13.69 14.04
C MET A 93 5.94 13.99 15.04
N SER A 94 6.36 14.35 16.24
CA SER A 94 5.40 14.67 17.30
C SER A 94 4.36 15.65 16.78
N GLU A 95 3.41 15.97 17.66
CA GLU A 95 2.35 16.90 17.31
C GLU A 95 2.92 18.08 16.52
N ALA A 96 2.03 18.77 15.82
CA ALA A 96 2.43 19.92 15.03
C ALA A 96 3.43 19.47 13.97
N ARG A 97 3.96 20.45 13.25
CA ARG A 97 4.94 20.18 12.21
C ARG A 97 4.26 19.54 11.00
N SER A 98 4.74 19.91 9.82
CA SER A 98 4.20 19.39 8.58
C SER A 98 2.80 19.95 8.36
N SER A 99 1.86 19.50 9.17
CA SER A 99 0.49 19.95 9.08
C SER A 99 -0.18 19.32 7.86
N GLY A 100 -1.37 19.82 7.54
CA GLY A 100 -2.12 19.32 6.41
C GLY A 100 -2.66 17.91 6.67
N PRO A 101 -3.82 17.86 7.38
CA PRO A 101 -4.44 16.59 7.71
C PRO A 101 -5.13 15.98 6.48
N SER A 102 -5.91 16.81 5.82
CA SER A 102 -6.63 16.36 4.63
C SER A 102 -7.19 17.57 3.88
N SER A 103 -7.73 17.29 2.70
CA SER A 103 -8.30 18.34 1.88
C SER A 103 -9.55 18.92 2.55
N GLY A 104 -9.66 20.23 2.48
CA GLY A 104 -10.79 20.92 3.07
C GLY A 104 -10.40 21.61 4.38
N GLY A 1 -20.85 -20.28 17.26
CA GLY A 1 -20.04 -20.11 16.07
C GLY A 1 -18.55 -20.15 16.41
N SER A 2 -17.74 -19.80 15.41
CA SER A 2 -16.31 -19.79 15.59
C SER A 2 -15.66 -18.85 14.57
N SER A 3 -15.90 -19.14 13.30
CA SER A 3 -15.36 -18.33 12.23
C SER A 3 -13.83 -18.26 12.35
N GLY A 4 -13.21 -17.77 11.29
CA GLY A 4 -11.76 -17.65 11.26
C GLY A 4 -11.16 -18.40 10.06
N SER A 5 -9.98 -17.97 9.66
CA SER A 5 -9.30 -18.58 8.54
C SER A 5 -7.94 -17.91 8.31
N SER A 6 -7.12 -18.58 7.51
CA SER A 6 -5.79 -18.06 7.22
C SER A 6 -5.11 -18.95 6.18
N GLY A 7 -3.98 -18.47 5.69
CA GLY A 7 -3.22 -19.21 4.69
C GLY A 7 -1.75 -18.77 4.69
N ASP A 8 -0.87 -19.76 4.61
CA ASP A 8 0.55 -19.51 4.60
C ASP A 8 1.30 -20.80 4.25
N GLN A 9 2.10 -20.70 3.20
CA GLN A 9 2.87 -21.86 2.75
C GLN A 9 3.74 -21.47 1.55
N GLU A 10 4.69 -22.34 1.24
CA GLU A 10 5.59 -22.11 0.12
C GLU A 10 5.69 -23.35 -0.76
N VAL A 11 5.86 -23.12 -2.05
CA VAL A 11 5.96 -24.21 -3.00
C VAL A 11 7.01 -23.87 -4.05
N ARG A 12 7.37 -24.87 -4.85
CA ARG A 12 8.35 -24.69 -5.89
C ARG A 12 8.13 -23.35 -6.60
N LEU A 13 9.15 -22.51 -6.56
CA LEU A 13 9.07 -21.21 -7.19
C LEU A 13 7.91 -20.41 -6.58
N GLU A 14 7.88 -19.13 -6.92
CA GLU A 14 6.83 -18.25 -6.42
C GLU A 14 6.84 -16.93 -7.19
N ASN A 15 5.73 -16.69 -7.89
CA ASN A 15 5.59 -15.48 -8.67
C ASN A 15 5.43 -14.28 -7.73
N ARG A 16 5.65 -13.10 -8.28
CA ARG A 16 5.54 -11.87 -7.51
C ARG A 16 4.91 -10.77 -8.35
N ILE A 17 3.85 -10.18 -7.79
CA ILE A 17 3.15 -9.11 -8.48
C ILE A 17 3.63 -7.76 -7.94
N THR A 18 3.49 -6.74 -8.77
CA THR A 18 3.90 -5.39 -8.39
C THR A 18 2.78 -4.40 -8.66
N PHE A 19 2.81 -3.30 -7.92
CA PHE A 19 1.81 -2.26 -8.07
C PHE A 19 2.36 -0.89 -7.66
N GLN A 20 1.68 0.14 -8.13
CA GLN A 20 2.10 1.50 -7.82
C GLN A 20 1.24 2.09 -6.71
N LEU A 21 1.78 3.11 -6.05
CA LEU A 21 1.07 3.76 -4.96
C LEU A 21 1.11 5.27 -5.18
N GLU A 22 0.04 5.92 -4.74
CA GLU A 22 -0.06 7.37 -4.87
C GLU A 22 0.16 8.04 -3.52
N LEU A 23 1.40 8.49 -3.32
CA LEU A 23 1.76 9.16 -2.07
C LEU A 23 1.08 10.54 -2.03
N VAL A 24 -0.24 10.50 -1.88
CA VAL A 24 -1.00 11.74 -1.81
C VAL A 24 -0.23 12.78 -0.98
N GLY A 25 0.44 12.28 0.04
CA GLY A 25 1.21 13.15 0.92
C GLY A 25 2.19 13.99 0.12
N LEU A 26 2.89 13.33 -0.80
CA LEU A 26 3.86 14.01 -1.64
C LEU A 26 3.67 13.57 -3.10
N GLU A 27 3.59 14.56 -3.98
CA GLU A 27 3.41 14.28 -5.38
C GLU A 27 4.51 13.36 -5.90
N ARG A 28 4.18 12.08 -6.00
CA ARG A 28 5.13 11.09 -6.47
C ARG A 28 4.48 9.70 -6.50
N VAL A 29 4.85 8.93 -7.51
CA VAL A 29 4.32 7.60 -7.67
C VAL A 29 5.41 6.58 -7.31
N VAL A 30 5.05 5.68 -6.40
CA VAL A 30 5.98 4.65 -5.97
C VAL A 30 5.49 3.28 -6.46
N ARG A 31 6.40 2.32 -6.41
CA ARG A 31 6.08 0.97 -6.85
C ARG A 31 6.43 -0.04 -5.76
N ILE A 32 5.55 -1.03 -5.60
CA ILE A 32 5.76 -2.06 -4.60
C ILE A 32 5.71 -3.42 -5.27
N SER A 33 6.63 -4.28 -4.86
CA SER A 33 6.70 -5.63 -5.41
C SER A 33 6.65 -6.66 -4.28
N ALA A 34 5.69 -7.57 -4.40
CA ALA A 34 5.52 -8.61 -3.41
C ALA A 34 4.65 -9.72 -3.98
N LYS A 35 4.71 -10.87 -3.33
CA LYS A 35 3.93 -12.03 -3.77
C LYS A 35 2.45 -11.64 -3.82
N PRO A 36 1.71 -12.30 -4.75
CA PRO A 36 0.29 -12.04 -4.91
C PRO A 36 -0.52 -12.67 -3.77
N THR A 37 -0.36 -13.97 -3.62
CA THR A 37 -1.06 -14.70 -2.59
C THR A 37 -1.13 -13.86 -1.30
N LYS A 38 0.02 -13.38 -0.89
CA LYS A 38 0.11 -12.56 0.31
C LYS A 38 -1.02 -11.53 0.30
N ARG A 39 -1.19 -10.87 1.44
CA ARG A 39 -2.22 -9.86 1.57
C ARG A 39 -1.63 -8.47 1.30
N LEU A 40 -2.49 -7.46 1.45
CA LEU A 40 -2.08 -6.09 1.23
C LEU A 40 -1.36 -5.56 2.47
N GLN A 41 -1.75 -6.13 3.61
CA GLN A 41 -1.16 -5.73 4.88
C GLN A 41 0.15 -6.47 5.11
N GLU A 42 0.16 -7.73 4.71
CA GLU A 42 1.34 -8.57 4.87
C GLU A 42 2.41 -8.17 3.86
N ALA A 43 1.96 -7.58 2.75
CA ALA A 43 2.86 -7.14 1.71
C ALA A 43 3.37 -5.73 2.03
N LEU A 44 2.58 -5.02 2.82
CA LEU A 44 2.93 -3.66 3.21
C LEU A 44 3.64 -3.69 4.56
N GLN A 45 3.52 -4.83 5.23
CA GLN A 45 4.14 -5.00 6.54
C GLN A 45 5.65 -4.72 6.45
N PRO A 46 6.30 -5.38 5.46
CA PRO A 46 7.72 -5.22 5.26
C PRO A 46 8.03 -3.87 4.60
N ILE A 47 6.97 -3.15 4.28
CA ILE A 47 7.10 -1.85 3.66
C ILE A 47 6.92 -0.75 4.72
N LEU A 48 5.88 -0.91 5.51
CA LEU A 48 5.60 0.04 6.57
C LEU A 48 6.72 0.01 7.61
N ALA A 49 7.07 -1.21 8.00
CA ALA A 49 8.13 -1.39 8.98
C ALA A 49 9.43 -0.80 8.45
N LYS A 50 9.61 -0.93 7.15
CA LYS A 50 10.80 -0.42 6.50
C LYS A 50 10.65 1.09 6.26
N HIS A 51 9.40 1.55 6.35
CA HIS A 51 9.10 2.94 6.16
C HIS A 51 8.73 3.59 7.49
N GLY A 52 8.91 2.82 8.56
CA GLY A 52 8.60 3.29 9.89
C GLY A 52 7.11 3.60 10.03
N LEU A 53 6.35 3.17 9.04
CA LEU A 53 4.92 3.39 9.04
C LEU A 53 4.22 2.24 9.78
N SER A 54 2.91 2.20 9.65
CA SER A 54 2.12 1.17 10.31
C SER A 54 0.83 0.92 9.52
N LEU A 55 0.18 -0.18 9.87
CA LEU A 55 -1.06 -0.54 9.21
C LEU A 55 -2.21 0.27 9.81
N ASP A 56 -2.04 0.62 11.07
CA ASP A 56 -3.05 1.41 11.77
C ASP A 56 -2.61 2.88 11.81
N GLN A 57 -1.89 3.27 10.78
CA GLN A 57 -1.42 4.64 10.68
C GLN A 57 -1.71 5.21 9.30
N VAL A 58 -1.38 4.42 8.28
CA VAL A 58 -1.60 4.83 6.91
C VAL A 58 -2.95 4.28 6.43
N VAL A 59 -3.57 5.03 5.53
CA VAL A 59 -4.86 4.62 4.99
C VAL A 59 -4.73 4.42 3.48
N LEU A 60 -5.22 3.27 3.02
CA LEU A 60 -5.17 2.95 1.61
C LEU A 60 -6.56 3.09 1.00
N HIS A 61 -6.58 3.49 -0.26
CA HIS A 61 -7.84 3.68 -0.97
C HIS A 61 -7.56 4.03 -2.43
N ARG A 62 -7.99 3.14 -3.31
CA ARG A 62 -7.79 3.36 -4.74
C ARG A 62 -8.17 4.78 -5.12
N PRO A 63 -7.66 5.21 -6.31
CA PRO A 63 -7.95 6.55 -6.80
C PRO A 63 -9.38 6.65 -7.33
N GLY A 64 -10.24 7.22 -6.51
CA GLY A 64 -11.64 7.39 -6.90
C GLY A 64 -12.57 6.91 -5.78
N GLU A 65 -12.25 5.73 -5.25
CA GLU A 65 -13.04 5.15 -4.19
C GLU A 65 -13.17 6.14 -3.02
N LYS A 66 -14.13 5.85 -2.15
CA LYS A 66 -14.36 6.70 -0.99
C LYS A 66 -13.78 6.03 0.25
N GLN A 67 -14.42 4.95 0.67
CA GLN A 67 -13.98 4.21 1.84
C GLN A 67 -12.60 3.61 1.59
N PRO A 68 -11.90 3.28 2.72
CA PRO A 68 -10.57 2.71 2.64
C PRO A 68 -10.64 1.24 2.20
N MET A 69 -9.70 0.87 1.34
CA MET A 69 -9.64 -0.49 0.84
C MET A 69 -9.33 -1.48 1.96
N ASP A 70 -9.41 -2.75 1.64
CA ASP A 70 -9.13 -3.80 2.60
C ASP A 70 -7.79 -4.44 2.29
N LEU A 71 -6.90 -4.41 3.28
CA LEU A 71 -5.58 -4.98 3.12
C LEU A 71 -5.68 -6.51 3.14
N GLU A 72 -6.70 -6.99 3.84
CA GLU A 72 -6.92 -8.42 3.95
C GLU A 72 -6.94 -9.06 2.56
N ASN A 73 -7.19 -8.23 1.57
CA ASN A 73 -7.23 -8.70 0.19
C ASN A 73 -5.81 -8.94 -0.31
N PRO A 74 -5.69 -9.93 -1.24
CA PRO A 74 -4.38 -10.27 -1.80
C PRO A 74 -3.94 -9.21 -2.81
N VAL A 75 -2.66 -8.87 -2.74
CA VAL A 75 -2.09 -7.88 -3.65
C VAL A 75 -2.35 -8.31 -5.09
N SER A 76 -2.61 -9.60 -5.25
CA SER A 76 -2.87 -10.15 -6.57
C SER A 76 -4.01 -9.38 -7.24
N SER A 77 -4.87 -8.81 -6.42
CA SER A 77 -6.00 -8.05 -6.92
C SER A 77 -5.55 -6.62 -7.26
N VAL A 78 -4.68 -6.08 -6.42
CA VAL A 78 -4.17 -4.74 -6.62
C VAL A 78 -2.87 -4.81 -7.42
N ALA A 79 -2.90 -5.61 -8.48
CA ALA A 79 -1.74 -5.77 -9.33
C ALA A 79 -2.10 -5.40 -10.77
N SER A 80 -2.26 -4.09 -10.98
CA SER A 80 -2.61 -3.59 -12.29
C SER A 80 -2.84 -2.08 -12.23
N GLN A 81 -3.82 -1.70 -11.41
CA GLN A 81 -4.14 -0.29 -11.26
C GLN A 81 -3.28 0.34 -10.16
N THR A 82 -3.27 1.67 -10.14
CA THR A 82 -2.49 2.39 -9.16
C THR A 82 -3.35 2.73 -7.94
N LEU A 83 -2.76 2.51 -6.77
CA LEU A 83 -3.46 2.78 -5.52
C LEU A 83 -3.05 4.15 -5.00
N VAL A 84 -3.82 4.64 -4.04
CA VAL A 84 -3.56 5.94 -3.45
C VAL A 84 -3.43 5.79 -1.94
N LEU A 85 -2.28 6.22 -1.42
CA LEU A 85 -2.03 6.15 0.00
C LEU A 85 -2.18 7.54 0.62
N ASP A 86 -2.83 7.57 1.78
CA ASP A 86 -3.05 8.82 2.48
C ASP A 86 -2.42 8.74 3.87
N THR A 87 -1.20 9.24 3.97
CA THR A 87 -0.49 9.23 5.22
C THR A 87 -1.29 9.99 6.30
N PRO A 88 -0.96 9.67 7.58
CA PRO A 88 -1.62 10.31 8.70
C PRO A 88 -1.13 11.75 8.89
N PRO A 89 -1.81 12.48 9.81
CA PRO A 89 -1.46 13.85 10.10
C PRO A 89 -0.17 13.93 10.93
N ASP A 90 0.87 13.30 10.41
CA ASP A 90 2.16 13.29 11.10
C ASP A 90 3.21 12.68 10.18
N ALA A 91 4.38 12.42 10.76
CA ALA A 91 5.48 11.84 10.00
C ALA A 91 5.76 12.69 8.77
N LYS A 92 6.75 13.56 8.90
CA LYS A 92 7.12 14.43 7.80
C LYS A 92 8.19 13.75 6.95
N MET A 93 7.95 13.72 5.65
CA MET A 93 8.88 13.10 4.72
C MET A 93 9.69 14.15 3.97
N SER A 94 10.66 13.68 3.21
CA SER A 94 11.50 14.57 2.43
C SER A 94 10.66 15.70 1.83
N GLU A 95 10.72 16.85 2.47
CA GLU A 95 9.98 18.01 2.02
C GLU A 95 10.41 19.26 2.78
N ALA A 96 9.91 20.40 2.33
CA ALA A 96 10.23 21.66 2.96
C ALA A 96 9.53 21.75 4.32
N ARG A 97 9.79 22.84 5.02
CA ARG A 97 9.20 23.06 6.33
C ARG A 97 9.06 24.55 6.61
N SER A 98 7.93 24.91 7.19
CA SER A 98 7.66 26.30 7.52
C SER A 98 6.30 26.43 8.21
N SER A 99 6.14 27.52 8.95
CA SER A 99 4.90 27.76 9.65
C SER A 99 3.71 27.54 8.71
N GLY A 100 2.92 26.53 9.04
CA GLY A 100 1.75 26.19 8.24
C GLY A 100 0.49 26.19 9.10
N PRO A 101 -0.68 26.37 8.41
CA PRO A 101 -1.95 26.38 9.09
C PRO A 101 -2.38 24.97 9.50
N SER A 102 -3.55 24.90 10.11
CA SER A 102 -4.08 23.62 10.56
C SER A 102 -5.61 23.68 10.62
N SER A 103 -6.21 22.50 10.76
CA SER A 103 -7.65 22.41 10.84
C SER A 103 -8.08 21.99 12.24
N GLY A 104 -9.31 22.31 12.58
CA GLY A 104 -9.85 21.98 13.89
C GLY A 104 -10.77 23.09 14.41
N GLY A 1 -4.87 -7.93 -20.63
CA GLY A 1 -4.34 -8.05 -19.29
C GLY A 1 -5.41 -8.55 -18.31
N SER A 2 -4.95 -8.89 -17.12
CA SER A 2 -5.85 -9.38 -16.09
C SER A 2 -6.51 -10.68 -16.55
N SER A 3 -6.70 -11.58 -15.61
CA SER A 3 -7.33 -12.86 -15.91
C SER A 3 -7.78 -13.55 -14.61
N GLY A 4 -6.82 -13.77 -13.73
CA GLY A 4 -7.11 -14.41 -12.46
C GLY A 4 -5.93 -15.29 -12.02
N SER A 5 -5.57 -15.13 -10.75
CA SER A 5 -4.47 -15.92 -10.19
C SER A 5 -4.48 -15.80 -8.66
N SER A 6 -4.83 -16.90 -8.02
CA SER A 6 -4.87 -16.95 -6.56
C SER A 6 -5.03 -18.38 -6.09
N GLY A 7 -4.45 -18.66 -4.93
CA GLY A 7 -4.52 -19.98 -4.34
C GLY A 7 -3.29 -20.81 -4.72
N ASP A 8 -2.31 -20.81 -3.82
CA ASP A 8 -1.09 -21.53 -4.05
C ASP A 8 -1.34 -23.03 -3.81
N GLN A 9 -1.41 -23.77 -4.90
CA GLN A 9 -1.65 -25.21 -4.82
C GLN A 9 -1.55 -25.84 -6.21
N GLU A 10 -0.42 -25.60 -6.85
CA GLU A 10 -0.19 -26.14 -8.18
C GLU A 10 -1.03 -25.38 -9.22
N VAL A 11 -0.78 -25.70 -10.47
CA VAL A 11 -1.51 -25.06 -11.57
C VAL A 11 -1.19 -23.56 -11.57
N ARG A 12 -1.20 -22.99 -12.76
CA ARG A 12 -0.92 -21.57 -12.91
C ARG A 12 0.49 -21.26 -12.44
N LEU A 13 1.03 -20.16 -12.95
CA LEU A 13 2.37 -19.74 -12.59
C LEU A 13 2.32 -18.95 -11.29
N GLU A 14 1.63 -17.82 -11.33
CA GLU A 14 1.49 -16.97 -10.16
C GLU A 14 2.87 -16.52 -9.67
N ASN A 15 3.33 -15.40 -10.22
CA ASN A 15 4.62 -14.87 -9.85
C ASN A 15 4.43 -13.54 -9.11
N ARG A 16 5.44 -13.17 -8.34
CA ARG A 16 5.39 -11.93 -7.58
C ARG A 16 4.75 -10.81 -8.42
N ILE A 17 3.75 -10.18 -7.84
CA ILE A 17 3.07 -9.10 -8.52
C ILE A 17 3.55 -7.76 -7.98
N THR A 18 3.47 -6.75 -8.83
CA THR A 18 3.92 -5.41 -8.45
C THR A 18 2.82 -4.39 -8.75
N PHE A 19 2.84 -3.29 -8.00
CA PHE A 19 1.87 -2.24 -8.18
C PHE A 19 2.43 -0.90 -7.71
N GLN A 20 1.76 0.16 -8.15
CA GLN A 20 2.18 1.51 -7.78
C GLN A 20 1.30 2.06 -6.65
N LEU A 21 1.78 3.12 -6.03
CA LEU A 21 1.05 3.74 -4.94
C LEU A 21 1.18 5.26 -5.05
N GLU A 22 0.05 5.93 -4.86
CA GLU A 22 0.02 7.38 -4.93
C GLU A 22 0.26 7.99 -3.54
N LEU A 23 1.36 8.72 -3.42
CA LEU A 23 1.71 9.35 -2.17
C LEU A 23 1.07 10.74 -2.11
N VAL A 24 -0.24 10.75 -1.90
CA VAL A 24 -0.97 11.99 -1.82
C VAL A 24 -0.28 12.94 -0.84
N GLY A 25 0.25 14.03 -1.36
CA GLY A 25 0.94 15.01 -0.55
C GLY A 25 2.21 15.50 -1.24
N LEU A 26 3.28 14.74 -1.04
CA LEU A 26 4.56 15.09 -1.64
C LEU A 26 4.44 15.03 -3.16
N GLU A 27 3.38 14.40 -3.61
CA GLU A 27 3.13 14.27 -5.04
C GLU A 27 4.22 13.41 -5.69
N ARG A 28 3.89 12.14 -5.87
CA ARG A 28 4.84 11.21 -6.47
C ARG A 28 4.21 9.81 -6.56
N VAL A 29 4.82 8.98 -7.39
CA VAL A 29 4.33 7.62 -7.58
C VAL A 29 5.43 6.64 -7.16
N VAL A 30 5.03 5.68 -6.33
CA VAL A 30 5.96 4.67 -5.85
C VAL A 30 5.52 3.30 -6.36
N ARG A 31 6.42 2.34 -6.23
CA ARG A 31 6.14 0.98 -6.67
C ARG A 31 6.38 -0.01 -5.52
N ILE A 32 5.51 -1.00 -5.45
CA ILE A 32 5.60 -2.00 -4.40
C ILE A 32 5.58 -3.40 -5.04
N SER A 33 6.52 -4.22 -4.61
CA SER A 33 6.61 -5.58 -5.13
C SER A 33 6.47 -6.59 -3.99
N ALA A 34 5.63 -7.58 -4.22
CA ALA A 34 5.40 -8.62 -3.23
C ALA A 34 4.49 -9.70 -3.81
N LYS A 35 4.67 -10.91 -3.32
CA LYS A 35 3.87 -12.03 -3.79
C LYS A 35 2.40 -11.61 -3.87
N PRO A 36 1.66 -12.28 -4.79
CA PRO A 36 0.25 -11.99 -4.97
C PRO A 36 -0.59 -12.57 -3.83
N THR A 37 -0.50 -13.88 -3.68
CA THR A 37 -1.23 -14.58 -2.64
C THR A 37 -1.25 -13.74 -1.36
N LYS A 38 -0.06 -13.32 -0.94
CA LYS A 38 0.06 -12.51 0.26
C LYS A 38 -1.03 -11.44 0.27
N ARG A 39 -1.22 -10.86 1.44
CA ARG A 39 -2.23 -9.83 1.61
C ARG A 39 -1.62 -8.44 1.38
N LEU A 40 -2.44 -7.43 1.56
CA LEU A 40 -2.00 -6.05 1.37
C LEU A 40 -1.27 -5.59 2.63
N GLN A 41 -1.60 -6.23 3.75
CA GLN A 41 -0.99 -5.89 5.02
C GLN A 41 0.35 -6.64 5.17
N GLU A 42 0.33 -7.91 4.80
CA GLU A 42 1.52 -8.73 4.90
C GLU A 42 2.55 -8.31 3.83
N ALA A 43 2.03 -7.72 2.77
CA ALA A 43 2.88 -7.26 1.68
C ALA A 43 3.41 -5.86 2.00
N LEU A 44 2.66 -5.15 2.83
CA LEU A 44 3.05 -3.81 3.22
C LEU A 44 3.76 -3.86 4.57
N GLN A 45 3.71 -5.03 5.19
CA GLN A 45 4.34 -5.22 6.48
C GLN A 45 5.84 -4.92 6.39
N PRO A 46 6.48 -5.52 5.35
CA PRO A 46 7.91 -5.32 5.13
C PRO A 46 8.18 -3.94 4.55
N ILE A 47 7.11 -3.22 4.27
CA ILE A 47 7.22 -1.88 3.70
C ILE A 47 7.00 -0.85 4.81
N LEU A 48 5.92 -1.04 5.55
CA LEU A 48 5.60 -0.14 6.64
C LEU A 48 6.63 -0.29 7.76
N ALA A 49 7.24 -1.47 7.80
CA ALA A 49 8.23 -1.75 8.81
C ALA A 49 9.56 -1.13 8.40
N LYS A 50 9.82 -1.14 7.10
CA LYS A 50 11.04 -0.58 6.56
C LYS A 50 10.84 0.92 6.31
N HIS A 51 9.65 1.38 6.64
CA HIS A 51 9.31 2.79 6.46
C HIS A 51 8.93 3.41 7.81
N GLY A 52 9.09 2.61 8.85
CA GLY A 52 8.76 3.06 10.20
C GLY A 52 7.28 3.42 10.31
N LEU A 53 6.52 2.97 9.33
CA LEU A 53 5.09 3.23 9.31
C LEU A 53 4.36 2.12 10.05
N SER A 54 3.05 2.08 9.87
CA SER A 54 2.23 1.08 10.52
C SER A 54 0.99 0.79 9.67
N LEU A 55 0.44 -0.40 9.86
CA LEU A 55 -0.74 -0.81 9.12
C LEU A 55 -1.95 -0.02 9.62
N ASP A 56 -1.84 0.47 10.84
CA ASP A 56 -2.91 1.24 11.45
C ASP A 56 -2.53 2.73 11.43
N GLN A 57 -1.86 3.12 10.36
CA GLN A 57 -1.43 4.50 10.20
C GLN A 57 -1.74 5.00 8.79
N VAL A 58 -1.38 4.17 7.82
CA VAL A 58 -1.60 4.51 6.42
C VAL A 58 -2.98 4.01 5.99
N VAL A 59 -3.61 4.78 5.13
CA VAL A 59 -4.93 4.43 4.63
C VAL A 59 -4.87 4.21 3.11
N LEU A 60 -5.11 2.96 2.72
CA LEU A 60 -5.09 2.61 1.32
C LEU A 60 -6.49 2.71 0.74
N HIS A 61 -6.57 3.22 -0.49
CA HIS A 61 -7.84 3.37 -1.16
C HIS A 61 -7.61 3.91 -2.57
N ARG A 62 -7.99 3.11 -3.55
CA ARG A 62 -7.84 3.49 -4.94
C ARG A 62 -8.48 4.86 -5.19
N PRO A 63 -8.09 5.48 -6.34
CA PRO A 63 -8.61 6.79 -6.70
C PRO A 63 -10.05 6.67 -7.21
N GLY A 64 -10.99 6.75 -6.27
CA GLY A 64 -12.40 6.66 -6.61
C GLY A 64 -13.05 5.45 -5.93
N GLU A 65 -12.79 5.34 -4.63
CA GLU A 65 -13.35 4.25 -3.85
C GLU A 65 -14.33 4.79 -2.81
N LYS A 66 -14.84 3.88 -2.00
CA LYS A 66 -15.79 4.24 -0.97
C LYS A 66 -15.09 4.23 0.39
N GLN A 67 -14.72 3.03 0.83
CA GLN A 67 -14.03 2.87 2.10
C GLN A 67 -12.57 2.50 1.89
N PRO A 68 -11.76 2.71 2.95
CA PRO A 68 -10.34 2.40 2.88
C PRO A 68 -10.10 0.89 2.96
N MET A 69 -9.18 0.42 2.15
CA MET A 69 -8.85 -1.00 2.12
C MET A 69 -8.66 -1.54 3.53
N ASP A 70 -8.85 -2.85 3.66
CA ASP A 70 -8.69 -3.51 4.95
C ASP A 70 -7.44 -4.40 4.92
N LEU A 71 -6.57 -4.10 3.96
CA LEU A 71 -5.34 -4.86 3.82
C LEU A 71 -5.63 -6.34 4.04
N GLU A 72 -6.86 -6.73 3.71
CA GLU A 72 -7.27 -8.11 3.87
C GLU A 72 -7.25 -8.83 2.52
N ASN A 73 -7.34 -8.04 1.46
CA ASN A 73 -7.34 -8.58 0.11
C ASN A 73 -5.89 -8.81 -0.34
N PRO A 74 -5.72 -9.82 -1.23
CA PRO A 74 -4.40 -10.14 -1.75
C PRO A 74 -3.93 -9.10 -2.76
N VAL A 75 -2.68 -8.71 -2.63
CA VAL A 75 -2.10 -7.71 -3.53
C VAL A 75 -2.45 -8.08 -4.97
N SER A 76 -2.69 -9.37 -5.18
CA SER A 76 -3.04 -9.87 -6.50
C SER A 76 -4.18 -9.05 -7.09
N SER A 77 -5.01 -8.52 -6.19
CA SER A 77 -6.15 -7.74 -6.60
C SER A 77 -5.72 -6.29 -6.88
N VAL A 78 -4.67 -5.88 -6.18
CA VAL A 78 -4.15 -4.54 -6.34
C VAL A 78 -2.83 -4.61 -7.12
N ALA A 79 -2.87 -5.28 -8.25
CA ALA A 79 -1.69 -5.42 -9.09
C ALA A 79 -2.08 -5.15 -10.55
N SER A 80 -2.35 -3.88 -10.82
CA SER A 80 -2.72 -3.47 -12.16
C SER A 80 -2.89 -1.95 -12.22
N GLN A 81 -3.92 -1.47 -11.54
CA GLN A 81 -4.20 -0.05 -11.50
C GLN A 81 -3.34 0.64 -10.44
N THR A 82 -3.37 1.96 -10.47
CA THR A 82 -2.58 2.74 -9.52
C THR A 82 -3.37 2.95 -8.23
N LEU A 83 -2.70 2.69 -7.12
CA LEU A 83 -3.33 2.83 -5.81
C LEU A 83 -3.01 4.22 -5.26
N VAL A 84 -3.84 4.65 -4.32
CA VAL A 84 -3.66 5.96 -3.70
C VAL A 84 -3.52 5.78 -2.18
N LEU A 85 -2.47 6.40 -1.65
CA LEU A 85 -2.21 6.32 -0.22
C LEU A 85 -2.35 7.71 0.39
N ASP A 86 -2.85 7.74 1.62
CA ASP A 86 -3.04 8.99 2.33
C ASP A 86 -2.43 8.88 3.72
N THR A 87 -1.14 9.18 3.79
CA THR A 87 -0.43 9.12 5.06
C THR A 87 -1.10 10.02 6.10
N PRO A 88 -0.84 9.69 7.39
CA PRO A 88 -1.42 10.45 8.49
C PRO A 88 -0.71 11.80 8.65
N PRO A 89 -1.36 12.70 9.43
CA PRO A 89 -0.80 14.02 9.68
C PRO A 89 0.37 13.96 10.66
N ASP A 90 1.16 15.03 10.66
CA ASP A 90 2.32 15.10 11.54
C ASP A 90 3.12 13.80 11.42
N ALA A 91 4.12 13.83 10.54
CA ALA A 91 4.97 12.68 10.33
C ALA A 91 6.26 13.12 9.64
N LYS A 92 7.35 12.50 10.05
CA LYS A 92 8.65 12.81 9.49
C LYS A 92 9.01 11.77 8.44
N MET A 93 9.72 12.23 7.41
CA MET A 93 10.13 11.34 6.33
C MET A 93 11.17 12.02 5.44
N SER A 94 10.82 13.19 4.96
CA SER A 94 11.70 13.95 4.09
C SER A 94 11.17 15.37 3.90
N GLU A 95 9.95 15.46 3.40
CA GLU A 95 9.31 16.74 3.18
C GLU A 95 7.88 16.55 2.68
N ALA A 96 7.10 17.62 2.78
CA ALA A 96 5.72 17.58 2.35
C ALA A 96 5.42 18.80 1.48
N ARG A 97 5.57 19.97 2.09
CA ARG A 97 5.33 21.22 1.39
C ARG A 97 4.06 21.11 0.54
N SER A 98 2.93 21.40 1.18
CA SER A 98 1.65 21.34 0.49
C SER A 98 0.71 22.42 1.03
N SER A 99 -0.26 22.77 0.22
CA SER A 99 -1.23 23.79 0.60
C SER A 99 -0.54 25.14 0.77
N GLY A 100 -1.27 26.19 0.45
CA GLY A 100 -0.74 27.54 0.55
C GLY A 100 -1.33 28.27 1.76
N PRO A 101 -2.52 28.88 1.54
CA PRO A 101 -3.19 29.61 2.58
C PRO A 101 -3.84 28.65 3.60
N SER A 102 -4.44 29.24 4.62
CA SER A 102 -5.08 28.46 5.66
C SER A 102 -5.93 29.37 6.55
N SER A 103 -6.74 28.74 7.38
CA SER A 103 -7.60 29.47 8.30
C SER A 103 -6.78 30.47 9.12
N GLY A 104 -7.47 31.38 9.77
CA GLY A 104 -6.82 32.38 10.59
C GLY A 104 -6.26 33.51 9.73
N GLY A 1 5.58 -8.86 -25.40
CA GLY A 1 4.74 -9.73 -24.59
C GLY A 1 5.52 -10.96 -24.12
N SER A 2 5.03 -11.56 -23.06
CA SER A 2 5.68 -12.74 -22.50
C SER A 2 4.90 -13.23 -21.28
N SER A 3 4.61 -14.52 -21.28
CA SER A 3 3.87 -15.13 -20.18
C SER A 3 3.98 -16.65 -20.25
N GLY A 4 3.50 -17.29 -19.20
CA GLY A 4 3.54 -18.74 -19.13
C GLY A 4 2.21 -19.30 -18.64
N SER A 5 2.27 -20.51 -18.09
CA SER A 5 1.09 -21.17 -17.58
C SER A 5 1.46 -22.46 -16.86
N SER A 6 0.66 -22.82 -15.87
CA SER A 6 0.90 -24.02 -15.10
C SER A 6 -0.32 -24.35 -14.23
N GLY A 7 -0.34 -25.57 -13.73
CA GLY A 7 -1.44 -26.01 -12.89
C GLY A 7 -0.92 -26.65 -11.61
N ASP A 8 -1.60 -27.71 -11.19
CA ASP A 8 -1.22 -28.42 -9.98
C ASP A 8 -1.26 -27.47 -8.79
N GLN A 9 -1.17 -28.04 -7.60
CA GLN A 9 -1.20 -27.24 -6.38
C GLN A 9 -0.18 -26.11 -6.46
N GLU A 10 -0.32 -25.16 -5.55
CA GLU A 10 0.57 -24.02 -5.51
C GLU A 10 1.09 -23.81 -4.09
N VAL A 11 2.41 -23.94 -3.96
CA VAL A 11 3.05 -23.77 -2.66
C VAL A 11 4.19 -22.76 -2.79
N ARG A 12 5.19 -23.14 -3.56
CA ARG A 12 6.35 -22.28 -3.78
C ARG A 12 5.92 -20.99 -4.47
N LEU A 13 5.17 -21.15 -5.54
CA LEU A 13 4.69 -20.00 -6.30
C LEU A 13 5.88 -19.27 -6.91
N GLU A 14 6.55 -18.49 -6.08
CA GLU A 14 7.70 -17.73 -6.52
C GLU A 14 7.26 -16.43 -7.18
N ASN A 15 6.33 -16.56 -8.11
CA ASN A 15 5.81 -15.41 -8.82
C ASN A 15 5.64 -14.24 -7.83
N ARG A 16 5.60 -13.04 -8.39
CA ARG A 16 5.44 -11.85 -7.59
C ARG A 16 4.75 -10.74 -8.39
N ILE A 17 3.75 -10.14 -7.77
CA ILE A 17 3.01 -9.07 -8.43
C ILE A 17 3.48 -7.73 -7.88
N THR A 18 3.42 -6.72 -8.74
CA THR A 18 3.84 -5.38 -8.37
C THR A 18 2.73 -4.37 -8.68
N PHE A 19 2.80 -3.24 -7.98
CA PHE A 19 1.82 -2.19 -8.17
C PHE A 19 2.39 -0.83 -7.77
N GLN A 20 1.71 0.22 -8.23
CA GLN A 20 2.14 1.57 -7.94
C GLN A 20 1.29 2.17 -6.81
N LEU A 21 1.88 3.12 -6.10
CA LEU A 21 1.19 3.78 -5.01
C LEU A 21 1.26 5.29 -5.20
N GLU A 22 0.20 5.96 -4.75
CA GLU A 22 0.13 7.41 -4.87
C GLU A 22 0.36 8.06 -3.52
N LEU A 23 1.50 8.74 -3.41
CA LEU A 23 1.86 9.41 -2.17
C LEU A 23 1.12 10.75 -2.10
N VAL A 24 -0.16 10.67 -1.77
CA VAL A 24 -0.98 11.86 -1.65
C VAL A 24 -0.31 12.85 -0.70
N GLY A 25 0.09 13.97 -1.25
CA GLY A 25 0.75 15.00 -0.46
C GLY A 25 2.20 15.22 -0.92
N LEU A 26 2.85 14.10 -1.21
CA LEU A 26 4.24 14.15 -1.66
C LEU A 26 4.28 14.44 -3.16
N GLU A 27 3.21 14.05 -3.84
CA GLU A 27 3.10 14.26 -5.27
C GLU A 27 4.12 13.39 -6.01
N ARG A 28 3.85 12.09 -6.01
CA ARG A 28 4.74 11.15 -6.67
C ARG A 28 4.11 9.75 -6.68
N VAL A 29 4.61 8.92 -7.58
CA VAL A 29 4.12 7.55 -7.69
C VAL A 29 5.25 6.57 -7.35
N VAL A 30 4.97 5.71 -6.39
CA VAL A 30 5.95 4.73 -5.96
C VAL A 30 5.49 3.34 -6.40
N ARG A 31 6.44 2.40 -6.39
CA ARG A 31 6.14 1.03 -6.79
C ARG A 31 6.39 0.08 -5.62
N ILE A 32 5.60 -0.98 -5.57
CA ILE A 32 5.74 -1.97 -4.52
C ILE A 32 5.72 -3.36 -5.14
N SER A 33 6.63 -4.20 -4.65
CA SER A 33 6.74 -5.56 -5.15
C SER A 33 6.58 -6.55 -4.00
N ALA A 34 5.76 -7.56 -4.24
CA ALA A 34 5.51 -8.58 -3.24
C ALA A 34 4.62 -9.67 -3.83
N LYS A 35 4.70 -10.85 -3.24
CA LYS A 35 3.91 -11.98 -3.71
C LYS A 35 2.44 -11.57 -3.78
N PRO A 36 1.71 -12.24 -4.71
CA PRO A 36 0.29 -11.95 -4.89
C PRO A 36 -0.54 -12.54 -3.75
N THR A 37 -0.44 -13.85 -3.61
CA THR A 37 -1.17 -14.56 -2.57
C THR A 37 -1.21 -13.72 -1.29
N LYS A 38 -0.03 -13.26 -0.89
CA LYS A 38 0.09 -12.45 0.31
C LYS A 38 -1.02 -11.41 0.33
N ARG A 39 -1.22 -10.82 1.51
CA ARG A 39 -2.25 -9.82 1.67
C ARG A 39 -1.66 -8.42 1.43
N LEU A 40 -2.53 -7.42 1.55
CA LEU A 40 -2.11 -6.04 1.35
C LEU A 40 -1.37 -5.55 2.59
N GLN A 41 -1.69 -6.17 3.72
CA GLN A 41 -1.06 -5.81 4.98
C GLN A 41 0.26 -6.57 5.15
N GLU A 42 0.23 -7.84 4.77
CA GLU A 42 1.41 -8.68 4.87
C GLU A 42 2.44 -8.29 3.82
N ALA A 43 1.94 -7.69 2.74
CA ALA A 43 2.82 -7.25 1.66
C ALA A 43 3.33 -5.85 1.96
N LEU A 44 2.55 -5.12 2.75
CA LEU A 44 2.91 -3.77 3.12
C LEU A 44 3.61 -3.79 4.47
N GLN A 45 3.47 -4.91 5.17
CA GLN A 45 4.08 -5.07 6.47
C GLN A 45 5.58 -4.77 6.39
N PRO A 46 6.25 -5.42 5.40
CA PRO A 46 7.68 -5.24 5.21
C PRO A 46 7.98 -3.88 4.57
N ILE A 47 6.91 -3.17 4.24
CA ILE A 47 7.04 -1.86 3.63
C ILE A 47 6.84 -0.78 4.69
N LEU A 48 5.80 -0.96 5.49
CA LEU A 48 5.50 0.00 6.54
C LEU A 48 6.60 -0.07 7.62
N ALA A 49 7.07 -1.28 7.86
CA ALA A 49 8.11 -1.49 8.85
C ALA A 49 9.42 -0.86 8.35
N LYS A 50 9.60 -0.91 7.04
CA LYS A 50 10.78 -0.36 6.43
C LYS A 50 10.55 1.13 6.11
N HIS A 51 9.36 1.60 6.48
CA HIS A 51 9.01 2.98 6.25
C HIS A 51 8.57 3.63 7.56
N GLY A 52 8.75 2.88 8.64
CA GLY A 52 8.39 3.36 9.96
C GLY A 52 6.89 3.70 10.02
N LEU A 53 6.15 3.14 9.07
CA LEU A 53 4.72 3.37 9.01
C LEU A 53 3.99 2.26 9.76
N SER A 54 2.68 2.24 9.59
CA SER A 54 1.86 1.23 10.24
C SER A 54 0.60 0.96 9.42
N LEU A 55 -0.05 -0.15 9.72
CA LEU A 55 -1.25 -0.54 9.02
C LEU A 55 -2.45 0.22 9.61
N ASP A 56 -2.27 0.67 10.84
CA ASP A 56 -3.32 1.41 11.52
C ASP A 56 -3.00 2.90 11.46
N GLN A 57 -2.10 3.25 10.56
CA GLN A 57 -1.72 4.65 10.40
C GLN A 57 -2.06 5.13 8.99
N VAL A 58 -1.51 4.44 8.00
CA VAL A 58 -1.76 4.79 6.62
C VAL A 58 -3.09 4.19 6.17
N VAL A 59 -3.72 4.87 5.22
CA VAL A 59 -5.00 4.41 4.69
C VAL A 59 -4.88 4.20 3.18
N LEU A 60 -5.01 2.94 2.78
CA LEU A 60 -4.92 2.59 1.37
C LEU A 60 -6.33 2.54 0.77
N HIS A 61 -6.45 3.09 -0.42
CA HIS A 61 -7.74 3.11 -1.11
C HIS A 61 -7.57 3.72 -2.50
N ARG A 62 -7.96 2.96 -3.50
CA ARG A 62 -7.86 3.41 -4.88
C ARG A 62 -8.28 4.88 -4.99
N PRO A 63 -7.80 5.53 -6.08
CA PRO A 63 -8.12 6.93 -6.31
C PRO A 63 -9.56 7.09 -6.79
N GLY A 64 -10.40 7.58 -5.90
CA GLY A 64 -11.80 7.78 -6.22
C GLY A 64 -12.71 7.20 -5.13
N GLU A 65 -12.49 5.93 -4.84
CA GLU A 65 -13.27 5.24 -3.82
C GLU A 65 -13.31 6.07 -2.54
N LYS A 66 -14.24 5.72 -1.67
CA LYS A 66 -14.41 6.42 -0.41
C LYS A 66 -13.83 5.56 0.73
N GLN A 67 -14.53 4.45 0.99
CA GLN A 67 -14.11 3.55 2.05
C GLN A 67 -12.68 3.07 1.79
N PRO A 68 -11.96 2.77 2.90
CA PRO A 68 -10.59 2.32 2.81
C PRO A 68 -10.52 0.86 2.35
N MET A 69 -9.73 0.62 1.32
CA MET A 69 -9.59 -0.72 0.77
C MET A 69 -8.88 -1.65 1.78
N ASP A 70 -9.69 -2.40 2.49
CA ASP A 70 -9.17 -3.33 3.48
C ASP A 70 -7.91 -3.99 2.93
N LEU A 71 -7.00 -4.33 3.84
CA LEU A 71 -5.76 -4.96 3.47
C LEU A 71 -5.88 -6.48 3.67
N GLU A 72 -7.13 -6.94 3.67
CA GLU A 72 -7.39 -8.36 3.85
C GLU A 72 -7.30 -9.09 2.51
N ASN A 73 -7.43 -8.31 1.44
CA ASN A 73 -7.36 -8.89 0.11
C ASN A 73 -5.90 -9.02 -0.32
N PRO A 74 -5.65 -10.01 -1.22
CA PRO A 74 -4.31 -10.27 -1.71
C PRO A 74 -3.90 -9.20 -2.72
N VAL A 75 -2.65 -8.76 -2.60
CA VAL A 75 -2.13 -7.75 -3.49
C VAL A 75 -2.46 -8.13 -4.94
N SER A 76 -2.62 -9.43 -5.15
CA SER A 76 -2.94 -9.93 -6.48
C SER A 76 -4.06 -9.10 -7.10
N SER A 77 -4.95 -8.62 -6.24
CA SER A 77 -6.06 -7.80 -6.69
C SER A 77 -5.58 -6.40 -7.04
N VAL A 78 -4.67 -5.89 -6.22
CA VAL A 78 -4.13 -4.56 -6.43
C VAL A 78 -2.89 -4.67 -7.33
N ALA A 79 -3.03 -5.47 -8.38
CA ALA A 79 -1.93 -5.66 -9.31
C ALA A 79 -2.43 -5.39 -10.74
N SER A 80 -2.58 -4.11 -11.06
CA SER A 80 -3.04 -3.71 -12.37
C SER A 80 -3.07 -2.19 -12.47
N GLN A 81 -3.78 -1.58 -11.53
CA GLN A 81 -3.89 -0.13 -11.51
C GLN A 81 -3.04 0.46 -10.37
N THR A 82 -3.02 1.77 -10.31
CA THR A 82 -2.25 2.46 -9.29
C THR A 82 -3.12 2.72 -8.05
N LEU A 83 -2.53 2.50 -6.89
CA LEU A 83 -3.23 2.71 -5.65
C LEU A 83 -2.94 4.12 -5.12
N VAL A 84 -3.61 4.46 -4.03
CA VAL A 84 -3.43 5.77 -3.43
C VAL A 84 -3.23 5.60 -1.92
N LEU A 85 -2.20 6.25 -1.42
CA LEU A 85 -1.88 6.19 0.00
C LEU A 85 -2.14 7.56 0.63
N ASP A 86 -2.67 7.50 1.85
CA ASP A 86 -2.97 8.73 2.58
C ASP A 86 -2.35 8.66 3.98
N THR A 87 -1.11 9.11 4.07
CA THR A 87 -0.41 9.10 5.34
C THR A 87 -1.13 9.96 6.36
N PRO A 88 -0.87 9.66 7.67
CA PRO A 88 -1.49 10.39 8.75
C PRO A 88 -0.87 11.78 8.91
N PRO A 89 -1.49 12.60 9.80
CA PRO A 89 -1.01 13.94 10.05
C PRO A 89 0.26 13.92 10.91
N ASP A 90 0.14 13.27 12.05
CA ASP A 90 1.27 13.16 12.97
C ASP A 90 2.02 11.85 12.70
N ALA A 91 3.15 11.98 12.02
CA ALA A 91 3.97 10.83 11.70
C ALA A 91 5.31 11.30 11.15
N LYS A 92 6.37 10.72 11.69
CA LYS A 92 7.71 11.08 11.27
C LYS A 92 8.73 10.22 12.03
N MET A 93 8.79 10.44 13.33
CA MET A 93 9.71 9.70 14.17
C MET A 93 9.08 9.41 15.54
N SER A 94 9.76 8.56 16.30
CA SER A 94 9.29 8.20 17.63
C SER A 94 9.89 9.13 18.68
N GLU A 95 11.20 9.18 18.71
CA GLU A 95 11.91 10.02 19.65
C GLU A 95 13.41 9.90 19.46
N ALA A 96 13.94 10.73 18.57
CA ALA A 96 15.36 10.72 18.28
C ALA A 96 15.69 11.84 17.30
N ARG A 97 16.96 11.93 16.96
CA ARG A 97 17.42 12.96 16.03
C ARG A 97 17.39 14.34 16.70
N SER A 98 16.20 14.71 17.15
CA SER A 98 16.03 16.00 17.81
C SER A 98 14.59 16.14 18.29
N SER A 99 14.41 15.94 19.59
CA SER A 99 13.10 16.05 20.19
C SER A 99 12.52 17.45 19.96
N GLY A 100 11.76 17.57 18.89
CA GLY A 100 11.15 18.84 18.55
C GLY A 100 9.96 18.65 17.60
N PRO A 101 9.05 19.66 17.60
CA PRO A 101 7.87 19.62 16.75
C PRO A 101 8.23 19.90 15.29
N SER A 102 9.11 20.88 15.11
CA SER A 102 9.54 21.25 13.78
C SER A 102 8.37 21.86 13.01
N SER A 103 8.73 22.61 11.96
CA SER A 103 7.72 23.26 11.13
C SER A 103 7.86 22.79 9.69
N GLY A 104 9.04 23.02 9.13
CA GLY A 104 9.31 22.63 7.76
C GLY A 104 9.01 23.78 6.78
N GLY A 1 -2.57 13.15 -28.28
CA GLY A 1 -2.30 12.23 -27.18
C GLY A 1 -3.49 11.28 -26.98
N SER A 2 -3.18 10.12 -26.41
CA SER A 2 -4.20 9.12 -26.14
C SER A 2 -3.84 8.32 -24.90
N SER A 3 -4.80 7.53 -24.44
CA SER A 3 -4.60 6.71 -23.26
C SER A 3 -5.85 5.87 -22.98
N GLY A 4 -5.62 4.65 -22.54
CA GLY A 4 -6.72 3.75 -22.23
C GLY A 4 -6.25 2.29 -22.23
N SER A 5 -6.99 1.46 -21.52
CA SER A 5 -6.67 0.04 -21.43
C SER A 5 -7.72 -0.69 -20.59
N SER A 6 -7.99 -1.92 -20.98
CA SER A 6 -8.96 -2.74 -20.27
C SER A 6 -8.47 -4.18 -20.18
N GLY A 7 -9.20 -4.96 -19.39
CA GLY A 7 -8.84 -6.36 -19.21
C GLY A 7 -9.20 -6.84 -17.80
N ASP A 8 -9.28 -8.15 -17.65
CA ASP A 8 -9.62 -8.75 -16.37
C ASP A 8 -9.46 -10.27 -16.46
N GLN A 9 -8.69 -10.81 -15.53
CA GLN A 9 -8.46 -12.25 -15.50
C GLN A 9 -8.02 -12.68 -14.10
N GLU A 10 -7.93 -13.99 -13.92
CA GLU A 10 -7.52 -14.54 -12.64
C GLU A 10 -7.53 -16.07 -12.70
N VAL A 11 -6.46 -16.62 -13.27
CA VAL A 11 -6.33 -18.05 -13.41
C VAL A 11 -5.09 -18.52 -12.62
N ARG A 12 -5.03 -19.82 -12.40
CA ARG A 12 -3.92 -20.40 -11.67
C ARG A 12 -2.59 -19.78 -12.13
N LEU A 13 -1.81 -19.36 -11.16
CA LEU A 13 -0.52 -18.74 -11.45
C LEU A 13 0.23 -18.49 -10.14
N GLU A 14 1.52 -18.21 -10.27
CA GLU A 14 2.35 -17.95 -9.11
C GLU A 14 3.60 -17.17 -9.52
N ASN A 15 3.48 -15.85 -9.47
CA ASN A 15 4.58 -14.98 -9.84
C ASN A 15 4.42 -13.63 -9.13
N ARG A 16 5.43 -13.30 -8.34
CA ARG A 16 5.41 -12.05 -7.59
C ARG A 16 4.83 -10.92 -8.45
N ILE A 17 3.83 -10.26 -7.89
CA ILE A 17 3.19 -9.16 -8.59
C ILE A 17 3.64 -7.82 -7.99
N THR A 18 3.48 -6.78 -8.78
CA THR A 18 3.87 -5.44 -8.33
C THR A 18 2.77 -4.43 -8.66
N PHE A 19 2.80 -3.31 -7.96
CA PHE A 19 1.82 -2.27 -8.17
C PHE A 19 2.38 -0.90 -7.76
N GLN A 20 1.72 0.14 -8.22
CA GLN A 20 2.14 1.50 -7.91
C GLN A 20 1.25 2.09 -6.82
N LEU A 21 1.77 3.13 -6.17
CA LEU A 21 1.03 3.79 -5.11
C LEU A 21 1.19 5.31 -5.26
N GLU A 22 0.17 6.02 -4.80
CA GLU A 22 0.17 7.48 -4.88
C GLU A 22 0.37 8.08 -3.49
N LEU A 23 1.43 8.85 -3.36
CA LEU A 23 1.75 9.49 -2.09
C LEU A 23 1.10 10.88 -2.05
N VAL A 24 -0.21 10.87 -1.87
CA VAL A 24 -0.96 12.12 -1.82
C VAL A 24 -0.28 13.07 -0.83
N GLY A 25 -0.08 14.30 -1.27
CA GLY A 25 0.55 15.31 -0.44
C GLY A 25 2.04 15.42 -0.75
N LEU A 26 2.63 14.29 -1.11
CA LEU A 26 4.04 14.26 -1.44
C LEU A 26 4.22 14.48 -2.95
N GLU A 27 3.21 14.07 -3.69
CA GLU A 27 3.23 14.21 -5.14
C GLU A 27 4.37 13.37 -5.74
N ARG A 28 4.13 12.07 -5.80
CA ARG A 28 5.12 11.16 -6.34
C ARG A 28 4.56 9.73 -6.35
N VAL A 29 4.79 9.04 -7.46
CA VAL A 29 4.32 7.68 -7.60
C VAL A 29 5.42 6.71 -7.15
N VAL A 30 5.01 5.66 -6.46
CA VAL A 30 5.94 4.66 -5.96
C VAL A 30 5.51 3.29 -6.46
N ARG A 31 6.42 2.33 -6.29
CA ARG A 31 6.14 0.97 -6.71
C ARG A 31 6.38 -0.01 -5.56
N ILE A 32 5.52 -1.01 -5.48
CA ILE A 32 5.62 -2.00 -4.44
C ILE A 32 5.60 -3.40 -5.07
N SER A 33 6.55 -4.23 -4.64
CA SER A 33 6.66 -5.58 -5.16
C SER A 33 6.50 -6.58 -4.01
N ALA A 34 5.74 -7.63 -4.28
CA ALA A 34 5.50 -8.66 -3.29
C ALA A 34 4.62 -9.75 -3.89
N LYS A 35 4.67 -10.93 -3.28
CA LYS A 35 3.88 -12.05 -3.75
C LYS A 35 2.41 -11.64 -3.81
N PRO A 36 1.66 -12.31 -4.73
CA PRO A 36 0.25 -12.02 -4.90
C PRO A 36 -0.57 -12.62 -3.75
N THR A 37 -0.45 -13.93 -3.60
CA THR A 37 -1.18 -14.63 -2.55
C THR A 37 -1.22 -13.78 -1.28
N LYS A 38 -0.05 -13.37 -0.84
CA LYS A 38 0.07 -12.56 0.36
C LYS A 38 -1.03 -11.49 0.35
N ARG A 39 -1.25 -10.91 1.52
CA ARG A 39 -2.27 -9.87 1.65
C ARG A 39 -1.66 -8.50 1.38
N LEU A 40 -2.48 -7.48 1.56
CA LEU A 40 -2.04 -6.11 1.32
C LEU A 40 -1.33 -5.60 2.57
N GLN A 41 -1.70 -6.16 3.71
CA GLN A 41 -1.10 -5.76 4.97
C GLN A 41 0.20 -6.53 5.21
N GLU A 42 0.19 -7.78 4.78
CA GLU A 42 1.36 -8.64 4.94
C GLU A 42 2.44 -8.24 3.93
N ALA A 43 1.99 -7.68 2.81
CA ALA A 43 2.89 -7.26 1.76
C ALA A 43 3.41 -5.85 2.06
N LEU A 44 2.61 -5.13 2.83
CA LEU A 44 2.98 -3.77 3.21
C LEU A 44 3.71 -3.80 4.55
N GLN A 45 3.64 -4.94 5.21
CA GLN A 45 4.30 -5.11 6.50
C GLN A 45 5.79 -4.82 6.38
N PRO A 46 6.43 -5.46 5.36
CA PRO A 46 7.85 -5.26 5.13
C PRO A 46 8.12 -3.91 4.48
N ILE A 47 7.04 -3.20 4.20
CA ILE A 47 7.14 -1.89 3.58
C ILE A 47 6.97 -0.81 4.64
N LEU A 48 5.97 -1.01 5.49
CA LEU A 48 5.68 -0.06 6.55
C LEU A 48 6.79 -0.14 7.61
N ALA A 49 7.31 -1.34 7.79
CA ALA A 49 8.37 -1.56 8.75
C ALA A 49 9.65 -0.88 8.27
N LYS A 50 9.83 -0.92 6.96
CA LYS A 50 11.01 -0.31 6.36
C LYS A 50 10.72 1.17 6.06
N HIS A 51 9.51 1.57 6.39
CA HIS A 51 9.09 2.94 6.17
C HIS A 51 8.67 3.57 7.51
N GLY A 52 8.88 2.81 8.57
CA GLY A 52 8.54 3.27 9.91
C GLY A 52 7.05 3.60 10.01
N LEU A 53 6.29 3.05 9.07
CA LEU A 53 4.85 3.27 9.04
C LEU A 53 4.15 2.17 9.83
N SER A 54 2.85 2.08 9.63
CA SER A 54 2.05 1.08 10.33
C SER A 54 0.76 0.80 9.55
N LEU A 55 0.13 -0.31 9.88
CA LEU A 55 -1.10 -0.70 9.21
C LEU A 55 -2.27 0.07 9.84
N ASP A 56 -2.04 0.54 11.05
CA ASP A 56 -3.06 1.29 11.76
C ASP A 56 -2.67 2.78 11.78
N GLN A 57 -2.01 3.19 10.71
CA GLN A 57 -1.59 4.58 10.60
C GLN A 57 -1.92 5.11 9.19
N VAL A 58 -1.57 4.31 8.20
CA VAL A 58 -1.82 4.69 6.82
C VAL A 58 -3.19 4.14 6.38
N VAL A 59 -3.70 4.72 5.30
CA VAL A 59 -4.99 4.30 4.78
C VAL A 59 -4.87 4.09 3.27
N LEU A 60 -5.02 2.84 2.86
CA LEU A 60 -4.93 2.50 1.45
C LEU A 60 -6.32 2.63 0.82
N HIS A 61 -6.33 3.17 -0.39
CA HIS A 61 -7.58 3.35 -1.11
C HIS A 61 -7.28 3.83 -2.54
N ARG A 62 -7.87 3.14 -3.50
CA ARG A 62 -7.68 3.48 -4.90
C ARG A 62 -8.23 4.88 -5.18
N PRO A 63 -7.83 5.43 -6.36
CA PRO A 63 -8.28 6.75 -6.76
C PRO A 63 -9.73 6.72 -7.23
N GLY A 64 -10.62 7.18 -6.35
CA GLY A 64 -12.04 7.20 -6.67
C GLY A 64 -12.86 6.53 -5.56
N GLU A 65 -12.45 5.32 -5.22
CA GLU A 65 -13.13 4.55 -4.19
C GLU A 65 -13.53 5.48 -3.03
N LYS A 66 -14.65 5.15 -2.41
CA LYS A 66 -15.16 5.94 -1.29
C LYS A 66 -14.43 5.51 -0.02
N GLN A 67 -14.77 4.32 0.45
CA GLN A 67 -14.16 3.79 1.66
C GLN A 67 -12.74 3.29 1.37
N PRO A 68 -11.94 3.14 2.46
CA PRO A 68 -10.58 2.67 2.33
C PRO A 68 -10.54 1.17 2.05
N MET A 69 -9.76 0.80 1.04
CA MET A 69 -9.63 -0.59 0.66
C MET A 69 -9.22 -1.45 1.86
N ASP A 70 -9.47 -2.74 1.75
CA ASP A 70 -9.14 -3.68 2.81
C ASP A 70 -7.83 -4.39 2.46
N LEU A 71 -6.86 -4.25 3.36
CA LEU A 71 -5.56 -4.86 3.17
C LEU A 71 -5.72 -6.39 3.18
N GLU A 72 -6.78 -6.83 3.85
CA GLU A 72 -7.05 -8.25 3.97
C GLU A 72 -7.01 -8.91 2.58
N ASN A 73 -7.33 -8.10 1.57
CA ASN A 73 -7.34 -8.59 0.20
C ASN A 73 -5.90 -8.82 -0.26
N PRO A 74 -5.74 -9.84 -1.15
CA PRO A 74 -4.43 -10.16 -1.68
C PRO A 74 -3.97 -9.15 -2.71
N VAL A 75 -2.69 -8.81 -2.65
CA VAL A 75 -2.12 -7.85 -3.59
C VAL A 75 -2.40 -8.30 -5.02
N SER A 76 -2.69 -9.59 -5.16
CA SER A 76 -2.98 -10.16 -6.46
C SER A 76 -4.17 -9.43 -7.09
N SER A 77 -4.94 -8.77 -6.24
CA SER A 77 -6.11 -8.04 -6.70
C SER A 77 -5.74 -6.56 -6.95
N VAL A 78 -4.58 -6.19 -6.45
CA VAL A 78 -4.11 -4.82 -6.62
C VAL A 78 -2.77 -4.83 -7.35
N ALA A 79 -2.73 -5.60 -8.43
CA ALA A 79 -1.52 -5.70 -9.23
C ALA A 79 -1.71 -4.95 -10.54
N SER A 80 -2.48 -3.86 -10.46
CA SER A 80 -2.75 -3.05 -11.63
C SER A 80 -3.09 -1.62 -11.20
N GLN A 81 -3.43 -0.80 -12.19
CA GLN A 81 -3.78 0.58 -11.93
C GLN A 81 -2.83 1.18 -10.89
N THR A 82 -3.25 2.30 -10.33
CA THR A 82 -2.45 2.98 -9.33
C THR A 82 -3.30 3.29 -8.09
N LEU A 83 -2.78 2.86 -6.95
CA LEU A 83 -3.48 3.07 -5.69
C LEU A 83 -3.14 4.48 -5.16
N VAL A 84 -3.94 4.92 -4.20
CA VAL A 84 -3.73 6.23 -3.60
C VAL A 84 -3.62 6.08 -2.09
N LEU A 85 -2.43 6.37 -1.59
CA LEU A 85 -2.17 6.27 -0.17
C LEU A 85 -2.30 7.65 0.47
N ASP A 86 -2.95 7.68 1.63
CA ASP A 86 -3.15 8.93 2.35
C ASP A 86 -2.52 8.82 3.74
N THR A 87 -1.25 9.21 3.81
CA THR A 87 -0.53 9.17 5.07
C THR A 87 -1.25 10.00 6.13
N PRO A 88 -0.95 9.67 7.42
CA PRO A 88 -1.55 10.38 8.53
C PRO A 88 -0.94 11.77 8.70
N PRO A 89 -1.74 12.69 9.31
CA PRO A 89 -1.29 14.04 9.53
C PRO A 89 -0.28 14.11 10.69
N ASP A 90 0.77 13.32 10.55
CA ASP A 90 1.81 13.27 11.56
C ASP A 90 2.74 12.10 11.29
N ALA A 91 3.90 12.41 10.73
CA ALA A 91 4.88 11.39 10.40
C ALA A 91 6.23 12.05 10.10
N LYS A 92 7.12 11.98 11.08
CA LYS A 92 8.44 12.57 10.93
C LYS A 92 9.48 11.46 10.79
N MET A 93 9.93 11.26 9.56
CA MET A 93 10.92 10.23 9.28
C MET A 93 11.73 10.58 8.03
N SER A 94 12.92 11.12 8.28
CA SER A 94 13.80 11.50 7.19
C SER A 94 15.14 12.00 7.74
N GLU A 95 15.05 13.06 8.53
CA GLU A 95 16.24 13.64 9.13
C GLU A 95 15.85 14.69 10.17
N ALA A 96 15.15 15.71 9.71
CA ALA A 96 14.70 16.77 10.59
C ALA A 96 13.69 17.66 9.85
N ARG A 97 13.09 18.57 10.61
CA ARG A 97 12.10 19.46 10.04
C ARG A 97 12.00 20.74 10.88
N SER A 98 12.63 21.80 10.38
CA SER A 98 12.61 23.07 11.07
C SER A 98 11.17 23.50 11.36
N SER A 99 10.87 23.62 12.64
CA SER A 99 9.54 24.02 13.06
C SER A 99 9.49 24.18 14.58
N GLY A 100 9.46 25.44 15.01
CA GLY A 100 9.41 25.74 16.43
C GLY A 100 8.53 24.73 17.18
N PRO A 101 9.21 23.74 17.79
CA PRO A 101 8.51 22.70 18.54
C PRO A 101 8.01 23.24 19.89
N SER A 102 7.11 22.50 20.50
CA SER A 102 6.55 22.89 21.78
C SER A 102 6.16 21.64 22.59
N SER A 103 6.77 21.53 23.75
CA SER A 103 6.50 20.40 24.62
C SER A 103 5.49 20.79 25.71
N GLY A 104 5.86 21.81 26.47
CA GLY A 104 5.00 22.30 27.54
C GLY A 104 3.88 23.17 26.98
N GLY A 1 -13.57 -35.60 22.22
CA GLY A 1 -13.72 -34.88 20.97
C GLY A 1 -12.36 -34.38 20.45
N SER A 2 -11.95 -33.25 20.99
CA SER A 2 -10.69 -32.65 20.61
C SER A 2 -10.72 -32.27 19.13
N SER A 3 -9.94 -31.25 18.79
CA SER A 3 -9.87 -30.77 17.43
C SER A 3 -8.65 -29.87 17.25
N GLY A 4 -8.37 -29.55 15.99
CA GLY A 4 -7.23 -28.70 15.67
C GLY A 4 -7.40 -28.07 14.28
N SER A 5 -6.32 -27.46 13.81
CA SER A 5 -6.32 -26.82 12.52
C SER A 5 -4.90 -26.68 11.99
N SER A 6 -4.79 -26.46 10.68
CA SER A 6 -3.50 -26.30 10.04
C SER A 6 -3.64 -25.48 8.77
N GLY A 7 -2.51 -24.95 8.31
CA GLY A 7 -2.50 -24.15 7.10
C GLY A 7 -1.73 -24.85 5.98
N ASP A 8 -1.87 -24.31 4.79
CA ASP A 8 -1.20 -24.88 3.62
C ASP A 8 -0.59 -23.74 2.79
N GLN A 9 0.42 -24.11 2.01
CA GLN A 9 1.08 -23.14 1.16
C GLN A 9 0.69 -23.35 -0.31
N GLU A 10 1.00 -22.35 -1.12
CA GLU A 10 0.69 -22.42 -2.54
C GLU A 10 1.91 -22.04 -3.37
N VAL A 11 2.79 -23.02 -3.57
CA VAL A 11 4.00 -22.79 -4.33
C VAL A 11 3.66 -22.83 -5.83
N ARG A 12 3.86 -24.00 -6.42
CA ARG A 12 3.58 -24.17 -7.83
C ARG A 12 4.00 -22.93 -8.61
N LEU A 13 5.28 -22.87 -8.92
CA LEU A 13 5.82 -21.74 -9.67
C LEU A 13 5.45 -20.44 -8.94
N GLU A 14 6.20 -20.15 -7.88
CA GLU A 14 5.95 -18.95 -7.11
C GLU A 14 6.20 -17.71 -7.97
N ASN A 15 5.22 -16.82 -7.97
CA ASN A 15 5.31 -15.60 -8.74
C ASN A 15 5.15 -14.40 -7.80
N ARG A 16 5.52 -13.23 -8.32
CA ARG A 16 5.43 -12.00 -7.54
C ARG A 16 4.77 -10.90 -8.37
N ILE A 17 3.77 -10.26 -7.79
CA ILE A 17 3.07 -9.19 -8.46
C ILE A 17 3.56 -7.85 -7.92
N THR A 18 3.45 -6.83 -8.76
CA THR A 18 3.87 -5.49 -8.39
C THR A 18 2.76 -4.48 -8.66
N PHE A 19 2.82 -3.37 -7.94
CA PHE A 19 1.82 -2.32 -8.10
C PHE A 19 2.39 -0.96 -7.70
N GLN A 20 1.71 0.09 -8.15
CA GLN A 20 2.14 1.44 -7.84
C GLN A 20 1.30 2.03 -6.72
N LEU A 21 1.81 3.11 -6.14
CA LEU A 21 1.12 3.77 -5.05
C LEU A 21 1.23 5.28 -5.23
N GLU A 22 0.15 5.97 -4.86
CA GLU A 22 0.11 7.41 -4.97
C GLU A 22 0.35 8.06 -3.60
N LEU A 23 1.48 8.76 -3.51
CA LEU A 23 1.84 9.43 -2.27
C LEU A 23 1.19 10.80 -2.23
N VAL A 24 -0.13 10.79 -2.07
CA VAL A 24 -0.90 12.03 -2.02
C VAL A 24 -0.13 13.05 -1.18
N GLY A 25 -0.30 14.31 -1.56
CA GLY A 25 0.37 15.40 -0.86
C GLY A 25 1.73 15.70 -1.48
N LEU A 26 2.34 14.65 -2.03
CA LEU A 26 3.64 14.79 -2.66
C LEU A 26 3.53 14.41 -4.14
N GLU A 27 2.32 14.07 -4.54
CA GLU A 27 2.06 13.68 -5.91
C GLU A 27 3.22 12.84 -6.46
N ARG A 28 3.61 11.85 -5.66
CA ARG A 28 4.69 10.96 -6.04
C ARG A 28 4.17 9.54 -6.23
N VAL A 29 4.59 8.93 -7.33
CA VAL A 29 4.18 7.57 -7.63
C VAL A 29 5.30 6.61 -7.26
N VAL A 30 4.96 5.65 -6.42
CA VAL A 30 5.93 4.66 -5.97
C VAL A 30 5.49 3.27 -6.44
N ARG A 31 6.44 2.34 -6.43
CA ARG A 31 6.16 0.98 -6.85
C ARG A 31 6.46 0.01 -5.70
N ILE A 32 5.59 -0.99 -5.58
CA ILE A 32 5.75 -1.99 -4.54
C ILE A 32 5.73 -3.39 -5.17
N SER A 33 6.64 -4.23 -4.69
CA SER A 33 6.75 -5.58 -5.20
C SER A 33 6.57 -6.59 -4.05
N ALA A 34 5.78 -7.62 -4.33
CA ALA A 34 5.53 -8.65 -3.34
C ALA A 34 4.66 -9.75 -3.98
N LYS A 35 4.63 -10.88 -3.30
CA LYS A 35 3.85 -12.01 -3.77
C LYS A 35 2.37 -11.62 -3.82
N PRO A 36 1.63 -12.30 -4.74
CA PRO A 36 0.22 -12.04 -4.90
C PRO A 36 -0.59 -12.65 -3.75
N THR A 37 -0.41 -13.95 -3.56
CA THR A 37 -1.11 -14.66 -2.51
C THR A 37 -1.21 -13.79 -1.25
N LYS A 38 -0.04 -13.33 -0.80
CA LYS A 38 0.03 -12.50 0.38
C LYS A 38 -1.07 -11.43 0.31
N ARG A 39 -1.29 -10.79 1.45
CA ARG A 39 -2.30 -9.75 1.52
C ARG A 39 -1.68 -8.38 1.25
N LEU A 40 -2.51 -7.35 1.40
CA LEU A 40 -2.05 -5.99 1.18
C LEU A 40 -1.35 -5.47 2.44
N GLN A 41 -1.76 -6.03 3.56
CA GLN A 41 -1.19 -5.64 4.84
C GLN A 41 0.11 -6.40 5.10
N GLU A 42 0.10 -7.67 4.73
CA GLU A 42 1.27 -8.51 4.91
C GLU A 42 2.36 -8.14 3.90
N ALA A 43 1.92 -7.58 2.78
CA ALA A 43 2.83 -7.17 1.73
C ALA A 43 3.38 -5.78 2.05
N LEU A 44 2.59 -5.04 2.82
CA LEU A 44 2.98 -3.69 3.20
C LEU A 44 3.72 -3.73 4.54
N GLN A 45 3.57 -4.86 5.22
CA GLN A 45 4.21 -5.04 6.52
C GLN A 45 5.70 -4.75 6.41
N PRO A 46 6.35 -5.39 5.40
CA PRO A 46 7.77 -5.22 5.18
C PRO A 46 8.06 -3.85 4.55
N ILE A 47 6.99 -3.13 4.26
CA ILE A 47 7.12 -1.81 3.66
C ILE A 47 6.95 -0.74 4.74
N LEU A 48 5.91 -0.90 5.54
CA LEU A 48 5.64 0.03 6.62
C LEU A 48 6.80 0.02 7.61
N ALA A 49 7.18 -1.18 8.01
CA ALA A 49 8.27 -1.34 8.96
C ALA A 49 9.55 -0.77 8.35
N LYS A 50 9.68 -0.93 7.04
CA LYS A 50 10.84 -0.43 6.33
C LYS A 50 10.69 1.07 6.10
N HIS A 51 9.49 1.56 6.35
CA HIS A 51 9.20 2.98 6.18
C HIS A 51 8.85 3.60 7.52
N GLY A 52 9.02 2.81 8.57
CA GLY A 52 8.74 3.27 9.92
C GLY A 52 7.25 3.58 10.09
N LEU A 53 6.46 3.11 9.12
CA LEU A 53 5.03 3.33 9.14
C LEU A 53 4.35 2.16 9.85
N SER A 54 3.05 2.07 9.66
CA SER A 54 2.27 1.00 10.26
C SER A 54 1.01 0.74 9.44
N LEU A 55 0.28 -0.28 9.85
CA LEU A 55 -0.95 -0.66 9.16
C LEU A 55 -2.12 0.16 9.72
N ASP A 56 -1.94 0.62 10.95
CA ASP A 56 -2.95 1.42 11.60
C ASP A 56 -2.56 2.90 11.55
N GLN A 57 -1.84 3.24 10.50
CA GLN A 57 -1.39 4.61 10.32
C GLN A 57 -1.70 5.09 8.90
N VAL A 58 -1.24 4.31 7.93
CA VAL A 58 -1.45 4.64 6.53
C VAL A 58 -2.80 4.06 6.08
N VAL A 59 -3.53 4.86 5.32
CA VAL A 59 -4.82 4.44 4.82
C VAL A 59 -4.73 4.22 3.31
N LEU A 60 -5.05 3.00 2.90
CA LEU A 60 -5.01 2.65 1.49
C LEU A 60 -6.41 2.74 0.90
N HIS A 61 -6.48 3.27 -0.31
CA HIS A 61 -7.75 3.42 -0.99
C HIS A 61 -7.52 4.00 -2.39
N ARG A 62 -7.97 3.24 -3.39
CA ARG A 62 -7.82 3.66 -4.78
C ARG A 62 -8.36 5.09 -4.96
N PRO A 63 -7.92 5.73 -6.08
CA PRO A 63 -8.36 7.08 -6.38
C PRO A 63 -9.80 7.10 -6.89
N GLY A 64 -10.70 7.54 -6.03
CA GLY A 64 -12.11 7.61 -6.38
C GLY A 64 -12.98 7.05 -5.26
N GLU A 65 -12.67 5.83 -4.86
CA GLU A 65 -13.41 5.17 -3.80
C GLU A 65 -13.62 6.14 -2.63
N LYS A 66 -14.61 5.81 -1.80
CA LYS A 66 -14.92 6.63 -0.64
C LYS A 66 -14.22 6.06 0.59
N GLN A 67 -14.70 4.89 1.02
CA GLN A 67 -14.12 4.24 2.18
C GLN A 67 -12.73 3.70 1.85
N PRO A 68 -11.96 3.39 2.93
CA PRO A 68 -10.62 2.87 2.77
C PRO A 68 -10.65 1.40 2.33
N MET A 69 -9.84 1.11 1.32
CA MET A 69 -9.76 -0.25 0.79
C MET A 69 -9.47 -1.25 1.91
N ASP A 70 -9.31 -2.50 1.51
CA ASP A 70 -9.02 -3.56 2.46
C ASP A 70 -7.66 -4.17 2.15
N LEU A 71 -6.86 -4.31 3.20
CA LEU A 71 -5.53 -4.87 3.05
C LEU A 71 -5.61 -6.39 3.06
N GLU A 72 -6.45 -6.90 3.94
CA GLU A 72 -6.65 -8.34 4.06
C GLU A 72 -6.69 -8.98 2.67
N ASN A 73 -7.13 -8.20 1.70
CA ASN A 73 -7.23 -8.68 0.33
C ASN A 73 -5.82 -8.93 -0.21
N PRO A 74 -5.74 -9.88 -1.18
CA PRO A 74 -4.47 -10.22 -1.79
C PRO A 74 -4.02 -9.14 -2.77
N VAL A 75 -2.73 -8.85 -2.75
CA VAL A 75 -2.16 -7.84 -3.63
C VAL A 75 -2.44 -8.23 -5.08
N SER A 76 -2.65 -9.51 -5.28
CA SER A 76 -2.92 -10.03 -6.62
C SER A 76 -4.09 -9.26 -7.24
N SER A 77 -4.93 -8.71 -6.37
CA SER A 77 -6.08 -7.96 -6.83
C SER A 77 -5.68 -6.51 -7.12
N VAL A 78 -4.72 -6.02 -6.33
CA VAL A 78 -4.23 -4.67 -6.48
C VAL A 78 -2.91 -4.69 -7.26
N ALA A 79 -2.88 -5.51 -8.30
CA ALA A 79 -1.69 -5.64 -9.13
C ALA A 79 -2.07 -5.40 -10.59
N SER A 80 -2.47 -4.18 -10.88
CA SER A 80 -2.87 -3.82 -12.23
C SER A 80 -2.99 -2.29 -12.35
N GLN A 81 -3.78 -1.72 -11.45
CA GLN A 81 -3.99 -0.28 -11.45
C GLN A 81 -3.14 0.37 -10.35
N THR A 82 -3.23 1.69 -10.29
CA THR A 82 -2.49 2.45 -9.31
C THR A 82 -3.35 2.70 -8.07
N LEU A 83 -2.70 2.64 -6.92
CA LEU A 83 -3.39 2.86 -5.65
C LEU A 83 -3.01 4.24 -5.10
N VAL A 84 -3.74 4.65 -4.08
CA VAL A 84 -3.50 5.94 -3.45
C VAL A 84 -3.34 5.75 -1.95
N LEU A 85 -2.26 6.30 -1.43
CA LEU A 85 -1.97 6.21 -0.01
C LEU A 85 -2.19 7.58 0.65
N ASP A 86 -2.77 7.54 1.83
CA ASP A 86 -3.04 8.76 2.57
C ASP A 86 -2.39 8.67 3.96
N THR A 87 -1.20 9.23 4.05
CA THR A 87 -0.46 9.21 5.31
C THR A 87 -1.20 10.03 6.37
N PRO A 88 -0.89 9.71 7.65
CA PRO A 88 -1.52 10.41 8.77
C PRO A 88 -0.94 11.81 8.93
N PRO A 89 -1.75 12.71 9.54
CA PRO A 89 -1.33 14.09 9.76
C PRO A 89 -0.33 14.17 10.91
N ASP A 90 0.75 13.42 10.77
CA ASP A 90 1.79 13.40 11.80
C ASP A 90 2.85 12.37 11.41
N ALA A 91 3.86 12.84 10.70
CA ALA A 91 4.95 11.97 10.27
C ALA A 91 6.27 12.73 10.39
N LYS A 92 6.39 13.78 9.60
CA LYS A 92 7.60 14.59 9.61
C LYS A 92 7.25 16.02 10.02
N MET A 93 6.45 16.66 9.17
CA MET A 93 6.03 18.03 9.44
C MET A 93 7.24 18.95 9.64
N SER A 94 6.97 20.24 9.66
CA SER A 94 8.02 21.22 9.84
C SER A 94 7.69 22.11 11.04
N GLU A 95 8.74 22.61 11.68
CA GLU A 95 8.59 23.48 12.84
C GLU A 95 7.41 24.43 12.63
N ALA A 96 6.32 24.13 13.32
CA ALA A 96 5.12 24.95 13.21
C ALA A 96 5.06 25.90 14.41
N ARG A 97 4.08 26.80 14.37
CA ARG A 97 3.91 27.77 15.43
C ARG A 97 2.53 28.43 15.33
N SER A 98 1.55 27.78 15.95
CA SER A 98 0.18 28.29 15.93
C SER A 98 -0.22 28.73 17.34
N SER A 99 -1.17 29.65 17.37
CA SER A 99 -1.66 30.17 18.64
C SER A 99 -2.85 29.34 19.12
N GLY A 100 -3.17 29.51 20.40
CA GLY A 100 -4.29 28.79 20.99
C GLY A 100 -4.68 29.39 22.34
N PRO A 101 -5.95 29.86 22.42
CA PRO A 101 -6.46 30.44 23.65
C PRO A 101 -6.75 29.37 24.70
N SER A 102 -6.96 29.84 25.92
CA SER A 102 -7.25 28.92 27.02
C SER A 102 -8.75 28.88 27.29
N SER A 103 -9.13 28.08 28.26
CA SER A 103 -10.53 27.93 28.62
C SER A 103 -10.68 28.00 30.15
N GLY A 104 -11.92 28.21 30.57
CA GLY A 104 -12.21 28.29 32.00
C GLY A 104 -11.91 29.69 32.54
N GLY A 1 2.36 6.58 -41.74
CA GLY A 1 2.29 6.18 -40.34
C GLY A 1 2.86 4.78 -40.14
N SER A 2 2.60 4.24 -38.95
CA SER A 2 3.09 2.91 -38.63
C SER A 2 2.43 2.42 -37.33
N SER A 3 2.64 1.15 -37.04
CA SER A 3 2.08 0.54 -35.86
C SER A 3 2.75 -0.81 -35.58
N GLY A 4 2.45 -1.35 -34.41
CA GLY A 4 3.02 -2.64 -34.02
C GLY A 4 2.02 -3.43 -33.16
N SER A 5 2.51 -4.53 -32.61
CA SER A 5 1.69 -5.37 -31.77
C SER A 5 2.58 -6.25 -30.89
N SER A 6 1.93 -6.93 -29.94
CA SER A 6 2.65 -7.80 -29.03
C SER A 6 1.67 -8.80 -28.39
N GLY A 7 2.24 -9.88 -27.88
CA GLY A 7 1.44 -10.91 -27.24
C GLY A 7 1.82 -11.08 -25.77
N ASP A 8 0.94 -11.75 -25.04
CA ASP A 8 1.18 -11.98 -23.62
C ASP A 8 0.05 -12.84 -23.06
N GLN A 9 -1.17 -12.42 -23.33
CA GLN A 9 -2.34 -13.15 -22.86
C GLN A 9 -2.33 -13.24 -21.33
N GLU A 10 -3.49 -13.56 -20.78
CA GLU A 10 -3.63 -13.68 -19.34
C GLU A 10 -4.27 -15.02 -18.98
N VAL A 11 -3.79 -15.60 -17.90
CA VAL A 11 -4.30 -16.88 -17.43
C VAL A 11 -4.47 -16.83 -15.91
N ARG A 12 -3.41 -16.43 -15.23
CA ARG A 12 -3.43 -16.34 -13.78
C ARG A 12 -2.20 -15.60 -13.27
N LEU A 13 -1.07 -15.92 -13.89
CA LEU A 13 0.19 -15.31 -13.52
C LEU A 13 0.47 -15.57 -12.03
N GLU A 14 1.14 -16.68 -11.78
CA GLU A 14 1.47 -17.06 -10.42
C GLU A 14 2.92 -16.67 -10.09
N ASN A 15 3.13 -15.37 -9.96
CA ASN A 15 4.45 -14.86 -9.65
C ASN A 15 4.33 -13.52 -8.93
N ARG A 16 5.41 -13.13 -8.28
CA ARG A 16 5.43 -11.86 -7.54
C ARG A 16 4.76 -10.76 -8.36
N ILE A 17 3.77 -10.13 -7.75
CA ILE A 17 3.04 -9.06 -8.41
C ILE A 17 3.53 -7.71 -7.88
N THR A 18 3.30 -6.68 -8.68
CA THR A 18 3.72 -5.34 -8.29
C THR A 18 2.62 -4.33 -8.65
N PHE A 19 2.68 -3.19 -7.97
CA PHE A 19 1.71 -2.14 -8.20
C PHE A 19 2.28 -0.76 -7.83
N GLN A 20 1.60 0.27 -8.28
CA GLN A 20 2.02 1.64 -8.00
C GLN A 20 1.19 2.23 -6.86
N LEU A 21 1.80 3.17 -6.15
CA LEU A 21 1.14 3.82 -5.04
C LEU A 21 1.19 5.34 -5.24
N GLU A 22 0.10 5.99 -4.88
CA GLU A 22 0.01 7.43 -5.02
C GLU A 22 0.30 8.11 -3.67
N LEU A 23 1.43 8.78 -3.62
CA LEU A 23 1.84 9.48 -2.41
C LEU A 23 1.14 10.83 -2.35
N VAL A 24 -0.17 10.78 -2.11
CA VAL A 24 -0.97 11.99 -2.02
C VAL A 24 -0.18 13.06 -1.26
N GLY A 25 -0.01 12.82 0.04
CA GLY A 25 0.72 13.75 0.88
C GLY A 25 1.99 14.24 0.18
N LEU A 26 2.56 13.35 -0.62
CA LEU A 26 3.78 13.68 -1.35
C LEU A 26 3.43 13.97 -2.81
N GLU A 27 4.44 13.83 -3.66
CA GLU A 27 4.26 14.07 -5.08
C GLU A 27 5.19 13.17 -5.90
N ARG A 28 4.85 11.88 -5.91
CA ARG A 28 5.64 10.91 -6.65
C ARG A 28 5.00 9.52 -6.55
N VAL A 29 4.89 8.87 -7.70
CA VAL A 29 4.30 7.55 -7.76
C VAL A 29 5.36 6.51 -7.36
N VAL A 30 5.07 5.81 -6.28
CA VAL A 30 5.98 4.78 -5.79
C VAL A 30 5.47 3.41 -6.21
N ARG A 31 6.40 2.46 -6.29
CA ARG A 31 6.06 1.11 -6.68
C ARG A 31 6.28 0.14 -5.51
N ILE A 32 5.48 -0.92 -5.50
CA ILE A 32 5.59 -1.91 -4.45
C ILE A 32 5.59 -3.31 -5.07
N SER A 33 6.54 -4.12 -4.62
CA SER A 33 6.68 -5.48 -5.12
C SER A 33 6.54 -6.47 -3.97
N ALA A 34 5.69 -7.47 -4.20
CA ALA A 34 5.47 -8.49 -3.20
C ALA A 34 4.58 -9.59 -3.78
N LYS A 35 4.73 -10.78 -3.23
CA LYS A 35 3.95 -11.93 -3.69
C LYS A 35 2.47 -11.53 -3.76
N PRO A 36 1.74 -12.21 -4.69
CA PRO A 36 0.32 -11.94 -4.86
C PRO A 36 -0.50 -12.54 -3.72
N THR A 37 -0.40 -13.86 -3.59
CA THR A 37 -1.12 -14.56 -2.54
C THR A 37 -1.14 -13.75 -1.26
N LYS A 38 0.03 -13.28 -0.86
CA LYS A 38 0.16 -12.48 0.34
C LYS A 38 -0.95 -11.43 0.37
N ARG A 39 -1.19 -10.90 1.56
CA ARG A 39 -2.22 -9.88 1.72
C ARG A 39 -1.64 -8.49 1.45
N LEU A 40 -2.50 -7.49 1.57
CA LEU A 40 -2.10 -6.11 1.34
C LEU A 40 -1.35 -5.59 2.57
N GLN A 41 -1.72 -6.14 3.72
CA GLN A 41 -1.10 -5.74 4.97
C GLN A 41 0.21 -6.50 5.18
N GLU A 42 0.22 -7.74 4.72
CA GLU A 42 1.39 -8.58 4.85
C GLU A 42 2.45 -8.18 3.82
N ALA A 43 1.98 -7.59 2.74
CA ALA A 43 2.87 -7.15 1.67
C ALA A 43 3.37 -5.74 1.99
N LEU A 44 2.59 -5.03 2.79
CA LEU A 44 2.95 -3.67 3.16
C LEU A 44 3.69 -3.70 4.50
N GLN A 45 3.54 -4.81 5.20
CA GLN A 45 4.19 -4.97 6.49
C GLN A 45 5.69 -4.68 6.38
N PRO A 46 6.33 -5.32 5.36
CA PRO A 46 7.75 -5.13 5.14
C PRO A 46 8.02 -3.78 4.49
N ILE A 47 6.95 -3.06 4.20
CA ILE A 47 7.06 -1.75 3.58
C ILE A 47 6.89 -0.67 4.66
N LEU A 48 5.91 -0.89 5.52
CA LEU A 48 5.64 0.05 6.60
C LEU A 48 6.76 -0.02 7.63
N ALA A 49 7.26 -1.23 7.83
CA ALA A 49 8.34 -1.45 8.78
C ALA A 49 9.62 -0.82 8.24
N LYS A 50 9.68 -0.69 6.93
CA LYS A 50 10.84 -0.10 6.28
C LYS A 50 10.59 1.39 6.04
N HIS A 51 9.32 1.76 6.12
CA HIS A 51 8.93 3.14 5.92
C HIS A 51 8.50 3.77 7.25
N GLY A 52 8.71 3.00 8.32
CA GLY A 52 8.35 3.46 9.64
C GLY A 52 6.87 3.82 9.72
N LEU A 53 6.09 3.15 8.89
CA LEU A 53 4.65 3.39 8.85
C LEU A 53 3.94 2.28 9.62
N SER A 54 2.62 2.27 9.49
CA SER A 54 1.81 1.27 10.17
C SER A 54 0.55 0.98 9.35
N LEU A 55 -0.01 -0.20 9.56
CA LEU A 55 -1.21 -0.62 8.86
C LEU A 55 -2.40 0.18 9.39
N ASP A 56 -2.30 0.57 10.66
CA ASP A 56 -3.36 1.33 11.30
C ASP A 56 -3.03 2.82 11.20
N GLN A 57 -1.98 3.11 10.45
CA GLN A 57 -1.56 4.49 10.25
C GLN A 57 -1.93 4.98 8.86
N VAL A 58 -1.39 4.30 7.87
CA VAL A 58 -1.65 4.64 6.48
C VAL A 58 -2.97 4.00 6.03
N VAL A 59 -3.72 4.74 5.24
CA VAL A 59 -4.99 4.25 4.74
C VAL A 59 -4.87 3.95 3.25
N LEU A 60 -5.11 2.70 2.89
CA LEU A 60 -5.02 2.27 1.51
C LEU A 60 -6.39 2.43 0.86
N HIS A 61 -6.38 2.93 -0.37
CA HIS A 61 -7.60 3.14 -1.12
C HIS A 61 -7.26 3.64 -2.53
N ARG A 62 -7.98 3.07 -3.50
CA ARG A 62 -7.76 3.44 -4.89
C ARG A 62 -8.18 4.89 -5.12
N PRO A 63 -7.74 5.44 -6.29
CA PRO A 63 -8.07 6.81 -6.64
C PRO A 63 -9.53 6.93 -7.09
N GLY A 64 -10.33 7.52 -6.22
CA GLY A 64 -11.75 7.70 -6.53
C GLY A 64 -12.62 7.09 -5.43
N GLU A 65 -12.19 5.94 -4.95
CA GLU A 65 -12.93 5.24 -3.90
C GLU A 65 -12.94 6.08 -2.62
N LYS A 66 -14.07 6.05 -1.94
CA LYS A 66 -14.23 6.80 -0.71
C LYS A 66 -13.97 5.87 0.48
N GLN A 67 -14.12 4.58 0.23
CA GLN A 67 -13.90 3.59 1.27
C GLN A 67 -12.48 3.02 1.16
N PRO A 68 -11.87 2.77 2.35
CA PRO A 68 -10.52 2.23 2.41
C PRO A 68 -10.52 0.74 2.06
N MET A 69 -9.69 0.39 1.09
CA MET A 69 -9.58 -0.99 0.66
C MET A 69 -9.06 -1.88 1.79
N ASP A 70 -9.64 -3.06 1.90
CA ASP A 70 -9.25 -4.02 2.91
C ASP A 70 -7.89 -4.62 2.55
N LEU A 71 -6.94 -4.47 3.47
CA LEU A 71 -5.61 -5.01 3.25
C LEU A 71 -5.66 -6.54 3.29
N GLU A 72 -6.67 -7.05 3.99
CA GLU A 72 -6.84 -8.49 4.10
C GLU A 72 -6.85 -9.13 2.72
N ASN A 73 -7.16 -8.31 1.72
CA ASN A 73 -7.21 -8.80 0.36
C ASN A 73 -5.79 -8.99 -0.17
N PRO A 74 -5.66 -9.94 -1.13
CA PRO A 74 -4.37 -10.24 -1.72
C PRO A 74 -3.95 -9.14 -2.71
N VAL A 75 -2.66 -8.85 -2.71
CA VAL A 75 -2.12 -7.84 -3.60
C VAL A 75 -2.36 -8.25 -5.05
N SER A 76 -2.69 -9.52 -5.22
CA SER A 76 -2.95 -10.06 -6.56
C SER A 76 -4.09 -9.29 -7.21
N SER A 77 -5.00 -8.80 -6.36
CA SER A 77 -6.14 -8.06 -6.85
C SER A 77 -5.75 -6.59 -7.09
N VAL A 78 -4.81 -6.13 -6.29
CA VAL A 78 -4.33 -4.76 -6.39
C VAL A 78 -3.05 -4.73 -7.24
N ALA A 79 -3.06 -5.53 -8.29
CA ALA A 79 -1.91 -5.60 -9.18
C ALA A 79 -2.36 -5.34 -10.61
N SER A 80 -2.92 -4.16 -10.81
CA SER A 80 -3.40 -3.76 -12.13
C SER A 80 -3.46 -2.23 -12.23
N GLN A 81 -4.26 -1.66 -11.34
CA GLN A 81 -4.43 -0.21 -11.32
C GLN A 81 -3.53 0.41 -10.24
N THR A 82 -3.51 1.74 -10.22
CA THR A 82 -2.70 2.45 -9.25
C THR A 82 -3.51 2.72 -7.99
N LEU A 83 -2.84 2.57 -6.85
CA LEU A 83 -3.48 2.80 -5.56
C LEU A 83 -3.09 4.18 -5.04
N VAL A 84 -3.79 4.59 -3.99
CA VAL A 84 -3.53 5.89 -3.38
C VAL A 84 -3.33 5.71 -1.88
N LEU A 85 -2.17 6.17 -1.42
CA LEU A 85 -1.84 6.07 0.00
C LEU A 85 -2.22 7.37 0.70
N ASP A 86 -2.76 7.23 1.90
CA ASP A 86 -3.18 8.37 2.68
C ASP A 86 -2.52 8.31 4.06
N THR A 87 -1.39 8.98 4.17
CA THR A 87 -0.65 9.01 5.42
C THR A 87 -1.44 9.76 6.49
N PRO A 88 -1.13 9.46 7.78
CA PRO A 88 -1.79 10.10 8.89
C PRO A 88 -1.30 11.54 9.07
N PRO A 89 -2.13 12.34 9.81
CA PRO A 89 -1.79 13.73 10.07
C PRO A 89 -0.68 13.83 11.12
N ASP A 90 0.44 13.20 10.82
CA ASP A 90 1.58 13.22 11.72
C ASP A 90 2.85 12.85 10.95
N ALA A 91 2.77 11.72 10.27
CA ALA A 91 3.90 11.23 9.49
C ALA A 91 4.04 12.09 8.22
N LYS A 92 4.29 13.37 8.43
CA LYS A 92 4.45 14.29 7.31
C LYS A 92 5.42 15.40 7.72
N MET A 93 5.73 16.26 6.76
CA MET A 93 6.64 17.37 6.99
C MET A 93 6.29 18.09 8.29
N SER A 94 5.06 18.60 8.34
CA SER A 94 4.61 19.32 9.51
C SER A 94 5.37 20.63 9.66
N GLU A 95 4.72 21.59 10.30
CA GLU A 95 5.32 22.90 10.51
C GLU A 95 4.76 23.55 11.77
N ALA A 96 5.63 24.24 12.49
CA ALA A 96 5.24 24.90 13.71
C ALA A 96 3.88 25.57 13.52
N ARG A 97 3.12 25.63 14.60
CA ARG A 97 1.80 26.23 14.56
C ARG A 97 1.15 26.17 15.94
N SER A 98 0.23 27.09 16.17
CA SER A 98 -0.48 27.15 17.45
C SER A 98 -1.81 26.41 17.33
N SER A 99 -2.62 26.83 16.36
CA SER A 99 -3.91 26.23 16.14
C SER A 99 -4.90 26.68 17.21
N GLY A 100 -4.56 26.38 18.46
CA GLY A 100 -5.41 26.75 19.58
C GLY A 100 -6.63 25.84 19.66
N PRO A 101 -6.53 24.82 20.54
CA PRO A 101 -7.62 23.87 20.73
C PRO A 101 -8.75 24.50 21.55
N SER A 102 -9.82 23.73 21.70
CA SER A 102 -10.97 24.20 22.45
C SER A 102 -11.63 25.38 21.72
N SER A 103 -12.83 25.70 22.17
CA SER A 103 -13.59 26.79 21.57
C SER A 103 -14.87 27.04 22.37
N GLY A 104 -14.82 28.07 23.20
CA GLY A 104 -15.97 28.43 24.02
C GLY A 104 -15.61 28.38 25.51
N GLY A 1 -15.41 -3.98 10.05
CA GLY A 1 -14.26 -4.88 10.03
C GLY A 1 -14.70 -6.33 10.23
N SER A 2 -13.77 -7.23 9.95
CA SER A 2 -14.04 -8.65 10.11
C SER A 2 -12.73 -9.43 10.24
N SER A 3 -12.86 -10.68 10.66
CA SER A 3 -11.69 -11.53 10.82
C SER A 3 -12.13 -13.00 10.93
N GLY A 4 -11.33 -13.86 10.34
CA GLY A 4 -11.61 -15.29 10.35
C GLY A 4 -11.06 -15.97 9.10
N SER A 5 -11.73 -17.06 8.72
CA SER A 5 -11.33 -17.80 7.53
C SER A 5 -9.95 -18.43 7.77
N SER A 6 -9.68 -19.47 7.00
CA SER A 6 -8.40 -20.17 7.11
C SER A 6 -8.20 -21.08 5.90
N GLY A 7 -6.97 -21.56 5.76
CA GLY A 7 -6.63 -22.43 4.65
C GLY A 7 -7.12 -21.84 3.32
N ASP A 8 -7.64 -22.73 2.48
CA ASP A 8 -8.15 -22.32 1.18
C ASP A 8 -7.02 -21.64 0.39
N GLN A 9 -7.22 -21.60 -0.92
CA GLN A 9 -6.24 -20.98 -1.80
C GLN A 9 -4.90 -21.71 -1.69
N GLU A 10 -4.04 -21.44 -2.66
CA GLU A 10 -2.72 -22.06 -2.68
C GLU A 10 -1.64 -21.01 -2.90
N VAL A 11 -0.44 -21.33 -2.45
CA VAL A 11 0.69 -20.42 -2.59
C VAL A 11 1.11 -20.36 -4.06
N ARG A 12 1.94 -19.38 -4.36
CA ARG A 12 2.42 -19.19 -5.72
C ARG A 12 1.25 -18.92 -6.66
N LEU A 13 1.13 -17.66 -7.04
CA LEU A 13 0.07 -17.24 -7.94
C LEU A 13 0.67 -16.56 -9.17
N GLU A 14 1.15 -17.38 -10.09
CA GLU A 14 1.75 -16.86 -11.30
C GLU A 14 3.17 -16.37 -11.03
N ASN A 15 3.26 -15.36 -10.16
CA ASN A 15 4.54 -14.79 -9.81
C ASN A 15 4.32 -13.49 -9.03
N ARG A 16 5.38 -13.05 -8.36
CA ARG A 16 5.32 -11.83 -7.58
C ARG A 16 4.65 -10.71 -8.39
N ILE A 17 3.67 -10.08 -7.77
CA ILE A 17 2.95 -9.00 -8.42
C ILE A 17 3.46 -7.65 -7.88
N THR A 18 3.24 -6.62 -8.67
CA THR A 18 3.67 -5.28 -8.28
C THR A 18 2.58 -4.26 -8.60
N PHE A 19 2.65 -3.13 -7.92
CA PHE A 19 1.68 -2.07 -8.12
C PHE A 19 2.26 -0.70 -7.73
N GLN A 20 1.56 0.35 -8.14
CA GLN A 20 2.00 1.70 -7.83
C GLN A 20 1.19 2.26 -6.67
N LEU A 21 1.78 3.25 -6.01
CA LEU A 21 1.12 3.89 -4.88
C LEU A 21 1.18 5.41 -5.05
N GLU A 22 0.06 6.04 -4.74
CA GLU A 22 -0.03 7.49 -4.86
C GLU A 22 0.22 8.15 -3.51
N LEU A 23 1.31 8.90 -3.44
CA LEU A 23 1.67 9.59 -2.21
C LEU A 23 0.90 10.90 -2.13
N VAL A 24 -0.40 10.78 -1.90
CA VAL A 24 -1.26 11.94 -1.79
C VAL A 24 -0.52 13.04 -1.01
N GLY A 25 -0.13 14.08 -1.74
CA GLY A 25 0.58 15.19 -1.13
C GLY A 25 2.00 15.31 -1.70
N LEU A 26 2.24 14.56 -2.76
CA LEU A 26 3.55 14.57 -3.40
C LEU A 26 3.39 14.20 -4.88
N GLU A 27 4.40 14.57 -5.66
CA GLU A 27 4.38 14.28 -7.09
C GLU A 27 5.35 13.14 -7.40
N ARG A 28 5.06 11.98 -6.85
CA ARG A 28 5.89 10.81 -7.07
C ARG A 28 5.06 9.53 -6.90
N VAL A 29 5.17 8.67 -7.90
CA VAL A 29 4.45 7.41 -7.87
C VAL A 29 5.38 6.29 -7.41
N VAL A 30 5.21 5.89 -6.16
CA VAL A 30 6.05 4.84 -5.60
C VAL A 30 5.51 3.48 -6.04
N ARG A 31 6.42 2.52 -6.13
CA ARG A 31 6.05 1.18 -6.54
C ARG A 31 6.25 0.19 -5.39
N ILE A 32 5.45 -0.86 -5.40
CA ILE A 32 5.54 -1.89 -4.37
C ILE A 32 5.55 -3.26 -5.01
N SER A 33 6.48 -4.09 -4.56
CA SER A 33 6.61 -5.43 -5.08
C SER A 33 6.48 -6.45 -3.96
N ALA A 34 5.70 -7.50 -4.22
CA ALA A 34 5.48 -8.55 -3.24
C ALA A 34 4.61 -9.64 -3.86
N LYS A 35 4.66 -10.80 -3.23
CA LYS A 35 3.88 -11.95 -3.70
C LYS A 35 2.41 -11.56 -3.75
N PRO A 36 1.66 -12.25 -4.65
CA PRO A 36 0.23 -12.00 -4.81
C PRO A 36 -0.56 -12.59 -3.64
N THR A 37 -0.35 -13.88 -3.42
CA THR A 37 -1.04 -14.57 -2.35
C THR A 37 -1.15 -13.67 -1.11
N LYS A 38 0.02 -13.21 -0.66
CA LYS A 38 0.07 -12.34 0.51
C LYS A 38 -1.05 -11.30 0.41
N ARG A 39 -1.31 -10.66 1.54
CA ARG A 39 -2.33 -9.64 1.61
C ARG A 39 -1.73 -8.25 1.34
N LEU A 40 -2.58 -7.24 1.47
CA LEU A 40 -2.13 -5.87 1.25
C LEU A 40 -1.47 -5.34 2.52
N GLN A 41 -1.81 -5.97 3.64
CA GLN A 41 -1.25 -5.58 4.92
C GLN A 41 0.06 -6.33 5.19
N GLU A 42 0.07 -7.59 4.75
CA GLU A 42 1.25 -8.43 4.94
C GLU A 42 2.32 -8.07 3.90
N ALA A 43 1.87 -7.55 2.78
CA ALA A 43 2.78 -7.16 1.71
C ALA A 43 3.34 -5.77 2.01
N LEU A 44 2.56 -5.01 2.78
CA LEU A 44 2.97 -3.66 3.14
C LEU A 44 3.73 -3.69 4.46
N GLN A 45 3.59 -4.82 5.16
CA GLN A 45 4.26 -5.00 6.43
C GLN A 45 5.76 -4.69 6.30
N PRO A 46 6.38 -5.31 5.27
CA PRO A 46 7.80 -5.11 5.03
C PRO A 46 8.06 -3.74 4.40
N ILE A 47 6.97 -3.03 4.14
CA ILE A 47 7.06 -1.71 3.54
C ILE A 47 6.91 -0.64 4.63
N LEU A 48 5.88 -0.83 5.45
CA LEU A 48 5.60 0.10 6.53
C LEU A 48 6.78 0.09 7.51
N ALA A 49 7.24 -1.11 7.83
CA ALA A 49 8.35 -1.27 8.76
C ALA A 49 9.61 -0.66 8.14
N LYS A 50 9.66 -0.72 6.82
CA LYS A 50 10.81 -0.18 6.09
C LYS A 50 10.57 1.31 5.82
N HIS A 51 9.41 1.78 6.26
CA HIS A 51 9.05 3.18 6.06
C HIS A 51 8.67 3.80 7.41
N GLY A 52 8.84 3.02 8.46
CA GLY A 52 8.52 3.47 9.80
C GLY A 52 7.02 3.74 9.94
N LEU A 53 6.26 3.20 8.99
CA LEU A 53 4.82 3.38 8.99
C LEU A 53 4.17 2.17 9.68
N SER A 54 2.85 2.08 9.52
CA SER A 54 2.11 0.99 10.12
C SER A 54 0.85 0.71 9.29
N LEU A 55 0.10 -0.29 9.74
CA LEU A 55 -1.12 -0.67 9.06
C LEU A 55 -2.30 0.13 9.62
N ASP A 56 -2.06 0.71 10.80
CA ASP A 56 -3.08 1.50 11.46
C ASP A 56 -2.72 2.99 11.37
N GLN A 57 -1.78 3.27 10.47
CA GLN A 57 -1.33 4.64 10.27
C GLN A 57 -1.64 5.10 8.84
N VAL A 58 -1.36 4.21 7.90
CA VAL A 58 -1.60 4.51 6.50
C VAL A 58 -2.87 3.80 6.03
N VAL A 59 -3.53 4.40 5.06
CA VAL A 59 -4.76 3.84 4.54
C VAL A 59 -4.60 3.60 3.03
N LEU A 60 -4.83 2.36 2.63
CA LEU A 60 -4.71 1.98 1.23
C LEU A 60 -6.09 2.10 0.57
N HIS A 61 -6.08 2.61 -0.66
CA HIS A 61 -7.31 2.77 -1.41
C HIS A 61 -6.99 3.29 -2.81
N ARG A 62 -7.81 2.89 -3.76
CA ARG A 62 -7.64 3.30 -5.14
C ARG A 62 -8.14 4.73 -5.34
N PRO A 63 -7.62 5.38 -6.41
CA PRO A 63 -8.02 6.75 -6.72
C PRO A 63 -9.42 6.79 -7.33
N GLY A 64 -10.37 7.16 -6.49
CA GLY A 64 -11.76 7.25 -6.92
C GLY A 64 -12.70 6.57 -5.92
N GLU A 65 -12.26 5.41 -5.45
CA GLU A 65 -13.05 4.65 -4.50
C GLU A 65 -13.50 5.55 -3.34
N LYS A 66 -14.69 5.27 -2.84
CA LYS A 66 -15.25 6.04 -1.74
C LYS A 66 -14.53 5.66 -0.45
N GLN A 67 -14.80 4.46 0.02
CA GLN A 67 -14.20 3.97 1.25
C GLN A 67 -12.81 3.39 0.96
N PRO A 68 -11.99 3.28 2.04
CA PRO A 68 -10.65 2.74 1.91
C PRO A 68 -10.68 1.22 1.72
N MET A 69 -9.86 0.76 0.79
CA MET A 69 -9.78 -0.67 0.50
C MET A 69 -9.29 -1.44 1.73
N ASP A 70 -9.67 -2.71 1.78
CA ASP A 70 -9.28 -3.57 2.88
C ASP A 70 -7.98 -4.31 2.50
N LEU A 71 -6.95 -4.04 3.28
CA LEU A 71 -5.66 -4.67 3.06
C LEU A 71 -5.83 -6.20 3.06
N GLU A 72 -6.85 -6.64 3.77
CA GLU A 72 -7.13 -8.06 3.87
C GLU A 72 -7.12 -8.70 2.48
N ASN A 73 -7.36 -7.87 1.48
CA ASN A 73 -7.38 -8.34 0.11
C ASN A 73 -5.94 -8.62 -0.35
N PRO A 74 -5.81 -9.65 -1.23
CA PRO A 74 -4.51 -10.03 -1.75
C PRO A 74 -4.03 -9.03 -2.80
N VAL A 75 -2.74 -8.72 -2.73
CA VAL A 75 -2.14 -7.79 -3.67
C VAL A 75 -2.39 -8.28 -5.10
N SER A 76 -2.69 -9.57 -5.19
CA SER A 76 -2.95 -10.17 -6.50
C SER A 76 -4.13 -9.49 -7.17
N SER A 77 -4.97 -8.87 -6.35
CA SER A 77 -6.14 -8.18 -6.85
C SER A 77 -5.80 -6.70 -7.13
N VAL A 78 -4.68 -6.28 -6.57
CA VAL A 78 -4.23 -4.91 -6.74
C VAL A 78 -2.95 -4.90 -7.57
N ALA A 79 -2.88 -5.84 -8.50
CA ALA A 79 -1.71 -5.95 -9.37
C ALA A 79 -1.96 -5.18 -10.66
N SER A 80 -2.85 -4.19 -10.56
CA SER A 80 -3.18 -3.37 -11.72
C SER A 80 -3.63 -1.99 -11.26
N GLN A 81 -3.29 -0.99 -12.07
CA GLN A 81 -3.65 0.38 -11.76
C GLN A 81 -2.77 0.92 -10.63
N THR A 82 -2.99 2.18 -10.31
CA THR A 82 -2.22 2.83 -9.25
C THR A 82 -3.11 3.10 -8.03
N LEU A 83 -2.65 2.62 -6.88
CA LEU A 83 -3.39 2.79 -5.65
C LEU A 83 -3.05 4.15 -5.05
N VAL A 84 -3.75 4.48 -3.97
CA VAL A 84 -3.54 5.75 -3.30
C VAL A 84 -3.27 5.50 -1.81
N LEU A 85 -2.29 6.22 -1.29
CA LEU A 85 -1.93 6.08 0.11
C LEU A 85 -2.33 7.36 0.86
N ASP A 86 -2.85 7.15 2.06
CA ASP A 86 -3.28 8.27 2.88
C ASP A 86 -2.60 8.17 4.25
N THR A 87 -1.49 8.89 4.37
CA THR A 87 -0.74 8.89 5.62
C THR A 87 -1.49 9.69 6.69
N PRO A 88 -1.16 9.37 7.98
CA PRO A 88 -1.78 10.05 9.09
C PRO A 88 -1.24 11.47 9.26
N PRO A 89 -2.01 12.30 10.02
CA PRO A 89 -1.61 13.67 10.27
C PRO A 89 -0.46 13.74 11.28
N ASP A 90 0.23 14.87 11.28
CA ASP A 90 1.33 15.07 12.18
C ASP A 90 2.21 13.82 12.21
N ALA A 91 3.22 13.83 11.35
CA ALA A 91 4.13 12.70 11.25
C ALA A 91 5.53 13.21 10.88
N LYS A 92 6.19 13.81 11.86
CA LYS A 92 7.53 14.35 11.64
C LYS A 92 7.53 15.18 10.35
N MET A 93 6.84 16.31 10.42
CA MET A 93 6.77 17.20 9.28
C MET A 93 8.09 17.93 9.06
N SER A 94 8.53 18.62 10.10
CA SER A 94 9.78 19.36 10.04
C SER A 94 9.87 20.11 8.72
N GLU A 95 9.12 21.21 8.64
CA GLU A 95 9.11 22.03 7.44
C GLU A 95 8.22 23.26 7.64
N ALA A 96 8.81 24.28 8.22
CA ALA A 96 8.08 25.52 8.47
C ALA A 96 7.93 26.29 7.17
N ARG A 97 6.78 26.96 7.04
CA ARG A 97 6.51 27.74 5.85
C ARG A 97 5.11 28.35 5.93
N SER A 98 5.05 29.54 6.51
CA SER A 98 3.78 30.24 6.66
C SER A 98 2.73 29.31 7.25
N SER A 99 2.58 29.40 8.57
CA SER A 99 1.61 28.56 9.27
C SER A 99 0.31 28.51 8.49
N GLY A 100 -0.26 29.69 8.27
CA GLY A 100 -1.52 29.79 7.54
C GLY A 100 -2.65 29.08 8.29
N PRO A 101 -3.90 29.48 7.95
CA PRO A 101 -5.08 28.89 8.58
C PRO A 101 -5.33 27.48 8.04
N SER A 102 -5.71 26.60 8.96
CA SER A 102 -5.99 25.22 8.59
C SER A 102 -7.13 24.67 9.47
N SER A 103 -8.19 24.26 8.80
CA SER A 103 -9.34 23.72 9.49
C SER A 103 -9.90 24.76 10.47
N GLY A 104 -11.15 24.54 10.88
CA GLY A 104 -11.80 25.43 11.81
C GLY A 104 -11.41 25.11 13.25
N GLY A 1 -19.92 1.73 -5.98
CA GLY A 1 -18.77 0.86 -6.23
C GLY A 1 -18.95 -0.48 -5.49
N SER A 2 -18.33 -0.55 -4.31
CA SER A 2 -18.40 -1.75 -3.50
C SER A 2 -17.79 -2.93 -4.27
N SER A 3 -16.68 -3.42 -3.74
CA SER A 3 -15.98 -4.54 -4.34
C SER A 3 -15.14 -5.27 -3.30
N GLY A 4 -15.03 -6.58 -3.48
CA GLY A 4 -14.24 -7.40 -2.56
C GLY A 4 -15.11 -7.91 -1.42
N SER A 5 -15.52 -9.16 -1.54
CA SER A 5 -16.35 -9.79 -0.53
C SER A 5 -16.21 -11.31 -0.60
N SER A 6 -16.51 -11.84 -1.78
CA SER A 6 -16.42 -13.28 -1.99
C SER A 6 -15.06 -13.80 -1.54
N GLY A 7 -15.02 -15.08 -1.23
CA GLY A 7 -13.79 -15.71 -0.80
C GLY A 7 -13.57 -17.05 -1.50
N ASP A 8 -12.38 -17.20 -2.06
CA ASP A 8 -12.04 -18.42 -2.76
C ASP A 8 -10.62 -18.86 -2.35
N GLN A 9 -10.09 -19.79 -3.13
CA GLN A 9 -8.75 -20.31 -2.86
C GLN A 9 -7.72 -19.59 -3.74
N GLU A 10 -7.94 -18.29 -3.91
CA GLU A 10 -7.04 -17.49 -4.73
C GLU A 10 -6.83 -18.15 -6.10
N VAL A 11 -5.83 -17.64 -6.81
CA VAL A 11 -5.51 -18.17 -8.12
C VAL A 11 -4.00 -18.13 -8.32
N ARG A 12 -3.54 -18.88 -9.31
CA ARG A 12 -2.12 -18.94 -9.62
C ARG A 12 -1.33 -19.36 -8.38
N LEU A 13 -0.07 -19.71 -8.61
CA LEU A 13 0.79 -20.13 -7.53
C LEU A 13 2.25 -19.86 -7.91
N GLU A 14 3.03 -19.46 -6.92
CA GLU A 14 4.43 -19.17 -7.14
C GLU A 14 4.59 -18.05 -8.17
N ASN A 15 4.78 -16.83 -7.66
CA ASN A 15 4.94 -15.68 -8.52
C ASN A 15 4.99 -14.41 -7.66
N ARG A 16 5.23 -13.29 -8.32
CA ARG A 16 5.30 -12.01 -7.63
C ARG A 16 4.64 -10.93 -8.47
N ILE A 17 3.72 -10.20 -7.84
CA ILE A 17 3.02 -9.12 -8.51
C ILE A 17 3.53 -7.78 -7.99
N THR A 18 3.45 -6.78 -8.85
CA THR A 18 3.89 -5.44 -8.50
C THR A 18 2.80 -4.42 -8.81
N PHE A 19 2.82 -3.33 -8.05
CA PHE A 19 1.85 -2.26 -8.25
C PHE A 19 2.42 -0.91 -7.80
N GLN A 20 1.75 0.14 -8.23
CA GLN A 20 2.17 1.50 -7.88
C GLN A 20 1.31 2.04 -6.74
N LEU A 21 1.81 3.10 -6.12
CA LEU A 21 1.10 3.73 -5.02
C LEU A 21 1.19 5.25 -5.17
N GLU A 22 0.13 5.91 -4.73
CA GLU A 22 0.09 7.37 -4.80
C GLU A 22 0.35 7.98 -3.42
N LEU A 23 1.42 8.77 -3.37
CA LEU A 23 1.79 9.43 -2.12
C LEU A 23 1.13 10.81 -2.06
N VAL A 24 -0.15 10.80 -1.79
CA VAL A 24 -0.91 12.03 -1.69
C VAL A 24 -0.25 12.95 -0.66
N GLY A 25 0.43 13.97 -1.17
CA GLY A 25 1.11 14.92 -0.32
C GLY A 25 2.33 15.53 -1.02
N LEU A 26 3.39 14.74 -1.06
CA LEU A 26 4.62 15.18 -1.70
C LEU A 26 4.41 15.22 -3.22
N GLU A 27 3.54 14.35 -3.69
CA GLU A 27 3.25 14.28 -5.11
C GLU A 27 4.28 13.40 -5.82
N ARG A 28 3.93 12.13 -5.97
CA ARG A 28 4.81 11.18 -6.63
C ARG A 28 4.17 9.80 -6.66
N VAL A 29 4.76 8.93 -7.47
CA VAL A 29 4.27 7.57 -7.60
C VAL A 29 5.37 6.58 -7.20
N VAL A 30 5.00 5.64 -6.35
CA VAL A 30 5.95 4.64 -5.89
C VAL A 30 5.48 3.25 -6.37
N ARG A 31 6.42 2.32 -6.33
CA ARG A 31 6.13 0.96 -6.76
C ARG A 31 6.38 -0.02 -5.61
N ILE A 32 5.51 -1.02 -5.53
CA ILE A 32 5.63 -2.03 -4.49
C ILE A 32 5.61 -3.42 -5.13
N SER A 33 6.54 -4.25 -4.69
CA SER A 33 6.65 -5.60 -5.20
C SER A 33 6.53 -6.61 -4.06
N ALA A 34 5.72 -7.63 -4.29
CA ALA A 34 5.51 -8.67 -3.30
C ALA A 34 4.59 -9.75 -3.87
N LYS A 35 4.72 -10.95 -3.32
CA LYS A 35 3.91 -12.07 -3.76
C LYS A 35 2.44 -11.64 -3.81
N PRO A 36 1.67 -12.30 -4.73
CA PRO A 36 0.27 -11.99 -4.90
C PRO A 36 -0.55 -12.57 -3.74
N THR A 37 -0.48 -13.89 -3.61
CA THR A 37 -1.21 -14.58 -2.56
C THR A 37 -1.20 -13.74 -1.27
N LYS A 38 0.00 -13.36 -0.85
CA LYS A 38 0.15 -12.57 0.35
C LYS A 38 -0.94 -11.50 0.40
N ARG A 39 -1.24 -11.05 1.62
CA ARG A 39 -2.25 -10.03 1.81
C ARG A 39 -1.70 -8.65 1.46
N LEU A 40 -2.52 -7.64 1.70
CA LEU A 40 -2.12 -6.28 1.41
C LEU A 40 -1.35 -5.71 2.62
N GLN A 41 -1.65 -6.28 3.78
CA GLN A 41 -0.99 -5.84 5.00
C GLN A 41 0.35 -6.58 5.17
N GLU A 42 0.32 -7.86 4.81
CA GLU A 42 1.52 -8.68 4.92
C GLU A 42 2.54 -8.28 3.86
N ALA A 43 2.03 -7.68 2.79
CA ALA A 43 2.89 -7.25 1.70
C ALA A 43 3.40 -5.84 1.99
N LEU A 44 2.63 -5.12 2.79
CA LEU A 44 2.99 -3.75 3.16
C LEU A 44 3.70 -3.77 4.52
N GLN A 45 3.54 -4.88 5.21
CA GLN A 45 4.17 -5.03 6.52
C GLN A 45 5.66 -4.73 6.44
N PRO A 46 6.32 -5.40 5.45
CA PRO A 46 7.75 -5.21 5.26
C PRO A 46 8.04 -3.85 4.60
N ILE A 47 6.97 -3.15 4.27
CA ILE A 47 7.10 -1.84 3.65
C ILE A 47 6.91 -0.75 4.70
N LEU A 48 5.91 -0.96 5.55
CA LEU A 48 5.61 -0.01 6.61
C LEU A 48 6.69 -0.10 7.69
N ALA A 49 7.32 -1.27 7.76
CA ALA A 49 8.36 -1.49 8.74
C ALA A 49 9.65 -0.80 8.29
N LYS A 50 9.82 -0.77 6.97
CA LYS A 50 11.00 -0.15 6.38
C LYS A 50 10.69 1.31 6.07
N HIS A 51 9.47 1.71 6.41
CA HIS A 51 9.04 3.08 6.17
C HIS A 51 8.58 3.71 7.48
N GLY A 52 8.75 2.95 8.56
CA GLY A 52 8.36 3.42 9.88
C GLY A 52 6.88 3.78 9.91
N LEU A 53 6.13 3.15 9.02
CA LEU A 53 4.69 3.39 8.94
C LEU A 53 3.96 2.30 9.72
N SER A 54 2.64 2.26 9.52
CA SER A 54 1.81 1.27 10.19
C SER A 54 0.63 0.89 9.29
N LEU A 55 -0.13 -0.09 9.77
CA LEU A 55 -1.30 -0.54 9.02
C LEU A 55 -2.54 0.18 9.54
N ASP A 56 -2.38 0.83 10.68
CA ASP A 56 -3.49 1.56 11.28
C ASP A 56 -3.18 3.06 11.24
N GLN A 57 -2.08 3.39 10.56
CA GLN A 57 -1.67 4.78 10.44
C GLN A 57 -2.01 5.31 9.04
N VAL A 58 -1.66 4.52 8.04
CA VAL A 58 -1.92 4.90 6.66
C VAL A 58 -3.30 4.41 6.26
N VAL A 59 -3.72 4.83 5.07
CA VAL A 59 -5.02 4.44 4.55
C VAL A 59 -4.91 4.19 3.05
N LEU A 60 -5.30 2.99 2.64
CA LEU A 60 -5.25 2.62 1.25
C LEU A 60 -6.66 2.69 0.65
N HIS A 61 -6.72 3.21 -0.57
CA HIS A 61 -8.00 3.33 -1.26
C HIS A 61 -7.75 3.78 -2.70
N ARG A 62 -8.15 2.92 -3.63
CA ARG A 62 -7.98 3.22 -5.05
C ARG A 62 -8.49 4.62 -5.36
N PRO A 63 -7.95 5.19 -6.46
CA PRO A 63 -8.34 6.53 -6.88
C PRO A 63 -9.72 6.52 -7.53
N GLY A 64 -10.72 6.79 -6.72
CA GLY A 64 -12.10 6.80 -7.20
C GLY A 64 -13.07 6.34 -6.11
N GLU A 65 -12.67 5.29 -5.43
CA GLU A 65 -13.50 4.73 -4.36
C GLU A 65 -13.73 5.78 -3.27
N LYS A 66 -14.65 5.46 -2.38
CA LYS A 66 -14.98 6.36 -1.29
C LYS A 66 -14.30 5.87 0.00
N GLN A 67 -14.87 4.81 0.56
CA GLN A 67 -14.34 4.23 1.78
C GLN A 67 -12.97 3.58 1.51
N PRO A 68 -12.21 3.38 2.61
CA PRO A 68 -10.89 2.77 2.50
C PRO A 68 -11.00 1.27 2.27
N MET A 69 -10.11 0.76 1.42
CA MET A 69 -10.10 -0.66 1.11
C MET A 69 -9.61 -1.48 2.30
N ASP A 70 -9.63 -2.79 2.12
CA ASP A 70 -9.18 -3.70 3.17
C ASP A 70 -7.86 -4.36 2.76
N LEU A 71 -7.01 -4.55 3.74
CA LEU A 71 -5.71 -5.16 3.49
C LEU A 71 -5.84 -6.68 3.61
N GLU A 72 -7.06 -7.12 3.86
CA GLU A 72 -7.33 -8.55 4.00
C GLU A 72 -7.37 -9.21 2.62
N ASN A 73 -7.22 -8.38 1.60
CA ASN A 73 -7.23 -8.88 0.23
C ASN A 73 -5.79 -9.05 -0.25
N PRO A 74 -5.62 -9.99 -1.21
CA PRO A 74 -4.30 -10.27 -1.78
C PRO A 74 -3.88 -9.16 -2.74
N VAL A 75 -2.60 -8.81 -2.67
CA VAL A 75 -2.05 -7.77 -3.52
C VAL A 75 -2.38 -8.10 -4.98
N SER A 76 -2.65 -9.37 -5.23
CA SER A 76 -2.98 -9.82 -6.56
C SER A 76 -4.12 -8.99 -7.14
N SER A 77 -4.89 -8.39 -6.24
CA SER A 77 -6.00 -7.56 -6.63
C SER A 77 -5.53 -6.13 -6.94
N VAL A 78 -4.60 -5.67 -6.11
CA VAL A 78 -4.05 -4.34 -6.28
C VAL A 78 -2.79 -4.42 -7.15
N ALA A 79 -2.85 -5.31 -8.12
CA ALA A 79 -1.72 -5.50 -9.02
C ALA A 79 -2.19 -5.29 -10.47
N SER A 80 -2.73 -4.10 -10.71
CA SER A 80 -3.23 -3.78 -12.05
C SER A 80 -3.35 -2.26 -12.19
N GLN A 81 -4.08 -1.67 -11.25
CA GLN A 81 -4.29 -0.23 -11.27
C GLN A 81 -3.39 0.44 -10.24
N THR A 82 -3.49 1.77 -10.19
CA THR A 82 -2.68 2.54 -9.25
C THR A 82 -3.44 2.77 -7.95
N LEU A 83 -2.73 2.60 -6.85
CA LEU A 83 -3.32 2.78 -5.53
C LEU A 83 -3.02 4.20 -5.03
N VAL A 84 -3.78 4.60 -4.03
CA VAL A 84 -3.60 5.93 -3.46
C VAL A 84 -3.42 5.80 -1.93
N LEU A 85 -2.27 6.25 -1.47
CA LEU A 85 -1.97 6.19 -0.05
C LEU A 85 -2.13 7.59 0.57
N ASP A 86 -2.73 7.62 1.75
CA ASP A 86 -2.95 8.87 2.45
C ASP A 86 -2.35 8.78 3.84
N THR A 87 -1.09 9.18 3.94
CA THR A 87 -0.38 9.15 5.21
C THR A 87 -1.12 9.99 6.24
N PRO A 88 -0.84 9.70 7.55
CA PRO A 88 -1.47 10.42 8.64
C PRO A 88 -0.86 11.82 8.79
N PRO A 89 -1.70 12.74 9.35
CA PRO A 89 -1.26 14.11 9.56
C PRO A 89 -0.30 14.20 10.75
N ASP A 90 0.77 13.42 10.65
CA ASP A 90 1.77 13.41 11.71
C ASP A 90 2.54 12.08 11.66
N ALA A 91 3.62 12.09 10.89
CA ALA A 91 4.44 10.90 10.75
C ALA A 91 5.54 10.91 11.82
N LYS A 92 5.54 9.86 12.63
CA LYS A 92 6.52 9.74 13.69
C LYS A 92 6.51 8.30 14.22
N MET A 93 7.67 7.68 14.17
CA MET A 93 7.81 6.31 14.64
C MET A 93 9.25 6.01 15.05
N SER A 94 9.38 5.12 16.02
CA SER A 94 10.70 4.74 16.52
C SER A 94 10.56 3.74 17.66
N GLU A 95 9.84 4.17 18.70
CA GLU A 95 9.63 3.33 19.86
C GLU A 95 8.91 2.03 19.45
N ALA A 96 9.29 0.96 20.10
CA ALA A 96 8.71 -0.34 19.83
C ALA A 96 9.14 -1.34 20.90
N ARG A 97 8.70 -2.58 20.72
CA ARG A 97 9.03 -3.63 21.66
C ARG A 97 8.35 -3.38 23.01
N SER A 98 8.09 -4.46 23.73
CA SER A 98 7.45 -4.37 25.03
C SER A 98 8.26 -5.14 26.07
N SER A 99 8.41 -6.44 25.81
CA SER A 99 9.16 -7.30 26.71
C SER A 99 9.27 -8.70 26.11
N GLY A 100 10.24 -9.44 26.63
CA GLY A 100 10.46 -10.81 26.15
C GLY A 100 10.78 -11.74 27.32
N PRO A 101 9.75 -11.97 28.17
CA PRO A 101 9.90 -12.84 29.32
C PRO A 101 9.91 -14.31 28.89
N SER A 102 11.09 -14.76 28.49
CA SER A 102 11.25 -16.14 28.06
C SER A 102 12.73 -16.51 28.02
N SER A 103 13.00 -17.77 28.35
CA SER A 103 14.37 -18.26 28.37
C SER A 103 15.03 -18.01 27.01
N GLY A 104 16.10 -17.21 27.05
CA GLY A 104 16.82 -16.89 25.84
C GLY A 104 15.88 -16.39 24.74
N GLY A 1 19.36 -38.12 18.08
CA GLY A 1 19.69 -38.10 16.66
C GLY A 1 18.48 -37.67 15.82
N SER A 2 18.40 -38.25 14.63
CA SER A 2 17.31 -37.93 13.73
C SER A 2 17.40 -36.47 13.29
N SER A 3 17.33 -36.27 11.98
CA SER A 3 17.40 -34.93 11.42
C SER A 3 17.24 -34.99 9.90
N GLY A 4 16.74 -33.90 9.34
CA GLY A 4 16.53 -33.81 7.91
C GLY A 4 15.22 -33.08 7.58
N SER A 5 15.37 -31.96 6.90
CA SER A 5 14.21 -31.17 6.51
C SER A 5 14.51 -30.40 5.22
N SER A 6 13.71 -30.69 4.20
CA SER A 6 13.87 -30.03 2.92
C SER A 6 12.79 -30.51 1.95
N GLY A 7 12.41 -29.61 1.05
CA GLY A 7 11.39 -29.93 0.06
C GLY A 7 11.09 -28.72 -0.83
N ASP A 8 9.92 -28.15 -0.63
CA ASP A 8 9.50 -26.99 -1.41
C ASP A 8 10.68 -26.03 -1.54
N GLN A 9 10.78 -25.43 -2.72
CA GLN A 9 11.86 -24.48 -2.99
C GLN A 9 11.47 -23.57 -4.16
N GLU A 10 12.33 -22.59 -4.40
CA GLU A 10 12.09 -21.64 -5.48
C GLU A 10 13.15 -20.55 -5.46
N VAL A 11 13.59 -20.15 -6.66
CA VAL A 11 14.59 -19.13 -6.79
C VAL A 11 14.10 -18.07 -7.77
N ARG A 12 13.57 -18.54 -8.90
CA ARG A 12 13.06 -17.65 -9.92
C ARG A 12 11.81 -18.24 -10.56
N LEU A 13 10.66 -17.78 -10.10
CA LEU A 13 9.39 -18.26 -10.63
C LEU A 13 8.44 -17.07 -10.79
N GLU A 14 7.83 -16.99 -11.97
CA GLU A 14 6.90 -15.92 -12.26
C GLU A 14 5.66 -16.05 -11.39
N ASN A 15 5.38 -14.99 -10.64
CA ASN A 15 4.22 -14.98 -9.76
C ASN A 15 4.16 -13.62 -9.05
N ARG A 16 5.24 -13.27 -8.39
CA ARG A 16 5.31 -12.01 -7.67
C ARG A 16 4.68 -10.89 -8.50
N ILE A 17 3.72 -10.21 -7.90
CA ILE A 17 3.04 -9.12 -8.57
C ILE A 17 3.53 -7.79 -8.00
N THR A 18 3.46 -6.76 -8.84
CA THR A 18 3.89 -5.44 -8.44
C THR A 18 2.82 -4.40 -8.77
N PHE A 19 2.86 -3.29 -8.04
CA PHE A 19 1.90 -2.23 -8.25
C PHE A 19 2.47 -0.88 -7.79
N GLN A 20 1.80 0.18 -8.20
CA GLN A 20 2.23 1.52 -7.84
C GLN A 20 1.38 2.07 -6.69
N LEU A 21 1.90 3.09 -6.03
CA LEU A 21 1.21 3.70 -4.92
C LEU A 21 1.26 5.23 -5.06
N GLU A 22 0.12 5.85 -4.82
CA GLU A 22 0.03 7.30 -4.92
C GLU A 22 0.16 7.94 -3.53
N LEU A 23 1.29 8.58 -3.31
CA LEU A 23 1.56 9.22 -2.04
C LEU A 23 0.90 10.60 -2.03
N VAL A 24 -0.41 10.61 -1.76
CA VAL A 24 -1.16 11.84 -1.73
C VAL A 24 -0.63 12.72 -0.58
N GLY A 25 -0.28 13.95 -0.94
CA GLY A 25 0.23 14.89 0.04
C GLY A 25 1.73 15.14 -0.17
N LEU A 26 2.13 15.09 -1.43
CA LEU A 26 3.52 15.31 -1.78
C LEU A 26 3.66 15.37 -3.31
N GLU A 27 2.93 14.48 -3.96
CA GLU A 27 2.96 14.42 -5.41
C GLU A 27 4.10 13.52 -5.88
N ARG A 28 3.79 12.24 -6.03
CA ARG A 28 4.78 11.27 -6.47
C ARG A 28 4.15 9.87 -6.56
N VAL A 29 4.87 8.98 -7.23
CA VAL A 29 4.39 7.61 -7.39
C VAL A 29 5.50 6.65 -6.96
N VAL A 30 5.08 5.61 -6.25
CA VAL A 30 6.03 4.60 -5.77
C VAL A 30 5.57 3.22 -6.23
N ARG A 31 6.51 2.30 -6.26
CA ARG A 31 6.22 0.94 -6.67
C ARG A 31 6.41 -0.03 -5.50
N ILE A 32 5.55 -1.05 -5.47
CA ILE A 32 5.60 -2.04 -4.42
C ILE A 32 5.58 -3.44 -5.04
N SER A 33 6.52 -4.25 -4.62
CA SER A 33 6.62 -5.62 -5.12
C SER A 33 6.47 -6.62 -3.98
N ALA A 34 5.66 -7.63 -4.21
CA ALA A 34 5.42 -8.65 -3.21
C ALA A 34 4.51 -9.74 -3.80
N LYS A 35 4.64 -10.94 -3.25
CA LYS A 35 3.85 -12.07 -3.70
C LYS A 35 2.37 -11.65 -3.79
N PRO A 36 1.64 -12.30 -4.72
CA PRO A 36 0.24 -12.00 -4.92
C PRO A 36 -0.61 -12.60 -3.79
N THR A 37 -0.51 -13.91 -3.66
CA THR A 37 -1.25 -14.62 -2.62
C THR A 37 -1.30 -13.79 -1.33
N LYS A 38 -0.12 -13.31 -0.95
CA LYS A 38 -0.01 -12.51 0.26
C LYS A 38 -1.11 -11.43 0.26
N ARG A 39 -1.27 -10.81 1.42
CA ARG A 39 -2.28 -9.77 1.56
C ARG A 39 -1.66 -8.39 1.31
N LEU A 40 -2.45 -7.37 1.56
CA LEU A 40 -1.99 -6.00 1.36
C LEU A 40 -1.28 -5.51 2.62
N GLN A 41 -1.61 -6.15 3.74
CA GLN A 41 -1.02 -5.80 5.01
C GLN A 41 0.30 -6.54 5.20
N GLU A 42 0.30 -7.80 4.78
CA GLU A 42 1.49 -8.63 4.90
C GLU A 42 2.51 -8.26 3.83
N ALA A 43 2.00 -7.63 2.77
CA ALA A 43 2.86 -7.22 1.68
C ALA A 43 3.40 -5.81 1.96
N LEU A 44 2.65 -5.08 2.78
CA LEU A 44 3.03 -3.72 3.14
C LEU A 44 3.76 -3.74 4.49
N GLN A 45 3.58 -4.83 5.20
CA GLN A 45 4.22 -4.99 6.50
C GLN A 45 5.73 -4.78 6.39
N PRO A 46 6.33 -5.46 5.37
CA PRO A 46 7.76 -5.35 5.14
C PRO A 46 8.10 -4.01 4.49
N ILE A 47 7.06 -3.25 4.18
CA ILE A 47 7.24 -1.95 3.56
C ILE A 47 7.09 -0.85 4.62
N LEU A 48 6.01 -0.96 5.37
CA LEU A 48 5.72 0.01 6.41
C LEU A 48 6.76 -0.14 7.54
N ALA A 49 7.21 -1.37 7.71
CA ALA A 49 8.19 -1.67 8.74
C ALA A 49 9.55 -1.10 8.32
N LYS A 50 9.74 -1.02 7.01
CA LYS A 50 10.99 -0.49 6.47
C LYS A 50 10.81 0.99 6.13
N HIS A 51 9.61 1.49 6.42
CA HIS A 51 9.30 2.88 6.15
C HIS A 51 8.90 3.57 7.46
N GLY A 52 9.08 2.86 8.55
CA GLY A 52 8.74 3.38 9.87
C GLY A 52 7.24 3.69 9.96
N LEU A 53 6.49 3.10 9.04
CA LEU A 53 5.06 3.31 9.01
C LEU A 53 4.37 2.17 9.77
N SER A 54 3.04 2.18 9.70
CA SER A 54 2.25 1.15 10.37
C SER A 54 0.95 0.91 9.61
N LEU A 55 0.30 -0.20 9.96
CA LEU A 55 -0.95 -0.56 9.31
C LEU A 55 -2.09 0.22 9.96
N ASP A 56 -1.81 0.76 11.14
CA ASP A 56 -2.79 1.53 11.87
C ASP A 56 -2.50 3.03 11.69
N GLN A 57 -1.96 3.35 10.54
CA GLN A 57 -1.63 4.74 10.23
C GLN A 57 -1.98 5.06 8.78
N VAL A 58 -1.31 4.37 7.87
CA VAL A 58 -1.54 4.56 6.45
C VAL A 58 -2.96 4.09 6.10
N VAL A 59 -3.52 4.75 5.09
CA VAL A 59 -4.86 4.40 4.64
C VAL A 59 -4.85 4.14 3.14
N LEU A 60 -4.93 2.85 2.80
CA LEU A 60 -4.93 2.45 1.41
C LEU A 60 -6.35 2.49 0.86
N HIS A 61 -6.47 2.96 -0.37
CA HIS A 61 -7.77 3.05 -1.02
C HIS A 61 -7.59 3.49 -2.46
N ARG A 62 -7.96 2.59 -3.37
CA ARG A 62 -7.84 2.87 -4.80
C ARG A 62 -8.43 4.25 -5.11
N PRO A 63 -7.97 4.80 -6.27
CA PRO A 63 -8.45 6.11 -6.70
C PRO A 63 -9.88 6.03 -7.25
N GLY A 64 -10.82 6.38 -6.39
CA GLY A 64 -12.23 6.36 -6.76
C GLY A 64 -13.03 5.44 -5.84
N GLU A 65 -12.66 5.47 -4.56
CA GLU A 65 -13.34 4.65 -3.57
C GLU A 65 -13.85 5.53 -2.43
N LYS A 66 -12.99 6.40 -1.95
CA LYS A 66 -13.35 7.29 -0.86
C LYS A 66 -13.06 6.61 0.47
N GLN A 67 -13.64 5.43 0.63
CA GLN A 67 -13.46 4.66 1.85
C GLN A 67 -12.14 3.87 1.79
N PRO A 68 -11.66 3.48 2.99
CA PRO A 68 -10.41 2.72 3.10
C PRO A 68 -10.62 1.27 2.65
N MET A 69 -9.66 0.80 1.86
CA MET A 69 -9.73 -0.57 1.36
C MET A 69 -9.30 -1.56 2.43
N ASP A 70 -9.56 -2.83 2.17
CA ASP A 70 -9.20 -3.88 3.09
C ASP A 70 -7.88 -4.52 2.67
N LEU A 71 -6.90 -4.41 3.56
CA LEU A 71 -5.58 -4.96 3.28
C LEU A 71 -5.67 -6.49 3.25
N GLU A 72 -6.64 -7.02 3.98
CA GLU A 72 -6.83 -8.45 4.04
C GLU A 72 -6.86 -9.04 2.63
N ASN A 73 -7.20 -8.19 1.67
CA ASN A 73 -7.25 -8.60 0.28
C ASN A 73 -5.84 -8.85 -0.23
N PRO A 74 -5.73 -9.83 -1.17
CA PRO A 74 -4.45 -10.17 -1.76
C PRO A 74 -4.00 -9.11 -2.76
N VAL A 75 -2.74 -8.72 -2.63
CA VAL A 75 -2.18 -7.71 -3.51
C VAL A 75 -2.54 -8.05 -4.97
N SER A 76 -2.77 -9.33 -5.20
CA SER A 76 -3.11 -9.79 -6.53
C SER A 76 -4.21 -8.91 -7.12
N SER A 77 -5.01 -8.33 -6.24
CA SER A 77 -6.08 -7.46 -6.65
C SER A 77 -5.55 -6.06 -6.95
N VAL A 78 -4.63 -5.62 -6.10
CA VAL A 78 -4.02 -4.31 -6.26
C VAL A 78 -2.77 -4.43 -7.12
N ALA A 79 -2.87 -5.27 -8.15
CA ALA A 79 -1.75 -5.48 -9.05
C ALA A 79 -2.20 -5.20 -10.48
N SER A 80 -2.91 -4.10 -10.65
CA SER A 80 -3.41 -3.70 -11.95
C SER A 80 -3.53 -2.18 -12.04
N GLN A 81 -4.39 -1.65 -11.19
CA GLN A 81 -4.60 -0.20 -11.16
C GLN A 81 -3.71 0.44 -10.11
N THR A 82 -3.48 1.73 -10.28
CA THR A 82 -2.64 2.49 -9.35
C THR A 82 -3.39 2.73 -8.04
N LEU A 83 -2.71 2.43 -6.94
CA LEU A 83 -3.30 2.62 -5.63
C LEU A 83 -3.09 4.06 -5.17
N VAL A 84 -3.76 4.42 -4.09
CA VAL A 84 -3.66 5.77 -3.55
C VAL A 84 -3.48 5.69 -2.03
N LEU A 85 -2.40 6.28 -1.57
CA LEU A 85 -2.10 6.29 -0.15
C LEU A 85 -2.34 7.70 0.41
N ASP A 86 -3.05 7.74 1.53
CA ASP A 86 -3.35 9.01 2.17
C ASP A 86 -2.60 9.09 3.51
N THR A 87 -1.28 9.04 3.41
CA THR A 87 -0.44 9.10 4.59
C THR A 87 -0.92 10.23 5.52
N PRO A 88 -0.56 10.08 6.83
CA PRO A 88 -0.95 11.07 7.82
C PRO A 88 -0.10 12.33 7.69
N PRO A 89 -0.47 13.37 8.49
CA PRO A 89 0.24 14.63 8.48
C PRO A 89 1.58 14.50 9.22
N ASP A 90 2.59 15.17 8.67
CA ASP A 90 3.91 15.14 9.27
C ASP A 90 4.55 13.77 9.04
N ALA A 91 5.39 13.72 8.01
CA ALA A 91 6.06 12.48 7.67
C ALA A 91 6.98 12.71 6.47
N LYS A 92 8.19 13.16 6.78
CA LYS A 92 9.17 13.43 5.74
C LYS A 92 10.38 12.52 5.95
N MET A 93 11.10 12.77 7.03
CA MET A 93 12.28 11.98 7.35
C MET A 93 13.32 12.09 6.24
N SER A 94 14.24 13.03 6.42
CA SER A 94 15.30 13.25 5.44
C SER A 94 16.21 14.39 5.91
N GLU A 95 17.36 14.48 5.25
CA GLU A 95 18.32 15.52 5.59
C GLU A 95 17.60 16.84 5.87
N ALA A 96 18.30 17.71 6.59
CA ALA A 96 17.75 19.00 6.94
C ALA A 96 17.01 19.59 5.73
N ARG A 97 15.93 20.28 6.01
CA ARG A 97 15.13 20.89 4.96
C ARG A 97 13.94 21.65 5.56
N SER A 98 14.23 22.89 5.97
CA SER A 98 13.21 23.73 6.56
C SER A 98 12.61 23.05 7.79
N SER A 99 13.24 23.29 8.93
CA SER A 99 12.79 22.70 10.18
C SER A 99 11.35 23.13 10.46
N GLY A 100 10.60 22.20 11.05
CA GLY A 100 9.21 22.46 11.38
C GLY A 100 8.81 21.77 12.68
N PRO A 101 7.80 22.38 13.37
CA PRO A 101 7.33 21.84 14.63
C PRO A 101 6.46 20.60 14.40
N SER A 102 6.24 19.86 15.48
CA SER A 102 5.43 18.66 15.41
C SER A 102 5.06 18.19 16.82
N SER A 103 3.78 17.91 17.00
CA SER A 103 3.29 17.46 18.28
C SER A 103 2.09 16.53 18.08
N GLY A 104 2.05 15.49 18.90
CA GLY A 104 0.97 14.52 18.83
C GLY A 104 0.88 13.69 20.11
N GLY A 1 -13.76 -18.29 25.94
CA GLY A 1 -13.20 -19.16 24.94
C GLY A 1 -12.72 -18.36 23.72
N SER A 2 -11.97 -19.03 22.87
CA SER A 2 -11.45 -18.40 21.67
C SER A 2 -10.80 -19.44 20.75
N SER A 3 -10.59 -19.05 19.51
CA SER A 3 -9.99 -19.94 18.54
C SER A 3 -9.54 -19.15 17.30
N GLY A 4 -8.67 -19.77 16.52
CA GLY A 4 -8.17 -19.14 15.31
C GLY A 4 -8.02 -20.15 14.18
N SER A 5 -7.12 -19.84 13.26
CA SER A 5 -6.87 -20.71 12.12
C SER A 5 -5.77 -20.12 11.23
N SER A 6 -5.24 -20.95 10.36
CA SER A 6 -4.19 -20.53 9.45
C SER A 6 -4.15 -21.45 8.22
N GLY A 7 -3.48 -20.97 7.20
CA GLY A 7 -3.35 -21.73 5.97
C GLY A 7 -2.21 -21.20 5.10
N ASP A 8 -1.69 -22.08 4.26
CA ASP A 8 -0.59 -21.71 3.37
C ASP A 8 -0.60 -22.62 2.15
N GLN A 9 0.16 -22.23 1.14
CA GLN A 9 0.24 -22.99 -0.08
C GLN A 9 1.41 -22.50 -0.95
N GLU A 10 1.66 -23.22 -2.03
CA GLU A 10 2.73 -22.87 -2.94
C GLU A 10 2.83 -23.89 -4.07
N VAL A 11 2.01 -23.68 -5.09
CA VAL A 11 2.00 -24.58 -6.23
C VAL A 11 2.14 -23.76 -7.52
N ARG A 12 1.14 -22.93 -7.77
CA ARG A 12 1.14 -22.08 -8.95
C ARG A 12 2.49 -21.41 -9.12
N LEU A 13 2.83 -21.11 -10.37
CA LEU A 13 4.08 -20.45 -10.67
C LEU A 13 4.19 -19.15 -9.88
N GLU A 14 5.23 -19.08 -9.07
CA GLU A 14 5.46 -17.89 -8.25
C GLU A 14 5.88 -16.71 -9.13
N ASN A 15 5.01 -15.71 -9.17
CA ASN A 15 5.27 -14.51 -9.96
C ASN A 15 4.87 -13.28 -9.16
N ARG A 16 5.78 -12.85 -8.29
CA ARG A 16 5.54 -11.68 -7.47
C ARG A 16 4.88 -10.57 -8.30
N ILE A 17 3.79 -10.04 -7.77
CA ILE A 17 3.07 -8.98 -8.44
C ILE A 17 3.54 -7.62 -7.90
N THR A 18 3.45 -6.61 -8.75
CA THR A 18 3.86 -5.28 -8.38
C THR A 18 2.76 -4.27 -8.70
N PHE A 19 2.76 -3.18 -7.94
CA PHE A 19 1.76 -2.14 -8.13
C PHE A 19 2.32 -0.77 -7.73
N GLN A 20 1.61 0.27 -8.16
CA GLN A 20 2.02 1.63 -7.86
C GLN A 20 1.18 2.19 -6.71
N LEU A 21 1.74 3.19 -6.04
CA LEU A 21 1.04 3.82 -4.93
C LEU A 21 1.06 5.34 -5.13
N GLU A 22 -0.07 5.95 -4.80
CA GLU A 22 -0.20 7.39 -4.92
C GLU A 22 0.03 8.07 -3.58
N LEU A 23 1.11 8.86 -3.53
CA LEU A 23 1.46 9.57 -2.31
C LEU A 23 0.75 10.92 -2.29
N VAL A 24 -0.57 10.87 -2.16
CA VAL A 24 -1.38 12.07 -2.13
C VAL A 24 -0.65 13.14 -1.32
N GLY A 25 -0.61 14.35 -1.88
CA GLY A 25 0.06 15.46 -1.22
C GLY A 25 1.48 15.65 -1.76
N LEU A 26 1.94 14.64 -2.48
CA LEU A 26 3.28 14.68 -3.06
C LEU A 26 3.17 14.57 -4.58
N GLU A 27 4.31 14.27 -5.20
CA GLU A 27 4.36 14.14 -6.64
C GLU A 27 5.33 13.02 -7.04
N ARG A 28 4.97 11.80 -6.64
CA ARG A 28 5.79 10.64 -6.95
C ARG A 28 4.97 9.36 -6.82
N VAL A 29 5.05 8.53 -7.85
CA VAL A 29 4.31 7.27 -7.85
C VAL A 29 5.24 6.16 -7.39
N VAL A 30 5.16 5.87 -6.09
CA VAL A 30 5.98 4.82 -5.51
C VAL A 30 5.48 3.45 -5.98
N ARG A 31 6.41 2.53 -6.12
CA ARG A 31 6.07 1.18 -6.56
C ARG A 31 6.32 0.18 -5.44
N ILE A 32 5.52 -0.88 -5.44
CA ILE A 32 5.64 -1.92 -4.43
C ILE A 32 5.62 -3.29 -5.11
N SER A 33 6.49 -4.17 -4.63
CA SER A 33 6.57 -5.51 -5.18
C SER A 33 6.49 -6.54 -4.06
N ALA A 34 5.59 -7.50 -4.24
CA ALA A 34 5.40 -8.55 -3.25
C ALA A 34 4.51 -9.64 -3.84
N LYS A 35 4.68 -10.85 -3.33
CA LYS A 35 3.90 -11.98 -3.78
C LYS A 35 2.43 -11.57 -3.88
N PRO A 36 1.71 -12.25 -4.81
CA PRO A 36 0.29 -11.97 -5.01
C PRO A 36 -0.55 -12.57 -3.89
N THR A 37 -0.44 -13.88 -3.74
CA THR A 37 -1.18 -14.58 -2.70
C THR A 37 -1.22 -13.75 -1.42
N LYS A 38 -0.05 -13.29 -1.01
CA LYS A 38 0.07 -12.49 0.19
C LYS A 38 -1.04 -11.43 0.20
N ARG A 39 -1.22 -10.82 1.36
CA ARG A 39 -2.23 -9.80 1.52
C ARG A 39 -1.64 -8.41 1.27
N LEU A 40 -2.46 -7.40 1.50
CA LEU A 40 -2.02 -6.03 1.30
C LEU A 40 -1.31 -5.54 2.56
N GLN A 41 -1.64 -6.18 3.67
CA GLN A 41 -1.04 -5.82 4.95
C GLN A 41 0.28 -6.57 5.15
N GLU A 42 0.26 -7.85 4.78
CA GLU A 42 1.44 -8.68 4.91
C GLU A 42 2.48 -8.29 3.85
N ALA A 43 1.99 -7.69 2.78
CA ALA A 43 2.86 -7.26 1.69
C ALA A 43 3.42 -5.88 2.00
N LEU A 44 2.69 -5.16 2.84
CA LEU A 44 3.09 -3.82 3.22
C LEU A 44 3.83 -3.87 4.57
N GLN A 45 3.67 -5.00 5.24
CA GLN A 45 4.31 -5.19 6.53
C GLN A 45 5.81 -4.90 6.43
N PRO A 46 6.44 -5.53 5.40
CA PRO A 46 7.86 -5.34 5.18
C PRO A 46 8.15 -3.96 4.58
N ILE A 47 7.08 -3.24 4.30
CA ILE A 47 7.21 -1.92 3.72
C ILE A 47 7.03 -0.86 4.82
N LEU A 48 6.01 -1.07 5.64
CA LEU A 48 5.72 -0.15 6.72
C LEU A 48 6.82 -0.26 7.77
N ALA A 49 7.41 -1.44 7.86
CA ALA A 49 8.48 -1.68 8.81
C ALA A 49 9.76 -1.03 8.31
N LYS A 50 9.88 -0.96 7.00
CA LYS A 50 11.05 -0.36 6.38
C LYS A 50 10.80 1.13 6.16
N HIS A 51 9.59 1.55 6.48
CA HIS A 51 9.20 2.94 6.31
C HIS A 51 8.83 3.53 7.68
N GLY A 52 9.03 2.72 8.71
CA GLY A 52 8.71 3.15 10.06
C GLY A 52 7.22 3.49 10.19
N LEU A 53 6.44 2.97 9.24
CA LEU A 53 5.01 3.22 9.24
C LEU A 53 4.31 2.09 9.99
N SER A 54 2.99 2.04 9.82
CA SER A 54 2.19 1.02 10.48
C SER A 54 0.99 0.65 9.60
N LEU A 55 0.28 -0.38 10.02
CA LEU A 55 -0.90 -0.83 9.29
C LEU A 55 -2.12 -0.02 9.73
N ASP A 56 -2.02 0.53 10.93
CA ASP A 56 -3.10 1.33 11.48
C ASP A 56 -2.78 2.81 11.29
N GLN A 57 -2.01 3.09 10.25
CA GLN A 57 -1.63 4.46 9.95
C GLN A 57 -1.91 4.78 8.48
N VAL A 58 -1.20 4.08 7.61
CA VAL A 58 -1.36 4.28 6.18
C VAL A 58 -2.73 3.77 5.75
N VAL A 59 -3.46 4.63 5.06
CA VAL A 59 -4.79 4.29 4.59
C VAL A 59 -4.74 3.99 3.08
N LEU A 60 -4.81 2.70 2.77
CA LEU A 60 -4.77 2.27 1.39
C LEU A 60 -6.18 2.29 0.80
N HIS A 61 -6.27 2.77 -0.43
CA HIS A 61 -7.55 2.85 -1.11
C HIS A 61 -7.35 3.36 -2.53
N ARG A 62 -8.05 2.72 -3.46
CA ARG A 62 -7.95 3.10 -4.86
C ARG A 62 -8.48 4.53 -5.06
N PRO A 63 -8.03 5.15 -6.18
CA PRO A 63 -8.45 6.51 -6.50
C PRO A 63 -9.89 6.53 -7.02
N GLY A 64 -10.76 7.11 -6.21
CA GLY A 64 -12.17 7.20 -6.58
C GLY A 64 -13.06 6.64 -5.47
N GLU A 65 -12.67 5.47 -4.97
CA GLU A 65 -13.42 4.81 -3.93
C GLU A 65 -13.71 5.80 -2.78
N LYS A 66 -14.69 5.43 -1.97
CA LYS A 66 -15.08 6.26 -0.84
C LYS A 66 -14.35 5.80 0.42
N GLN A 67 -14.75 4.62 0.90
CA GLN A 67 -14.14 4.06 2.08
C GLN A 67 -12.76 3.48 1.75
N PRO A 68 -11.95 3.26 2.83
CA PRO A 68 -10.62 2.72 2.67
C PRO A 68 -10.67 1.22 2.37
N MET A 69 -9.88 0.81 1.39
CA MET A 69 -9.83 -0.59 1.00
C MET A 69 -9.34 -1.46 2.16
N ASP A 70 -9.52 -2.76 1.99
CA ASP A 70 -9.10 -3.71 3.01
C ASP A 70 -7.78 -4.36 2.59
N LEU A 71 -6.86 -4.41 3.55
CA LEU A 71 -5.55 -4.99 3.29
C LEU A 71 -5.67 -6.51 3.24
N GLU A 72 -6.71 -7.01 3.91
CA GLU A 72 -6.95 -8.44 3.95
C GLU A 72 -6.95 -9.02 2.53
N ASN A 73 -7.24 -8.16 1.57
CA ASN A 73 -7.28 -8.56 0.18
C ASN A 73 -5.85 -8.81 -0.32
N PRO A 74 -5.73 -9.78 -1.26
CA PRO A 74 -4.43 -10.12 -1.82
C PRO A 74 -3.97 -9.05 -2.81
N VAL A 75 -2.69 -8.71 -2.71
CA VAL A 75 -2.11 -7.71 -3.57
C VAL A 75 -2.43 -8.05 -5.03
N SER A 76 -2.66 -9.34 -5.25
CA SER A 76 -2.97 -9.82 -6.59
C SER A 76 -4.08 -8.96 -7.21
N SER A 77 -4.98 -8.50 -6.35
CA SER A 77 -6.08 -7.67 -6.79
C SER A 77 -5.60 -6.24 -7.05
N VAL A 78 -4.69 -5.80 -6.20
CA VAL A 78 -4.13 -4.46 -6.32
C VAL A 78 -2.81 -4.53 -7.10
N ALA A 79 -2.85 -5.23 -8.22
CA ALA A 79 -1.68 -5.38 -9.06
C ALA A 79 -2.05 -5.10 -10.51
N SER A 80 -2.69 -3.96 -10.71
CA SER A 80 -3.12 -3.56 -12.05
C SER A 80 -3.25 -2.04 -12.12
N GLN A 81 -4.08 -1.51 -11.24
CA GLN A 81 -4.31 -0.07 -11.19
C GLN A 81 -3.38 0.58 -10.16
N THR A 82 -3.47 1.90 -10.08
CA THR A 82 -2.65 2.65 -9.15
C THR A 82 -3.43 2.93 -7.87
N LEU A 83 -2.85 2.51 -6.75
CA LEU A 83 -3.47 2.71 -5.46
C LEU A 83 -3.13 4.11 -4.94
N VAL A 84 -3.94 4.58 -4.02
CA VAL A 84 -3.73 5.90 -3.44
C VAL A 84 -3.58 5.77 -1.92
N LEU A 85 -2.47 6.31 -1.42
CA LEU A 85 -2.20 6.26 0.01
C LEU A 85 -2.40 7.65 0.61
N ASP A 86 -3.27 7.69 1.62
CA ASP A 86 -3.57 8.94 2.29
C ASP A 86 -2.80 9.01 3.61
N THR A 87 -1.48 8.96 3.48
CA THR A 87 -0.61 9.02 4.65
C THR A 87 -1.12 10.05 5.65
N PRO A 88 -0.74 9.85 6.94
CA PRO A 88 -1.16 10.75 8.00
C PRO A 88 -0.38 12.07 7.95
N PRO A 89 -0.82 13.04 8.76
CA PRO A 89 -0.17 14.34 8.82
C PRO A 89 1.15 14.26 9.58
N ASP A 90 1.17 13.40 10.59
CA ASP A 90 2.36 13.23 11.40
C ASP A 90 3.10 11.98 10.93
N ALA A 91 3.99 12.18 9.97
CA ALA A 91 4.76 11.08 9.42
C ALA A 91 5.81 11.63 8.46
N LYS A 92 6.77 10.77 8.10
CA LYS A 92 7.82 11.16 7.19
C LYS A 92 8.90 11.93 7.96
N MET A 93 8.50 13.07 8.48
CA MET A 93 9.41 13.92 9.24
C MET A 93 10.33 13.07 10.12
N SER A 94 11.60 13.05 9.74
CA SER A 94 12.58 12.28 10.48
C SER A 94 13.98 12.86 10.25
N GLU A 95 14.94 12.34 11.01
CA GLU A 95 16.31 12.80 10.89
C GLU A 95 16.82 12.59 9.47
N ALA A 96 17.08 13.71 8.80
CA ALA A 96 17.56 13.66 7.43
C ALA A 96 18.90 14.40 7.34
N ARG A 97 19.41 14.52 6.13
CA ARG A 97 20.67 15.20 5.90
C ARG A 97 20.82 15.57 4.42
N SER A 98 21.77 16.45 4.15
CA SER A 98 22.01 16.90 2.80
C SER A 98 21.90 15.72 1.83
N SER A 99 20.95 15.83 0.91
CA SER A 99 20.73 14.79 -0.07
C SER A 99 20.15 15.39 -1.36
N GLY A 100 20.27 14.64 -2.44
CA GLY A 100 19.77 15.08 -3.73
C GLY A 100 18.25 15.16 -3.71
N PRO A 101 17.75 16.43 -3.83
CA PRO A 101 16.31 16.66 -3.83
C PRO A 101 15.69 16.25 -5.17
N SER A 102 14.37 16.35 -5.23
CA SER A 102 13.65 15.99 -6.45
C SER A 102 13.35 17.26 -7.26
N SER A 103 12.59 18.15 -6.66
CA SER A 103 12.23 19.40 -7.31
C SER A 103 11.33 19.11 -8.52
N GLY A 104 10.33 19.97 -8.69
CA GLY A 104 9.40 19.82 -9.79
C GLY A 104 10.14 19.59 -11.11
N GLY A 1 -23.43 -5.39 3.64
CA GLY A 1 -22.32 -5.89 4.45
C GLY A 1 -21.13 -6.27 3.56
N SER A 2 -21.23 -7.45 2.97
CA SER A 2 -20.18 -7.94 2.10
C SER A 2 -18.91 -8.20 2.90
N SER A 3 -18.14 -9.17 2.45
CA SER A 3 -16.90 -9.52 3.12
C SER A 3 -16.11 -10.52 2.27
N GLY A 4 -14.84 -10.68 2.63
CA GLY A 4 -13.97 -11.59 1.91
C GLY A 4 -12.76 -11.98 2.76
N SER A 5 -12.54 -13.27 2.86
CA SER A 5 -11.41 -13.78 3.64
C SER A 5 -11.31 -15.31 3.47
N SER A 6 -10.10 -15.80 3.64
CA SER A 6 -9.84 -17.23 3.51
C SER A 6 -8.37 -17.54 3.84
N GLY A 7 -8.10 -18.82 4.01
CA GLY A 7 -6.75 -19.26 4.33
C GLY A 7 -6.38 -20.51 3.55
N ASP A 8 -5.15 -20.54 3.06
CA ASP A 8 -4.68 -21.67 2.29
C ASP A 8 -3.15 -21.58 2.16
N GLN A 9 -2.58 -22.60 1.54
CA GLN A 9 -1.15 -22.65 1.34
C GLN A 9 -0.77 -22.00 0.00
N GLU A 10 -1.49 -20.93 -0.31
CA GLU A 10 -1.23 -20.20 -1.55
C GLU A 10 -2.05 -20.82 -2.69
N VAL A 11 -2.07 -22.14 -2.71
CA VAL A 11 -2.82 -22.87 -3.74
C VAL A 11 -2.13 -22.65 -5.09
N ARG A 12 -2.28 -21.44 -5.61
CA ARG A 12 -1.68 -21.09 -6.88
C ARG A 12 -0.33 -20.40 -6.68
N LEU A 13 0.46 -20.40 -7.73
CA LEU A 13 1.78 -19.79 -7.67
C LEU A 13 2.13 -19.22 -9.06
N GLU A 14 1.49 -18.11 -9.38
CA GLU A 14 1.72 -17.46 -10.67
C GLU A 14 3.11 -16.82 -10.69
N ASN A 15 3.22 -15.70 -10.00
CA ASN A 15 4.48 -14.98 -9.93
C ASN A 15 4.30 -13.70 -9.11
N ARG A 16 5.42 -13.17 -8.64
CA ARG A 16 5.38 -11.96 -7.85
C ARG A 16 4.73 -10.82 -8.62
N ILE A 17 3.75 -10.20 -7.98
CA ILE A 17 3.03 -9.10 -8.61
C ILE A 17 3.56 -7.78 -8.06
N THR A 18 3.30 -6.71 -8.80
CA THR A 18 3.73 -5.39 -8.40
C THR A 18 2.62 -4.37 -8.63
N PHE A 19 2.71 -3.26 -7.90
CA PHE A 19 1.73 -2.21 -8.00
C PHE A 19 2.32 -0.85 -7.60
N GLN A 20 1.63 0.20 -8.01
CA GLN A 20 2.07 1.55 -7.72
C GLN A 20 1.29 2.13 -6.54
N LEU A 21 1.89 3.11 -5.89
CA LEU A 21 1.26 3.76 -4.75
C LEU A 21 1.35 5.28 -4.90
N GLU A 22 0.25 5.94 -4.62
CA GLU A 22 0.20 7.40 -4.72
C GLU A 22 0.50 8.03 -3.37
N LEU A 23 1.41 8.98 -3.39
CA LEU A 23 1.81 9.68 -2.18
C LEU A 23 1.15 11.06 -2.14
N VAL A 24 -0.16 11.04 -1.95
CA VAL A 24 -0.92 12.28 -1.89
C VAL A 24 -0.22 13.27 -0.97
N GLY A 25 0.55 14.17 -1.59
CA GLY A 25 1.29 15.17 -0.84
C GLY A 25 2.71 15.32 -1.38
N LEU A 26 3.40 14.19 -1.46
CA LEU A 26 4.77 14.19 -1.96
C LEU A 26 4.77 14.41 -3.47
N GLU A 27 3.68 13.97 -4.09
CA GLU A 27 3.53 14.11 -5.53
C GLU A 27 4.49 13.18 -6.26
N ARG A 28 4.15 11.90 -6.23
CA ARG A 28 4.97 10.89 -6.89
C ARG A 28 4.27 9.52 -6.84
N VAL A 29 4.66 8.66 -7.77
CA VAL A 29 4.09 7.33 -7.84
C VAL A 29 5.18 6.30 -7.50
N VAL A 30 5.02 5.68 -6.34
CA VAL A 30 5.97 4.67 -5.89
C VAL A 30 5.48 3.29 -6.32
N ARG A 31 6.42 2.37 -6.42
CA ARG A 31 6.11 1.01 -6.82
C ARG A 31 6.43 0.03 -5.70
N ILE A 32 5.63 -1.02 -5.62
CA ILE A 32 5.82 -2.03 -4.60
C ILE A 32 5.76 -3.42 -5.24
N SER A 33 6.71 -4.25 -4.86
CA SER A 33 6.79 -5.60 -5.39
C SER A 33 6.68 -6.62 -4.25
N ALA A 34 5.88 -7.65 -4.48
CA ALA A 34 5.68 -8.69 -3.48
C ALA A 34 4.77 -9.77 -4.06
N LYS A 35 4.78 -10.92 -3.39
CA LYS A 35 3.96 -12.05 -3.82
C LYS A 35 2.49 -11.61 -3.87
N PRO A 36 1.74 -12.25 -4.81
CA PRO A 36 0.33 -11.94 -4.95
C PRO A 36 -0.49 -12.55 -3.82
N THR A 37 -0.38 -13.86 -3.68
CA THR A 37 -1.11 -14.57 -2.63
C THR A 37 -1.16 -13.73 -1.36
N LYS A 38 0.02 -13.33 -0.89
CA LYS A 38 0.12 -12.53 0.31
C LYS A 38 -0.99 -11.47 0.31
N ARG A 39 -1.25 -10.94 1.49
CA ARG A 39 -2.27 -9.92 1.63
C ARG A 39 -1.70 -8.53 1.34
N LEU A 40 -2.54 -7.53 1.52
CA LEU A 40 -2.13 -6.16 1.27
C LEU A 40 -1.41 -5.61 2.50
N GLN A 41 -1.72 -6.22 3.64
CA GLN A 41 -1.12 -5.80 4.89
C GLN A 41 0.21 -6.54 5.12
N GLU A 42 0.22 -7.80 4.71
CA GLU A 42 1.40 -8.63 4.86
C GLU A 42 2.45 -8.23 3.84
N ALA A 43 1.98 -7.65 2.75
CA ALA A 43 2.87 -7.21 1.68
C ALA A 43 3.39 -5.80 1.99
N LEU A 44 2.59 -5.08 2.77
CA LEU A 44 2.95 -3.72 3.15
C LEU A 44 3.65 -3.74 4.51
N GLN A 45 3.50 -4.86 5.20
CA GLN A 45 4.10 -5.02 6.51
C GLN A 45 5.60 -4.72 6.44
N PRO A 46 6.26 -5.38 5.45
CA PRO A 46 7.70 -5.19 5.27
C PRO A 46 8.00 -3.84 4.63
N ILE A 47 6.93 -3.12 4.31
CA ILE A 47 7.06 -1.81 3.69
C ILE A 47 6.86 -0.72 4.76
N LEU A 48 5.80 -0.89 5.53
CA LEU A 48 5.48 0.06 6.58
C LEU A 48 6.63 0.07 7.61
N ALA A 49 7.09 -1.12 7.95
CA ALA A 49 8.17 -1.26 8.91
C ALA A 49 9.43 -0.59 8.34
N LYS A 50 9.58 -0.69 7.02
CA LYS A 50 10.73 -0.10 6.36
C LYS A 50 10.46 1.39 6.09
N HIS A 51 9.24 1.79 6.41
CA HIS A 51 8.84 3.18 6.20
C HIS A 51 8.41 3.79 7.54
N GLY A 52 8.61 3.03 8.60
CA GLY A 52 8.25 3.47 9.93
C GLY A 52 6.74 3.71 10.03
N LEU A 53 6.03 3.22 9.03
CA LEU A 53 4.57 3.36 8.99
C LEU A 53 3.93 2.16 9.68
N SER A 54 2.63 2.02 9.45
CA SER A 54 1.88 0.92 10.04
C SER A 54 0.64 0.63 9.19
N LEU A 55 -0.19 -0.27 9.71
CA LEU A 55 -1.41 -0.65 9.02
C LEU A 55 -2.59 0.10 9.62
N ASP A 56 -2.41 0.52 10.86
CA ASP A 56 -3.45 1.26 11.58
C ASP A 56 -3.10 2.75 11.56
N GLN A 57 -2.39 3.15 10.53
CA GLN A 57 -2.00 4.55 10.40
C GLN A 57 -2.37 5.07 9.01
N VAL A 58 -1.76 4.47 8.00
CA VAL A 58 -2.02 4.87 6.63
C VAL A 58 -3.42 4.41 6.22
N VAL A 59 -3.81 4.79 5.01
CA VAL A 59 -5.11 4.42 4.50
C VAL A 59 -5.01 4.14 3.00
N LEU A 60 -5.12 2.87 2.66
CA LEU A 60 -5.04 2.45 1.27
C LEU A 60 -6.44 2.52 0.64
N HIS A 61 -6.49 3.15 -0.53
CA HIS A 61 -7.76 3.29 -1.24
C HIS A 61 -7.49 3.81 -2.65
N ARG A 62 -7.95 3.06 -3.63
CA ARG A 62 -7.77 3.43 -5.02
C ARG A 62 -8.13 4.91 -5.21
N PRO A 63 -7.54 5.50 -6.30
CA PRO A 63 -7.79 6.89 -6.61
C PRO A 63 -9.19 7.09 -7.21
N GLY A 64 -10.14 7.34 -6.33
CA GLY A 64 -11.51 7.54 -6.75
C GLY A 64 -12.46 6.56 -6.06
N GLU A 65 -12.34 6.50 -4.75
CA GLU A 65 -13.18 5.60 -3.96
C GLU A 65 -13.97 6.38 -2.92
N LYS A 66 -14.60 5.65 -2.02
CA LYS A 66 -15.41 6.26 -0.97
C LYS A 66 -14.89 5.80 0.39
N GLN A 67 -14.61 4.51 0.47
CA GLN A 67 -14.11 3.94 1.72
C GLN A 67 -12.74 3.29 1.48
N PRO A 68 -12.01 3.07 2.61
CA PRO A 68 -10.69 2.46 2.54
C PRO A 68 -10.80 0.96 2.28
N MET A 69 -9.98 0.50 1.34
CA MET A 69 -9.97 -0.91 0.98
C MET A 69 -9.65 -1.78 2.20
N ASP A 70 -9.74 -3.08 2.00
CA ASP A 70 -9.48 -4.03 3.07
C ASP A 70 -8.20 -4.82 2.74
N LEU A 71 -7.11 -4.41 3.37
CA LEU A 71 -5.83 -5.06 3.16
C LEU A 71 -6.05 -6.58 3.07
N GLU A 72 -7.07 -7.04 3.77
CA GLU A 72 -7.39 -8.45 3.78
C GLU A 72 -7.24 -9.04 2.38
N ASN A 73 -7.49 -8.19 1.39
CA ASN A 73 -7.39 -8.61 0.00
C ASN A 73 -5.92 -8.78 -0.38
N PRO A 74 -5.66 -9.76 -1.29
CA PRO A 74 -4.31 -10.02 -1.73
C PRO A 74 -3.84 -8.95 -2.72
N VAL A 75 -2.54 -8.73 -2.72
CA VAL A 75 -1.94 -7.74 -3.61
C VAL A 75 -2.21 -8.14 -5.07
N SER A 76 -2.63 -9.38 -5.24
CA SER A 76 -2.92 -9.90 -6.56
C SER A 76 -4.19 -9.24 -7.11
N SER A 77 -4.91 -8.58 -6.21
CA SER A 77 -6.14 -7.92 -6.58
C SER A 77 -5.87 -6.42 -6.83
N VAL A 78 -4.65 -6.02 -6.57
CA VAL A 78 -4.24 -4.64 -6.77
C VAL A 78 -2.98 -4.59 -7.63
N ALA A 79 -2.80 -5.64 -8.40
CA ALA A 79 -1.63 -5.73 -9.28
C ALA A 79 -2.06 -5.40 -10.71
N SER A 80 -2.29 -4.11 -10.95
CA SER A 80 -2.69 -3.65 -12.26
C SER A 80 -2.87 -2.13 -12.25
N GLN A 81 -3.72 -1.67 -11.36
CA GLN A 81 -3.98 -0.24 -11.24
C GLN A 81 -3.08 0.38 -10.16
N THR A 82 -3.16 1.69 -10.05
CA THR A 82 -2.37 2.41 -9.07
C THR A 82 -3.17 2.64 -7.78
N LEU A 83 -2.47 2.55 -6.67
CA LEU A 83 -3.11 2.74 -5.37
C LEU A 83 -2.77 4.14 -4.85
N VAL A 84 -3.54 4.56 -3.85
CA VAL A 84 -3.32 5.87 -3.25
C VAL A 84 -3.17 5.71 -1.73
N LEU A 85 -2.16 6.39 -1.20
CA LEU A 85 -1.90 6.32 0.24
C LEU A 85 -2.19 7.70 0.86
N ASP A 86 -3.08 7.69 1.84
CA ASP A 86 -3.45 8.92 2.53
C ASP A 86 -2.80 8.94 3.91
N THR A 87 -1.51 9.23 3.91
CA THR A 87 -0.77 9.29 5.16
C THR A 87 -1.50 10.15 6.19
N PRO A 88 -1.19 9.89 7.48
CA PRO A 88 -1.82 10.63 8.57
C PRO A 88 -1.23 12.04 8.67
N PRO A 89 -2.07 12.96 9.23
CA PRO A 89 -1.66 14.34 9.39
C PRO A 89 -0.67 14.48 10.56
N ASP A 90 0.42 13.72 10.47
CA ASP A 90 1.43 13.75 11.50
C ASP A 90 2.45 12.64 11.23
N ALA A 91 3.63 13.05 10.77
CA ALA A 91 4.68 12.11 10.47
C ALA A 91 6.02 12.85 10.41
N LYS A 92 6.98 12.35 11.18
CA LYS A 92 8.29 12.95 11.22
C LYS A 92 9.13 12.44 10.05
N MET A 93 9.28 11.12 10.00
CA MET A 93 10.04 10.49 8.93
C MET A 93 11.42 11.14 8.80
N SER A 94 12.40 10.49 9.40
CA SER A 94 13.77 10.98 9.36
C SER A 94 14.50 10.39 8.15
N GLU A 95 14.29 11.02 7.00
CA GLU A 95 14.92 10.58 5.77
C GLU A 95 15.18 11.77 4.84
N ALA A 96 16.35 11.74 4.22
CA ALA A 96 16.73 12.81 3.31
C ALA A 96 15.83 12.78 2.08
N ARG A 97 15.80 13.90 1.38
CA ARG A 97 14.97 14.01 0.18
C ARG A 97 15.51 15.11 -0.73
N SER A 98 15.18 15.00 -2.01
CA SER A 98 15.62 15.97 -2.99
C SER A 98 14.43 16.47 -3.81
N SER A 99 13.78 15.54 -4.48
CA SER A 99 12.62 15.86 -5.30
C SER A 99 11.35 15.76 -4.46
N GLY A 100 10.55 16.83 -4.52
CA GLY A 100 9.31 16.87 -3.77
C GLY A 100 8.60 18.22 -3.96
N PRO A 101 7.81 18.31 -5.07
CA PRO A 101 7.09 19.52 -5.38
C PRO A 101 5.88 19.69 -4.45
N SER A 102 5.39 20.92 -4.38
CA SER A 102 4.25 21.22 -3.55
C SER A 102 2.99 21.38 -4.41
N SER A 103 1.84 21.35 -3.76
CA SER A 103 0.57 21.48 -4.44
C SER A 103 0.21 22.97 -4.58
N GLY A 104 -0.28 23.32 -5.76
CA GLY A 104 -0.68 24.69 -6.02
C GLY A 104 -2.16 24.77 -6.42
N GLY A 1 -2.77 -11.50 -19.68
CA GLY A 1 -3.65 -12.46 -19.03
C GLY A 1 -3.75 -12.18 -17.53
N SER A 2 -4.60 -12.96 -16.87
CA SER A 2 -4.79 -12.80 -15.44
C SER A 2 -5.66 -13.94 -14.91
N SER A 3 -5.47 -14.25 -13.63
CA SER A 3 -6.22 -15.32 -12.99
C SER A 3 -5.96 -15.30 -11.48
N GLY A 4 -6.77 -16.08 -10.77
CA GLY A 4 -6.64 -16.17 -9.33
C GLY A 4 -7.56 -17.26 -8.76
N SER A 5 -7.51 -17.40 -7.45
CA SER A 5 -8.33 -18.39 -6.77
C SER A 5 -8.04 -18.37 -5.27
N SER A 6 -8.95 -18.97 -4.52
CA SER A 6 -8.82 -19.02 -3.07
C SER A 6 -9.00 -20.46 -2.58
N GLY A 7 -8.51 -20.70 -1.37
CA GLY A 7 -8.62 -22.02 -0.78
C GLY A 7 -7.52 -22.24 0.26
N ASP A 8 -7.23 -23.52 0.51
CA ASP A 8 -6.21 -23.87 1.48
C ASP A 8 -4.82 -23.61 0.87
N GLN A 9 -4.37 -22.38 1.03
CA GLN A 9 -3.07 -22.00 0.51
C GLN A 9 -2.21 -21.36 1.61
N GLU A 10 -0.93 -21.25 1.32
CA GLU A 10 0.00 -20.66 2.28
C GLU A 10 0.89 -19.63 1.59
N VAL A 11 1.34 -18.66 2.38
CA VAL A 11 2.20 -17.61 1.85
C VAL A 11 3.46 -18.24 1.26
N ARG A 12 4.19 -17.43 0.50
CA ARG A 12 5.42 -17.90 -0.14
C ARG A 12 5.13 -19.15 -0.97
N LEU A 13 5.05 -18.95 -2.27
CA LEU A 13 4.79 -20.05 -3.18
C LEU A 13 5.53 -19.79 -4.50
N GLU A 14 5.13 -18.72 -5.16
CA GLU A 14 5.73 -18.36 -6.44
C GLU A 14 5.02 -17.13 -7.03
N ASN A 15 5.51 -16.72 -8.19
CA ASN A 15 4.93 -15.56 -8.87
C ASN A 15 5.07 -14.34 -7.97
N ARG A 16 5.04 -13.17 -8.61
CA ARG A 16 5.15 -11.91 -7.89
C ARG A 16 4.48 -10.79 -8.67
N ILE A 17 3.58 -10.10 -7.99
CA ILE A 17 2.86 -9.00 -8.61
C ILE A 17 3.38 -7.67 -8.05
N THR A 18 3.27 -6.64 -8.86
CA THR A 18 3.73 -5.31 -8.46
C THR A 18 2.65 -4.26 -8.76
N PHE A 19 2.71 -3.17 -8.02
CA PHE A 19 1.76 -2.09 -8.20
C PHE A 19 2.35 -0.75 -7.76
N GLN A 20 1.71 0.32 -8.20
CA GLN A 20 2.17 1.66 -7.86
C GLN A 20 1.31 2.25 -6.74
N LEU A 21 1.89 3.21 -6.05
CA LEU A 21 1.19 3.86 -4.95
C LEU A 21 1.30 5.38 -5.09
N GLU A 22 0.19 6.05 -4.86
CA GLU A 22 0.15 7.50 -4.97
C GLU A 22 0.32 8.15 -3.59
N LEU A 23 1.48 8.74 -3.39
CA LEU A 23 1.78 9.39 -2.13
C LEU A 23 1.14 10.78 -2.11
N VAL A 24 -0.20 10.77 -2.04
CA VAL A 24 -0.94 12.01 -2.00
C VAL A 24 -0.22 13.02 -1.12
N GLY A 25 0.18 14.12 -1.72
CA GLY A 25 0.88 15.17 -1.00
C GLY A 25 2.35 15.24 -1.43
N LEU A 26 2.99 14.09 -1.46
CA LEU A 26 4.38 14.01 -1.85
C LEU A 26 4.49 14.10 -3.37
N GLU A 27 3.33 14.07 -4.01
CA GLU A 27 3.28 14.13 -5.47
C GLU A 27 4.37 13.25 -6.08
N ARG A 28 4.32 11.98 -5.73
CA ARG A 28 5.29 11.03 -6.24
C ARG A 28 4.69 9.62 -6.28
N VAL A 29 4.86 8.96 -7.42
CA VAL A 29 4.35 7.61 -7.59
C VAL A 29 5.43 6.60 -7.19
N VAL A 30 5.06 5.73 -6.28
CA VAL A 30 5.99 4.71 -5.80
C VAL A 30 5.51 3.33 -6.27
N ARG A 31 6.43 2.38 -6.28
CA ARG A 31 6.12 1.03 -6.70
C ARG A 31 6.33 0.06 -5.54
N ILE A 32 5.48 -0.97 -5.52
CA ILE A 32 5.56 -1.97 -4.47
C ILE A 32 5.50 -3.37 -5.10
N SER A 33 6.45 -4.20 -4.71
CA SER A 33 6.53 -5.55 -5.23
C SER A 33 6.42 -6.56 -4.08
N ALA A 34 5.64 -7.60 -4.32
CA ALA A 34 5.44 -8.64 -3.32
C ALA A 34 4.56 -9.75 -3.90
N LYS A 35 4.68 -10.93 -3.32
CA LYS A 35 3.91 -12.07 -3.77
C LYS A 35 2.43 -11.69 -3.81
N PRO A 36 1.69 -12.37 -4.73
CA PRO A 36 0.27 -12.11 -4.88
C PRO A 36 -0.53 -12.72 -3.73
N THR A 37 -0.28 -14.01 -3.50
CA THR A 37 -0.97 -14.72 -2.45
C THR A 37 -1.03 -13.86 -1.17
N LYS A 38 0.15 -13.42 -0.74
CA LYS A 38 0.25 -12.60 0.45
C LYS A 38 -0.89 -11.57 0.44
N ARG A 39 -1.14 -11.01 1.62
CA ARG A 39 -2.18 -10.00 1.77
C ARG A 39 -1.63 -8.61 1.44
N LEU A 40 -2.48 -7.61 1.66
CA LEU A 40 -2.10 -6.23 1.40
C LEU A 40 -1.32 -5.69 2.60
N GLN A 41 -1.58 -6.28 3.76
CA GLN A 41 -0.91 -5.86 4.98
C GLN A 41 0.41 -6.60 5.14
N GLU A 42 0.39 -7.88 4.78
CA GLU A 42 1.57 -8.71 4.88
C GLU A 42 2.61 -8.28 3.83
N ALA A 43 2.10 -7.71 2.75
CA ALA A 43 2.97 -7.25 1.68
C ALA A 43 3.44 -5.83 1.98
N LEU A 44 2.65 -5.14 2.78
CA LEU A 44 2.97 -3.77 3.15
C LEU A 44 3.70 -3.77 4.50
N GLN A 45 3.59 -4.89 5.19
CA GLN A 45 4.23 -5.04 6.48
C GLN A 45 5.72 -4.71 6.38
N PRO A 46 6.39 -5.35 5.38
CA PRO A 46 7.81 -5.14 5.15
C PRO A 46 8.06 -3.78 4.50
N ILE A 47 6.97 -3.09 4.20
CA ILE A 47 7.06 -1.79 3.57
C ILE A 47 6.86 -0.70 4.62
N LEU A 48 5.88 -0.93 5.49
CA LEU A 48 5.58 0.01 6.55
C LEU A 48 6.68 -0.04 7.61
N ALA A 49 7.14 -1.26 7.87
CA ALA A 49 8.19 -1.47 8.85
C ALA A 49 9.49 -0.87 8.34
N LYS A 50 9.60 -0.79 7.02
CA LYS A 50 10.78 -0.24 6.39
C LYS A 50 10.57 1.26 6.12
N HIS A 51 9.33 1.69 6.30
CA HIS A 51 8.98 3.08 6.09
C HIS A 51 8.53 3.71 7.41
N GLY A 52 8.72 2.95 8.47
CA GLY A 52 8.35 3.41 9.80
C GLY A 52 6.86 3.72 9.88
N LEU A 53 6.11 3.15 8.94
CA LEU A 53 4.68 3.35 8.90
C LEU A 53 3.98 2.21 9.64
N SER A 54 2.67 2.17 9.49
CA SER A 54 1.87 1.15 10.14
C SER A 54 0.66 0.78 9.29
N LEU A 55 -0.05 -0.25 9.71
CA LEU A 55 -1.22 -0.70 8.98
C LEU A 55 -2.45 0.06 9.50
N ASP A 56 -2.41 0.39 10.78
CA ASP A 56 -3.50 1.12 11.40
C ASP A 56 -3.13 2.60 11.50
N GLN A 57 -2.39 3.07 10.51
CA GLN A 57 -1.97 4.46 10.48
C GLN A 57 -2.18 5.05 9.09
N VAL A 58 -1.79 4.29 8.08
CA VAL A 58 -1.93 4.72 6.70
C VAL A 58 -3.23 4.17 6.13
N VAL A 59 -3.83 4.94 5.23
CA VAL A 59 -5.07 4.55 4.60
C VAL A 59 -4.81 4.24 3.13
N LEU A 60 -5.17 3.02 2.73
CA LEU A 60 -4.98 2.60 1.36
C LEU A 60 -6.34 2.50 0.67
N HIS A 61 -6.37 2.93 -0.58
CA HIS A 61 -7.60 2.89 -1.36
C HIS A 61 -7.31 3.33 -2.80
N ARG A 62 -7.53 2.40 -3.72
CA ARG A 62 -7.29 2.68 -5.12
C ARG A 62 -8.00 3.97 -5.54
N PRO A 63 -7.47 4.59 -6.62
CA PRO A 63 -8.04 5.83 -7.13
C PRO A 63 -9.34 5.57 -7.87
N GLY A 64 -10.42 6.15 -7.33
CA GLY A 64 -11.73 6.00 -7.93
C GLY A 64 -12.77 5.61 -6.87
N GLU A 65 -12.35 4.73 -5.98
CA GLU A 65 -13.22 4.27 -4.91
C GLU A 65 -13.55 5.41 -3.95
N LYS A 66 -14.24 5.06 -2.88
CA LYS A 66 -14.63 6.06 -1.88
C LYS A 66 -14.02 5.67 -0.53
N GLN A 67 -14.65 4.69 0.09
CA GLN A 67 -14.18 4.21 1.39
C GLN A 67 -12.78 3.60 1.26
N PRO A 68 -12.12 3.45 2.44
CA PRO A 68 -10.78 2.88 2.47
C PRO A 68 -10.82 1.36 2.25
N MET A 69 -9.95 0.90 1.37
CA MET A 69 -9.87 -0.52 1.06
C MET A 69 -9.27 -1.30 2.23
N ASP A 70 -9.44 -2.61 2.17
CA ASP A 70 -8.93 -3.49 3.21
C ASP A 70 -7.57 -4.05 2.79
N LEU A 71 -6.84 -4.56 3.77
CA LEU A 71 -5.53 -5.12 3.51
C LEU A 71 -5.64 -6.64 3.47
N GLU A 72 -6.71 -7.14 4.08
CA GLU A 72 -6.94 -8.58 4.12
C GLU A 72 -6.90 -9.16 2.71
N ASN A 73 -7.25 -8.33 1.74
CA ASN A 73 -7.26 -8.76 0.35
C ASN A 73 -5.81 -8.94 -0.14
N PRO A 74 -5.63 -9.96 -1.01
CA PRO A 74 -4.31 -10.25 -1.55
C PRO A 74 -3.92 -9.22 -2.61
N VAL A 75 -2.63 -8.90 -2.63
CA VAL A 75 -2.11 -7.94 -3.58
C VAL A 75 -2.43 -8.42 -5.00
N SER A 76 -2.73 -9.70 -5.11
CA SER A 76 -3.05 -10.29 -6.39
C SER A 76 -4.29 -9.61 -6.99
N SER A 77 -5.04 -8.96 -6.12
CA SER A 77 -6.24 -8.27 -6.54
C SER A 77 -5.92 -6.81 -6.86
N VAL A 78 -4.96 -6.27 -6.13
CA VAL A 78 -4.55 -4.90 -6.32
C VAL A 78 -3.40 -4.84 -7.33
N ALA A 79 -3.23 -5.94 -8.04
CA ALA A 79 -2.17 -6.04 -9.03
C ALA A 79 -2.51 -5.14 -10.23
N SER A 80 -1.48 -4.50 -10.77
CA SER A 80 -1.66 -3.62 -11.90
C SER A 80 -2.37 -2.33 -11.47
N GLN A 81 -2.07 -1.26 -12.18
CA GLN A 81 -2.67 0.03 -11.88
C GLN A 81 -1.89 0.73 -10.76
N THR A 82 -2.37 1.90 -10.39
CA THR A 82 -1.73 2.68 -9.34
C THR A 82 -2.70 2.89 -8.17
N LEU A 83 -2.18 2.66 -6.98
CA LEU A 83 -2.98 2.82 -5.77
C LEU A 83 -2.78 4.23 -5.21
N VAL A 84 -3.58 4.55 -4.20
CA VAL A 84 -3.50 5.85 -3.57
C VAL A 84 -3.34 5.67 -2.05
N LEU A 85 -2.41 6.42 -1.49
CA LEU A 85 -2.15 6.34 -0.07
C LEU A 85 -2.41 7.72 0.57
N ASP A 86 -3.09 7.70 1.70
CA ASP A 86 -3.40 8.93 2.41
C ASP A 86 -2.80 8.88 3.81
N THR A 87 -1.51 9.15 3.87
CA THR A 87 -0.79 9.14 5.13
C THR A 87 -1.65 9.80 6.22
N PRO A 88 -1.32 9.44 7.50
CA PRO A 88 -2.04 9.98 8.64
C PRO A 88 -1.63 11.43 8.91
N PRO A 89 -2.42 12.09 9.80
CA PRO A 89 -2.15 13.48 10.15
C PRO A 89 -0.95 13.58 11.08
N ASP A 90 0.17 13.07 10.60
CA ASP A 90 1.41 13.10 11.38
C ASP A 90 2.60 13.16 10.43
N ALA A 91 2.67 12.17 9.56
CA ALA A 91 3.76 12.10 8.59
C ALA A 91 3.77 13.38 7.75
N LYS A 92 4.86 14.12 7.88
CA LYS A 92 5.02 15.36 7.14
C LYS A 92 5.84 15.11 5.88
N MET A 93 7.11 14.79 6.09
CA MET A 93 8.01 14.51 4.99
C MET A 93 8.16 15.74 4.08
N SER A 94 9.34 15.87 3.50
CA SER A 94 9.62 16.98 2.62
C SER A 94 10.57 16.55 1.50
N GLU A 95 10.19 16.89 0.28
CA GLU A 95 11.00 16.54 -0.87
C GLU A 95 10.42 17.17 -2.14
N ALA A 96 11.07 18.23 -2.59
CA ALA A 96 10.62 18.93 -3.78
C ALA A 96 10.67 17.97 -4.98
N ARG A 97 11.87 17.50 -5.27
CA ARG A 97 12.06 16.59 -6.38
C ARG A 97 11.22 17.02 -7.59
N SER A 98 11.84 17.88 -8.41
CA SER A 98 11.17 18.39 -9.59
C SER A 98 10.59 17.22 -10.42
N SER A 99 9.28 17.17 -10.47
CA SER A 99 8.59 16.12 -11.21
C SER A 99 7.15 16.52 -11.46
N GLY A 100 6.83 16.70 -12.74
CA GLY A 100 5.48 17.08 -13.13
C GLY A 100 4.50 15.92 -12.94
N PRO A 101 3.51 16.16 -12.04
CA PRO A 101 2.51 15.14 -11.76
C PRO A 101 1.51 15.02 -12.91
N SER A 102 0.70 13.98 -12.86
CA SER A 102 -0.31 13.74 -13.88
C SER A 102 -1.66 13.48 -13.22
N SER A 103 -2.53 14.47 -13.33
CA SER A 103 -3.86 14.36 -12.76
C SER A 103 -4.79 13.62 -13.73
N GLY A 104 -4.95 14.21 -14.90
CA GLY A 104 -5.80 13.62 -15.93
C GLY A 104 -6.55 14.71 -16.71
N GLY A 1 -10.45 -32.06 28.36
CA GLY A 1 -9.23 -32.51 27.70
C GLY A 1 -8.85 -31.56 26.56
N SER A 2 -7.86 -31.99 25.79
CA SER A 2 -7.39 -31.20 24.67
C SER A 2 -6.82 -32.11 23.58
N SER A 3 -6.55 -31.52 22.43
CA SER A 3 -6.01 -32.27 21.31
C SER A 3 -4.85 -31.49 20.67
N GLY A 4 -5.17 -30.28 20.22
CA GLY A 4 -4.17 -29.44 19.59
C GLY A 4 -4.16 -29.64 18.07
N SER A 5 -3.30 -28.88 17.41
CA SER A 5 -3.18 -28.96 15.97
C SER A 5 -1.99 -28.13 15.49
N SER A 6 -1.54 -28.43 14.28
CA SER A 6 -0.41 -27.72 13.70
C SER A 6 -0.03 -28.35 12.36
N GLY A 7 0.63 -27.55 11.53
CA GLY A 7 1.06 -28.02 10.23
C GLY A 7 1.47 -26.85 9.33
N ASP A 8 1.91 -27.20 8.13
CA ASP A 8 2.33 -26.19 7.17
C ASP A 8 2.75 -26.88 5.87
N GLN A 9 2.36 -26.25 4.76
CA GLN A 9 2.69 -26.79 3.45
C GLN A 9 2.88 -25.65 2.45
N GLU A 10 3.47 -26.01 1.31
CA GLU A 10 3.73 -25.03 0.27
C GLU A 10 3.26 -25.58 -1.08
N VAL A 11 2.69 -24.68 -1.89
CA VAL A 11 2.21 -25.06 -3.21
C VAL A 11 2.71 -24.04 -4.24
N ARG A 12 2.15 -22.84 -4.16
CA ARG A 12 2.53 -21.78 -5.07
C ARG A 12 4.00 -21.43 -4.89
N LEU A 13 4.66 -21.13 -6.01
CA LEU A 13 6.06 -20.77 -6.00
C LEU A 13 6.40 -19.98 -7.27
N GLU A 14 7.34 -19.06 -7.11
CA GLU A 14 7.77 -18.24 -8.23
C GLU A 14 6.59 -17.43 -8.78
N ASN A 15 6.25 -16.38 -8.06
CA ASN A 15 5.13 -15.53 -8.45
C ASN A 15 5.10 -14.29 -7.55
N ARG A 16 5.29 -13.14 -8.18
CA ARG A 16 5.27 -11.88 -7.44
C ARG A 16 4.64 -10.78 -8.29
N ILE A 17 3.65 -10.12 -7.69
CA ILE A 17 2.94 -9.05 -8.37
C ILE A 17 3.45 -7.71 -7.86
N THR A 18 3.39 -6.70 -8.73
CA THR A 18 3.84 -5.37 -8.38
C THR A 18 2.75 -4.34 -8.71
N PHE A 19 2.78 -3.24 -7.96
CA PHE A 19 1.81 -2.18 -8.16
C PHE A 19 2.39 -0.82 -7.75
N GLN A 20 1.74 0.22 -8.22
CA GLN A 20 2.18 1.58 -7.91
C GLN A 20 1.32 2.18 -6.79
N LEU A 21 1.88 3.17 -6.13
CA LEU A 21 1.18 3.83 -5.04
C LEU A 21 1.19 5.34 -5.28
N GLU A 22 0.09 5.98 -4.89
CA GLU A 22 -0.04 7.41 -5.05
C GLU A 22 0.21 8.12 -3.72
N LEU A 23 1.43 8.61 -3.55
CA LEU A 23 1.79 9.31 -2.33
C LEU A 23 1.10 10.67 -2.30
N VAL A 24 -0.21 10.63 -2.11
CA VAL A 24 -0.99 11.85 -2.05
C VAL A 24 -0.22 12.92 -1.29
N GLY A 25 0.31 12.52 -0.13
CA GLY A 25 1.06 13.43 0.70
C GLY A 25 2.29 13.97 -0.04
N LEU A 26 2.96 13.06 -0.75
CA LEU A 26 4.14 13.43 -1.51
C LEU A 26 3.87 13.21 -3.00
N GLU A 27 3.53 14.30 -3.67
CA GLU A 27 3.24 14.24 -5.10
C GLU A 27 4.29 13.39 -5.82
N ARG A 28 3.95 12.12 -6.00
CA ARG A 28 4.85 11.19 -6.67
C ARG A 28 4.22 9.80 -6.75
N VAL A 29 4.88 8.92 -7.48
CA VAL A 29 4.40 7.56 -7.64
C VAL A 29 5.49 6.58 -7.21
N VAL A 30 5.09 5.63 -6.37
CA VAL A 30 6.02 4.63 -5.88
C VAL A 30 5.54 3.24 -6.29
N ARG A 31 6.48 2.31 -6.34
CA ARG A 31 6.18 0.95 -6.72
C ARG A 31 6.40 0.00 -5.54
N ILE A 32 5.56 -1.02 -5.47
CA ILE A 32 5.65 -2.00 -4.40
C ILE A 32 5.64 -3.41 -5.01
N SER A 33 6.51 -4.25 -4.47
CA SER A 33 6.62 -5.61 -4.94
C SER A 33 6.45 -6.59 -3.77
N ALA A 34 5.59 -7.57 -3.98
CA ALA A 34 5.32 -8.57 -2.95
C ALA A 34 4.44 -9.67 -3.54
N LYS A 35 4.59 -10.86 -2.98
CA LYS A 35 3.81 -12.01 -3.44
C LYS A 35 2.35 -11.61 -3.56
N PRO A 36 1.63 -12.30 -4.49
CA PRO A 36 0.23 -12.02 -4.72
C PRO A 36 -0.63 -12.60 -3.60
N THR A 37 -0.54 -13.92 -3.44
CA THR A 37 -1.30 -14.60 -2.41
C THR A 37 -1.31 -13.78 -1.12
N LYS A 38 -0.18 -13.11 -0.87
CA LYS A 38 -0.04 -12.30 0.32
C LYS A 38 -1.11 -11.19 0.30
N ARG A 39 -1.43 -10.71 1.49
CA ARG A 39 -2.42 -9.65 1.63
C ARG A 39 -1.78 -8.29 1.37
N LEU A 40 -2.59 -7.26 1.53
CA LEU A 40 -2.12 -5.90 1.32
C LEU A 40 -1.35 -5.43 2.56
N GLN A 41 -1.60 -6.10 3.66
CA GLN A 41 -0.95 -5.77 4.92
C GLN A 41 0.36 -6.54 5.05
N GLU A 42 0.31 -7.81 4.65
CA GLU A 42 1.48 -8.67 4.73
C GLU A 42 2.53 -8.21 3.72
N ALA A 43 2.06 -7.61 2.65
CA ALA A 43 2.94 -7.12 1.61
C ALA A 43 3.45 -5.73 1.98
N LEU A 44 2.63 -5.02 2.75
CA LEU A 44 2.97 -3.69 3.19
C LEU A 44 3.69 -3.76 4.53
N GLN A 45 3.67 -4.96 5.11
CA GLN A 45 4.31 -5.17 6.40
C GLN A 45 5.81 -4.84 6.31
N PRO A 46 6.47 -5.43 5.28
CA PRO A 46 7.89 -5.20 5.08
C PRO A 46 8.14 -3.80 4.50
N ILE A 47 7.05 -3.11 4.22
CA ILE A 47 7.14 -1.77 3.66
C ILE A 47 6.91 -0.75 4.77
N LEU A 48 5.90 -1.01 5.58
CA LEU A 48 5.58 -0.12 6.68
C LEU A 48 6.62 -0.27 7.78
N ALA A 49 6.81 -1.50 8.22
CA ALA A 49 7.78 -1.78 9.26
C ALA A 49 9.11 -1.12 8.91
N LYS A 50 9.43 -1.16 7.62
CA LYS A 50 10.67 -0.58 7.14
C LYS A 50 10.54 0.95 7.13
N HIS A 51 9.79 1.44 6.15
CA HIS A 51 9.57 2.86 6.01
C HIS A 51 9.34 3.49 7.39
N GLY A 52 8.79 2.68 8.28
CA GLY A 52 8.51 3.13 9.63
C GLY A 52 7.04 3.51 9.79
N LEU A 53 6.20 2.86 9.00
CA LEU A 53 4.77 3.12 9.03
C LEU A 53 4.07 1.96 9.74
N SER A 54 2.75 1.98 9.69
CA SER A 54 1.95 0.95 10.32
C SER A 54 0.76 0.58 9.41
N LEU A 55 0.07 -0.47 9.81
CA LEU A 55 -1.09 -0.93 9.06
C LEU A 55 -2.33 -0.19 9.52
N ASP A 56 -2.24 0.37 10.72
CA ASP A 56 -3.34 1.12 11.29
C ASP A 56 -3.00 2.61 11.31
N GLN A 57 -2.21 3.01 10.32
CA GLN A 57 -1.80 4.40 10.21
C GLN A 57 -2.03 4.91 8.80
N VAL A 58 -1.61 4.10 7.82
CA VAL A 58 -1.76 4.46 6.43
C VAL A 58 -3.13 3.99 5.93
N VAL A 59 -3.62 4.66 4.90
CA VAL A 59 -4.91 4.32 4.33
C VAL A 59 -4.74 4.02 2.83
N LEU A 60 -4.91 2.75 2.49
CA LEU A 60 -4.79 2.33 1.11
C LEU A 60 -6.17 2.26 0.47
N HIS A 61 -6.26 2.77 -0.75
CA HIS A 61 -7.52 2.77 -1.48
C HIS A 61 -7.30 3.37 -2.87
N ARG A 62 -7.86 2.68 -3.87
CA ARG A 62 -7.74 3.14 -5.24
C ARG A 62 -8.40 4.50 -5.41
N PRO A 63 -7.96 5.22 -6.48
CA PRO A 63 -8.49 6.54 -6.77
C PRO A 63 -9.89 6.44 -7.36
N GLY A 64 -10.86 6.18 -6.49
CA GLY A 64 -12.24 6.06 -6.91
C GLY A 64 -13.08 5.37 -5.84
N GLU A 65 -12.53 4.31 -5.28
CA GLU A 65 -13.22 3.55 -4.24
C GLU A 65 -13.87 4.51 -3.23
N LYS A 66 -14.75 3.96 -2.43
CA LYS A 66 -15.44 4.75 -1.42
C LYS A 66 -14.69 4.65 -0.09
N GLN A 67 -14.83 3.50 0.54
CA GLN A 67 -14.17 3.25 1.82
C GLN A 67 -12.75 2.75 1.60
N PRO A 68 -11.92 2.90 2.66
CA PRO A 68 -10.52 2.47 2.59
C PRO A 68 -10.42 0.95 2.68
N MET A 69 -9.44 0.40 1.96
CA MET A 69 -9.23 -1.02 1.95
C MET A 69 -9.14 -1.58 3.37
N ASP A 70 -9.10 -2.90 3.46
CA ASP A 70 -9.01 -3.56 4.74
C ASP A 70 -7.77 -4.46 4.77
N LEU A 71 -6.86 -4.17 3.86
CA LEU A 71 -5.63 -4.94 3.76
C LEU A 71 -5.93 -6.43 3.98
N GLU A 72 -7.15 -6.81 3.60
CA GLU A 72 -7.57 -8.18 3.75
C GLU A 72 -7.54 -8.91 2.41
N ASN A 73 -7.55 -8.12 1.34
CA ASN A 73 -7.52 -8.66 0.00
C ASN A 73 -6.06 -8.87 -0.42
N PRO A 74 -5.86 -9.86 -1.34
CA PRO A 74 -4.53 -10.17 -1.83
C PRO A 74 -4.06 -9.10 -2.82
N VAL A 75 -2.81 -8.71 -2.68
CA VAL A 75 -2.22 -7.71 -3.55
C VAL A 75 -2.52 -8.08 -5.00
N SER A 76 -2.76 -9.36 -5.22
CA SER A 76 -3.06 -9.86 -6.56
C SER A 76 -4.17 -9.02 -7.18
N SER A 77 -5.06 -8.52 -6.32
CA SER A 77 -6.17 -7.70 -6.78
C SER A 77 -5.69 -6.29 -7.06
N VAL A 78 -4.77 -5.82 -6.24
CA VAL A 78 -4.22 -4.49 -6.39
C VAL A 78 -2.90 -4.56 -7.16
N ALA A 79 -2.95 -5.29 -8.27
CA ALA A 79 -1.77 -5.45 -9.10
C ALA A 79 -2.14 -5.18 -10.56
N SER A 80 -2.52 -3.95 -10.83
CA SER A 80 -2.91 -3.55 -12.18
C SER A 80 -3.00 -2.03 -12.27
N GLN A 81 -3.71 -1.45 -11.31
CA GLN A 81 -3.89 -0.01 -11.27
C GLN A 81 -3.00 0.61 -10.19
N THR A 82 -3.11 1.92 -10.05
CA THR A 82 -2.32 2.65 -9.07
C THR A 82 -3.16 2.94 -7.82
N LEU A 83 -2.66 2.49 -6.69
CA LEU A 83 -3.36 2.70 -5.43
C LEU A 83 -3.02 4.09 -4.89
N VAL A 84 -3.75 4.49 -3.86
CA VAL A 84 -3.53 5.79 -3.25
C VAL A 84 -3.32 5.61 -1.75
N LEU A 85 -2.29 6.27 -1.26
CA LEU A 85 -1.96 6.20 0.15
C LEU A 85 -2.24 7.55 0.81
N ASP A 86 -3.02 7.50 1.88
CA ASP A 86 -3.38 8.71 2.61
C ASP A 86 -2.72 8.69 3.98
N THR A 87 -1.42 8.96 3.99
CA THR A 87 -0.67 8.97 5.23
C THR A 87 -1.36 9.85 6.28
N PRO A 88 -1.05 9.56 7.57
CA PRO A 88 -1.64 10.32 8.67
C PRO A 88 -1.01 11.71 8.78
N PRO A 89 -1.71 12.59 9.53
CA PRO A 89 -1.24 13.96 9.72
C PRO A 89 -0.07 13.99 10.71
N ASP A 90 0.97 13.24 10.38
CA ASP A 90 2.15 13.19 11.23
C ASP A 90 3.06 12.05 10.73
N ALA A 91 4.32 12.41 10.53
CA ALA A 91 5.31 11.45 10.06
C ALA A 91 6.69 12.09 10.07
N LYS A 92 7.70 11.26 10.28
CA LYS A 92 9.07 11.73 10.30
C LYS A 92 9.58 11.93 8.87
N MET A 93 10.58 12.79 8.74
CA MET A 93 11.15 13.08 7.45
C MET A 93 12.67 13.24 7.54
N SER A 94 13.30 13.31 6.38
CA SER A 94 14.74 13.47 6.32
C SER A 94 15.11 14.49 5.23
N GLU A 95 14.66 14.20 4.02
CA GLU A 95 14.93 15.07 2.89
C GLU A 95 13.88 14.86 1.80
N ALA A 96 13.18 15.94 1.46
CA ALA A 96 12.16 15.88 0.43
C ALA A 96 11.66 17.30 0.14
N ARG A 97 10.95 17.41 -0.98
CA ARG A 97 10.41 18.70 -1.38
C ARG A 97 9.45 18.53 -2.56
N SER A 98 10.03 18.14 -3.69
CA SER A 98 9.24 17.94 -4.89
C SER A 98 8.70 19.27 -5.40
N SER A 99 9.27 19.72 -6.51
CA SER A 99 8.86 20.98 -7.12
C SER A 99 7.75 20.73 -8.14
N GLY A 100 6.89 21.74 -8.29
CA GLY A 100 5.79 21.64 -9.23
C GLY A 100 4.49 22.13 -8.59
N PRO A 101 4.16 23.42 -8.88
CA PRO A 101 2.95 24.01 -8.34
C PRO A 101 1.70 23.49 -9.07
N SER A 102 0.55 23.72 -8.45
CA SER A 102 -0.70 23.28 -9.03
C SER A 102 -1.74 24.40 -8.94
N SER A 103 -2.85 24.20 -9.63
CA SER A 103 -3.92 25.18 -9.64
C SER A 103 -3.43 26.49 -10.26
N GLY A 104 -4.34 27.15 -10.96
CA GLY A 104 -4.01 28.41 -11.61
C GLY A 104 -5.08 29.46 -11.33
N GLY A 1 -16.30 -0.11 -17.71
CA GLY A 1 -15.87 -1.07 -18.72
C GLY A 1 -16.23 -2.49 -18.31
N SER A 2 -15.55 -2.96 -17.28
CA SER A 2 -15.79 -4.31 -16.78
C SER A 2 -16.18 -4.26 -15.30
N SER A 3 -17.47 -4.24 -15.07
CA SER A 3 -17.99 -4.20 -13.70
C SER A 3 -17.69 -5.51 -12.99
N GLY A 4 -16.74 -5.45 -12.06
CA GLY A 4 -16.36 -6.62 -11.30
C GLY A 4 -15.09 -7.25 -11.89
N SER A 5 -15.15 -8.57 -12.04
CA SER A 5 -14.03 -9.31 -12.59
C SER A 5 -12.83 -9.21 -11.64
N SER A 6 -12.70 -10.23 -10.80
CA SER A 6 -11.61 -10.28 -9.85
C SER A 6 -11.20 -11.73 -9.58
N GLY A 7 -9.99 -11.89 -9.05
CA GLY A 7 -9.48 -13.21 -8.76
C GLY A 7 -10.50 -14.04 -7.99
N ASP A 8 -10.18 -15.32 -7.84
CA ASP A 8 -11.07 -16.24 -7.14
C ASP A 8 -10.35 -17.57 -6.91
N GLN A 9 -10.39 -18.01 -5.66
CA GLN A 9 -9.75 -19.27 -5.30
C GLN A 9 -8.26 -19.21 -5.63
N GLU A 10 -7.50 -20.11 -5.01
CA GLU A 10 -6.08 -20.18 -5.22
C GLU A 10 -5.64 -21.61 -5.53
N VAL A 11 -5.23 -21.81 -6.77
CA VAL A 11 -4.80 -23.13 -7.21
C VAL A 11 -3.50 -22.99 -8.01
N ARG A 12 -3.59 -22.22 -9.09
CA ARG A 12 -2.44 -21.99 -9.95
C ARG A 12 -1.48 -20.99 -9.30
N LEU A 13 -0.19 -21.27 -9.46
CA LEU A 13 0.83 -20.40 -8.90
C LEU A 13 1.01 -19.19 -9.81
N GLU A 14 1.37 -18.07 -9.20
CA GLU A 14 1.58 -16.84 -9.94
C GLU A 14 2.94 -16.22 -9.57
N ASN A 15 3.35 -15.25 -10.38
CA ASN A 15 4.61 -14.57 -10.15
C ASN A 15 4.36 -13.32 -9.32
N ARG A 16 5.39 -12.91 -8.60
CA ARG A 16 5.30 -11.72 -7.76
C ARG A 16 4.61 -10.59 -8.52
N ILE A 17 3.60 -10.02 -7.88
CA ILE A 17 2.86 -8.93 -8.48
C ILE A 17 3.34 -7.59 -7.89
N THR A 18 3.22 -6.55 -8.70
CA THR A 18 3.64 -5.22 -8.27
C THR A 18 2.57 -4.20 -8.62
N PHE A 19 2.60 -3.08 -7.90
CA PHE A 19 1.64 -2.01 -8.13
C PHE A 19 2.24 -0.65 -7.75
N GLN A 20 1.56 0.40 -8.19
CA GLN A 20 2.01 1.75 -7.90
C GLN A 20 1.19 2.35 -6.75
N LEU A 21 1.80 3.28 -6.05
CA LEU A 21 1.14 3.95 -4.93
C LEU A 21 1.24 5.46 -5.10
N GLU A 22 0.11 6.13 -4.87
CA GLU A 22 0.06 7.57 -5.00
C GLU A 22 0.22 8.23 -3.62
N LEU A 23 1.39 8.81 -3.42
CA LEU A 23 1.68 9.48 -2.15
C LEU A 23 0.91 10.80 -2.09
N VAL A 24 -0.40 10.68 -1.90
CA VAL A 24 -1.25 11.85 -1.82
C VAL A 24 -0.58 12.91 -0.97
N GLY A 25 -0.40 14.08 -1.56
CA GLY A 25 0.24 15.19 -0.88
C GLY A 25 1.67 15.40 -1.37
N LEU A 26 1.97 14.76 -2.50
CA LEU A 26 3.29 14.87 -3.08
C LEU A 26 3.19 14.73 -4.60
N GLU A 27 4.34 14.58 -5.23
CA GLU A 27 4.39 14.44 -6.68
C GLU A 27 5.32 13.29 -7.07
N ARG A 28 4.81 12.08 -6.92
CA ARG A 28 5.57 10.89 -7.23
C ARG A 28 4.66 9.66 -7.29
N VAL A 29 5.26 8.53 -7.63
CA VAL A 29 4.51 7.29 -7.72
C VAL A 29 5.41 6.13 -7.26
N VAL A 30 5.33 5.83 -5.99
CA VAL A 30 6.13 4.75 -5.42
C VAL A 30 5.57 3.42 -5.90
N ARG A 31 6.47 2.44 -5.99
CA ARG A 31 6.09 1.12 -6.45
C ARG A 31 6.27 0.11 -5.31
N ILE A 32 5.44 -0.93 -5.35
CA ILE A 32 5.49 -1.97 -4.34
C ILE A 32 5.47 -3.34 -5.02
N SER A 33 6.46 -4.15 -4.69
CA SER A 33 6.57 -5.49 -5.26
C SER A 33 6.52 -6.53 -4.14
N ALA A 34 5.67 -7.52 -4.34
CA ALA A 34 5.52 -8.59 -3.37
C ALA A 34 4.64 -9.69 -3.96
N LYS A 35 4.76 -10.89 -3.39
CA LYS A 35 4.00 -12.02 -3.85
C LYS A 35 2.52 -11.65 -3.87
N PRO A 36 1.76 -12.35 -4.77
CA PRO A 36 0.34 -12.10 -4.91
C PRO A 36 -0.44 -12.71 -3.73
N THR A 37 -0.28 -14.02 -3.58
CA THR A 37 -0.95 -14.73 -2.50
C THR A 37 -0.98 -13.88 -1.23
N LYS A 38 0.21 -13.49 -0.80
CA LYS A 38 0.34 -12.67 0.40
C LYS A 38 -0.78 -11.63 0.42
N ARG A 39 -1.07 -11.14 1.62
CA ARG A 39 -2.11 -10.15 1.79
C ARG A 39 -1.56 -8.75 1.50
N LEU A 40 -2.41 -7.76 1.71
CA LEU A 40 -2.02 -6.38 1.48
C LEU A 40 -1.25 -5.85 2.69
N GLN A 41 -1.57 -6.43 3.84
CA GLN A 41 -0.91 -6.03 5.07
C GLN A 41 0.43 -6.74 5.22
N GLU A 42 0.43 -8.01 4.86
CA GLU A 42 1.65 -8.81 4.95
C GLU A 42 2.65 -8.36 3.88
N ALA A 43 2.12 -7.79 2.82
CA ALA A 43 2.95 -7.32 1.73
C ALA A 43 3.41 -5.89 2.02
N LEU A 44 2.64 -5.21 2.83
CA LEU A 44 2.96 -3.84 3.21
C LEU A 44 3.68 -3.84 4.55
N GLN A 45 3.64 -4.99 5.21
CA GLN A 45 4.30 -5.13 6.50
C GLN A 45 5.79 -4.80 6.38
N PRO A 46 6.44 -5.41 5.36
CA PRO A 46 7.86 -5.18 5.13
C PRO A 46 8.09 -3.82 4.50
N ILE A 47 6.99 -3.13 4.21
CA ILE A 47 7.06 -1.81 3.61
C ILE A 47 6.85 -0.75 4.68
N LEU A 48 5.78 -0.93 5.45
CA LEU A 48 5.45 -0.01 6.51
C LEU A 48 6.53 -0.07 7.59
N ALA A 49 6.96 -1.29 7.89
CA ALA A 49 7.98 -1.49 8.89
C ALA A 49 9.30 -0.86 8.42
N LYS A 50 9.47 -0.85 7.11
CA LYS A 50 10.67 -0.28 6.52
C LYS A 50 10.46 1.22 6.28
N HIS A 51 9.20 1.63 6.43
CA HIS A 51 8.85 3.02 6.24
C HIS A 51 8.41 3.64 7.57
N GLY A 52 8.62 2.87 8.63
CA GLY A 52 8.26 3.32 9.96
C GLY A 52 6.75 3.59 10.05
N LEU A 53 6.04 3.10 9.06
CA LEU A 53 4.59 3.28 9.02
C LEU A 53 3.91 2.10 9.71
N SER A 54 2.59 2.09 9.64
CA SER A 54 1.81 1.03 10.25
C SER A 54 0.59 0.71 9.39
N LEU A 55 0.15 -0.53 9.49
CA LEU A 55 -1.00 -0.99 8.72
C LEU A 55 -2.25 -0.30 9.24
N ASP A 56 -2.19 0.11 10.51
CA ASP A 56 -3.31 0.78 11.14
C ASP A 56 -3.02 2.28 11.22
N GLN A 57 -2.10 2.72 10.37
CA GLN A 57 -1.73 4.13 10.33
C GLN A 57 -2.09 4.73 8.97
N VAL A 58 -1.69 4.04 7.92
CA VAL A 58 -1.96 4.50 6.57
C VAL A 58 -3.33 3.96 6.12
N VAL A 59 -3.84 4.56 5.05
CA VAL A 59 -5.12 4.16 4.52
C VAL A 59 -4.99 3.92 3.01
N LEU A 60 -5.21 2.67 2.62
CA LEU A 60 -5.12 2.30 1.22
C LEU A 60 -6.52 2.30 0.60
N HIS A 61 -6.59 2.78 -0.63
CA HIS A 61 -7.85 2.84 -1.35
C HIS A 61 -7.63 3.47 -2.73
N ARG A 62 -7.94 2.68 -3.74
CA ARG A 62 -7.78 3.13 -5.12
C ARG A 62 -8.28 4.58 -5.25
N PRO A 63 -7.84 5.23 -6.35
CA PRO A 63 -8.22 6.62 -6.61
C PRO A 63 -9.67 6.68 -7.11
N GLY A 64 -10.59 6.53 -6.18
CA GLY A 64 -12.00 6.58 -6.50
C GLY A 64 -12.76 5.40 -5.87
N GLU A 65 -12.55 5.24 -4.57
CA GLU A 65 -13.19 4.18 -3.83
C GLU A 65 -14.14 4.75 -2.78
N LYS A 66 -14.81 3.85 -2.08
CA LYS A 66 -15.75 4.25 -1.04
C LYS A 66 -15.08 4.13 0.33
N GLN A 67 -14.82 2.89 0.71
CA GLN A 67 -14.19 2.62 1.99
C GLN A 67 -12.73 2.20 1.78
N PRO A 68 -11.94 2.32 2.88
CA PRO A 68 -10.53 1.96 2.83
C PRO A 68 -10.36 0.44 2.82
N MET A 69 -9.25 0.00 2.24
CA MET A 69 -8.95 -1.41 2.15
C MET A 69 -8.59 -1.98 3.53
N ASP A 70 -9.03 -3.20 3.76
CA ASP A 70 -8.77 -3.87 5.03
C ASP A 70 -7.47 -4.67 4.92
N LEU A 71 -6.67 -4.29 3.94
CA LEU A 71 -5.39 -4.96 3.71
C LEU A 71 -5.58 -6.47 3.91
N GLU A 72 -6.79 -6.93 3.64
CA GLU A 72 -7.11 -8.34 3.77
C GLU A 72 -6.96 -9.06 2.43
N ASN A 73 -7.38 -8.37 1.39
CA ASN A 73 -7.31 -8.93 0.05
C ASN A 73 -5.85 -9.06 -0.37
N PRO A 74 -5.60 -10.04 -1.29
CA PRO A 74 -4.25 -10.28 -1.77
C PRO A 74 -3.81 -9.19 -2.75
N VAL A 75 -2.55 -8.81 -2.62
CA VAL A 75 -2.00 -7.77 -3.48
C VAL A 75 -2.38 -8.06 -4.94
N SER A 76 -2.62 -9.34 -5.21
CA SER A 76 -3.00 -9.76 -6.55
C SER A 76 -4.23 -8.98 -7.02
N SER A 77 -4.93 -8.41 -6.05
CA SER A 77 -6.12 -7.63 -6.35
C SER A 77 -5.72 -6.21 -6.76
N VAL A 78 -4.65 -5.73 -6.17
CA VAL A 78 -4.15 -4.40 -6.47
C VAL A 78 -3.28 -4.45 -7.72
N ALA A 79 -3.05 -5.66 -8.19
CA ALA A 79 -2.23 -5.86 -9.37
C ALA A 79 -2.76 -4.97 -10.50
N SER A 80 -1.87 -4.11 -11.01
CA SER A 80 -2.23 -3.22 -12.08
C SER A 80 -2.89 -1.96 -11.52
N GLN A 81 -2.78 -0.88 -12.28
CA GLN A 81 -3.36 0.39 -11.87
C GLN A 81 -2.47 1.07 -10.82
N THR A 82 -2.87 2.26 -10.42
CA THR A 82 -2.13 3.01 -9.44
C THR A 82 -2.97 3.22 -8.18
N LEU A 83 -2.46 2.70 -7.07
CA LEU A 83 -3.15 2.82 -5.80
C LEU A 83 -2.97 4.24 -5.25
N VAL A 84 -3.66 4.52 -4.15
CA VAL A 84 -3.58 5.83 -3.54
C VAL A 84 -3.41 5.66 -2.03
N LEU A 85 -2.37 6.30 -1.50
CA LEU A 85 -2.08 6.23 -0.08
C LEU A 85 -2.41 7.57 0.57
N ASP A 86 -3.00 7.50 1.75
CA ASP A 86 -3.36 8.70 2.49
C ASP A 86 -2.79 8.62 3.91
N THR A 87 -1.51 8.96 4.01
CA THR A 87 -0.83 8.94 5.29
C THR A 87 -1.63 9.72 6.33
N PRO A 88 -1.37 9.38 7.63
CA PRO A 88 -2.06 10.05 8.72
C PRO A 88 -1.51 11.46 8.94
N PRO A 89 -2.22 12.22 9.82
CA PRO A 89 -1.82 13.58 10.12
C PRO A 89 -0.60 13.60 11.04
N ASP A 90 -0.59 12.67 11.97
CA ASP A 90 0.52 12.56 12.92
C ASP A 90 1.17 11.18 12.79
N ALA A 91 2.41 11.19 12.32
CA ALA A 91 3.14 9.94 12.15
C ALA A 91 4.44 10.01 12.96
N LYS A 92 4.71 8.93 13.69
CA LYS A 92 5.90 8.85 14.51
C LYS A 92 7.11 9.26 13.67
N MET A 93 7.86 10.23 14.17
CA MET A 93 9.04 10.71 13.49
C MET A 93 9.87 11.61 14.40
N SER A 94 11.18 11.43 14.33
CA SER A 94 12.10 12.21 15.14
C SER A 94 11.77 13.70 15.00
N GLU A 95 11.77 14.16 13.76
CA GLU A 95 11.48 15.55 13.48
C GLU A 95 10.12 15.68 12.77
N ALA A 96 9.08 15.26 13.48
CA ALA A 96 7.73 15.33 12.93
C ALA A 96 7.15 16.71 13.18
N ARG A 97 6.06 17.01 12.48
CA ARG A 97 5.39 18.29 12.62
C ARG A 97 3.98 18.21 12.04
N SER A 98 3.01 18.08 12.95
CA SER A 98 1.62 18.00 12.55
C SER A 98 0.73 17.88 13.78
N SER A 99 -0.48 18.40 13.65
CA SER A 99 -1.45 18.36 14.74
C SER A 99 -1.69 16.91 15.16
N GLY A 100 -1.72 16.70 16.47
CA GLY A 100 -1.95 15.36 17.01
C GLY A 100 -2.57 15.44 18.40
N PRO A 101 -3.93 15.31 18.45
CA PRO A 101 -4.64 15.36 19.71
C PRO A 101 -4.45 14.06 20.50
N SER A 102 -4.70 14.16 21.80
CA SER A 102 -4.57 13.00 22.67
C SER A 102 -5.81 12.87 23.56
N SER A 103 -6.42 11.70 23.49
CA SER A 103 -7.61 11.42 24.28
C SER A 103 -8.09 9.99 24.04
N GLY A 104 -8.40 9.71 22.78
CA GLY A 104 -8.86 8.38 22.41
C GLY A 104 -10.12 8.00 23.19
N GLY A 1 -13.02 4.65 -20.21
CA GLY A 1 -12.14 3.83 -19.40
C GLY A 1 -12.89 3.24 -18.20
N SER A 2 -13.53 4.11 -17.45
CA SER A 2 -14.28 3.69 -16.28
C SER A 2 -13.32 3.08 -15.24
N SER A 3 -12.92 1.85 -15.50
CA SER A 3 -12.01 1.15 -14.60
C SER A 3 -11.36 -0.02 -15.32
N GLY A 4 -12.20 -0.93 -15.80
CA GLY A 4 -11.72 -2.10 -16.51
C GLY A 4 -10.91 -3.00 -15.58
N SER A 5 -11.61 -3.91 -14.92
CA SER A 5 -10.95 -4.83 -14.00
C SER A 5 -11.95 -5.91 -13.57
N SER A 6 -11.64 -7.15 -13.94
CA SER A 6 -12.49 -8.27 -13.59
C SER A 6 -11.85 -9.58 -14.07
N GLY A 7 -12.42 -10.68 -13.59
CA GLY A 7 -11.91 -12.00 -13.96
C GLY A 7 -11.82 -12.14 -15.49
N ASP A 8 -11.37 -13.31 -15.90
CA ASP A 8 -11.23 -13.59 -17.32
C ASP A 8 -10.46 -14.90 -17.51
N GLN A 9 -9.29 -14.96 -16.90
CA GLN A 9 -8.46 -16.15 -16.99
C GLN A 9 -7.16 -15.94 -16.21
N GLU A 10 -6.29 -16.94 -16.30
CA GLU A 10 -5.01 -16.87 -15.61
C GLU A 10 -4.41 -18.28 -15.47
N VAL A 11 -5.30 -19.27 -15.45
CA VAL A 11 -4.89 -20.65 -15.32
C VAL A 11 -4.23 -20.85 -13.96
N ARG A 12 -2.97 -20.46 -13.89
CA ARG A 12 -2.21 -20.60 -12.65
C ARG A 12 -1.78 -19.22 -12.14
N LEU A 13 -1.78 -19.08 -10.82
CA LEU A 13 -1.39 -17.83 -10.19
C LEU A 13 -0.17 -17.27 -10.92
N GLU A 14 0.01 -15.96 -10.79
CA GLU A 14 1.13 -15.28 -11.42
C GLU A 14 2.23 -15.03 -10.40
N ASN A 15 3.47 -14.98 -10.90
CA ASN A 15 4.61 -14.75 -10.05
C ASN A 15 4.41 -13.44 -9.28
N ARG A 16 5.42 -13.10 -8.47
CA ARG A 16 5.36 -11.89 -7.69
C ARG A 16 4.71 -10.75 -8.50
N ILE A 17 3.72 -10.12 -7.88
CA ILE A 17 3.02 -9.03 -8.53
C ILE A 17 3.52 -7.71 -7.97
N THR A 18 3.27 -6.64 -8.73
CA THR A 18 3.69 -5.31 -8.31
C THR A 18 2.60 -4.28 -8.64
N PHE A 19 2.66 -3.16 -7.94
CA PHE A 19 1.69 -2.10 -8.15
C PHE A 19 2.27 -0.74 -7.74
N GLN A 20 1.64 0.31 -8.24
CA GLN A 20 2.08 1.66 -7.95
C GLN A 20 1.21 2.27 -6.85
N LEU A 21 1.77 3.26 -6.16
CA LEU A 21 1.05 3.94 -5.10
C LEU A 21 1.23 5.45 -5.26
N GLU A 22 0.16 6.18 -4.97
CA GLU A 22 0.18 7.62 -5.07
C GLU A 22 0.38 8.24 -3.69
N LEU A 23 1.57 8.81 -3.50
CA LEU A 23 1.90 9.45 -2.24
C LEU A 23 1.25 10.84 -2.18
N VAL A 24 -0.06 10.84 -2.03
CA VAL A 24 -0.80 12.09 -1.95
C VAL A 24 -0.07 13.07 -1.04
N GLY A 25 0.08 14.28 -1.53
CA GLY A 25 0.76 15.31 -0.77
C GLY A 25 2.25 15.39 -1.15
N LEU A 26 2.87 14.22 -1.21
CA LEU A 26 4.28 14.13 -1.54
C LEU A 26 4.44 14.32 -3.05
N GLU A 27 3.42 13.92 -3.79
CA GLU A 27 3.44 14.05 -5.24
C GLU A 27 4.53 13.16 -5.83
N ARG A 28 4.24 11.86 -5.85
CA ARG A 28 5.19 10.90 -6.38
C ARG A 28 4.56 9.51 -6.45
N VAL A 29 4.79 8.83 -7.57
CA VAL A 29 4.24 7.51 -7.77
C VAL A 29 5.29 6.47 -7.37
N VAL A 30 4.97 5.73 -6.32
CA VAL A 30 5.87 4.70 -5.83
C VAL A 30 5.38 3.33 -6.30
N ARG A 31 6.29 2.38 -6.28
CA ARG A 31 5.97 1.02 -6.70
C ARG A 31 6.25 0.04 -5.56
N ILE A 32 5.39 -0.96 -5.46
CA ILE A 32 5.54 -1.98 -4.44
C ILE A 32 5.54 -3.36 -5.09
N SER A 33 6.52 -4.16 -4.68
CA SER A 33 6.65 -5.51 -5.22
C SER A 33 6.53 -6.53 -4.10
N ALA A 34 5.72 -7.54 -4.34
CA ALA A 34 5.51 -8.59 -3.36
C ALA A 34 4.64 -9.70 -3.98
N LYS A 35 4.69 -10.86 -3.35
CA LYS A 35 3.92 -12.01 -3.82
C LYS A 35 2.44 -11.62 -3.85
N PRO A 36 1.69 -12.31 -4.76
CA PRO A 36 0.26 -12.06 -4.90
C PRO A 36 -0.52 -12.68 -3.74
N THR A 37 -0.37 -13.98 -3.60
CA THR A 37 -1.06 -14.70 -2.53
C THR A 37 -1.11 -13.86 -1.26
N LYS A 38 0.07 -13.40 -0.84
CA LYS A 38 0.17 -12.58 0.35
C LYS A 38 -0.94 -11.53 0.35
N ARG A 39 -1.16 -10.93 1.51
CA ARG A 39 -2.18 -9.92 1.65
C ARG A 39 -1.61 -8.53 1.36
N LEU A 40 -2.46 -7.53 1.52
CA LEU A 40 -2.05 -6.16 1.27
C LEU A 40 -1.32 -5.62 2.50
N GLN A 41 -1.68 -6.16 3.65
CA GLN A 41 -1.07 -5.75 4.90
C GLN A 41 0.22 -6.53 5.16
N GLU A 42 0.20 -7.78 4.72
CA GLU A 42 1.36 -8.66 4.90
C GLU A 42 2.46 -8.25 3.93
N ALA A 43 2.06 -7.68 2.81
CA ALA A 43 3.01 -7.25 1.79
C ALA A 43 3.48 -5.84 2.13
N LEU A 44 2.68 -5.13 2.90
CA LEU A 44 3.00 -3.77 3.29
C LEU A 44 3.72 -3.79 4.64
N GLN A 45 3.61 -4.93 5.32
CA GLN A 45 4.24 -5.10 6.61
C GLN A 45 5.74 -4.81 6.52
N PRO A 46 6.39 -5.46 5.53
CA PRO A 46 7.82 -5.28 5.32
C PRO A 46 8.11 -3.92 4.67
N ILE A 47 7.04 -3.21 4.35
CA ILE A 47 7.17 -1.91 3.74
C ILE A 47 6.98 -0.82 4.79
N LEU A 48 5.91 -0.95 5.57
CA LEU A 48 5.61 0.01 6.61
C LEU A 48 6.77 0.02 7.62
N ALA A 49 7.04 -1.15 8.17
CA ALA A 49 8.10 -1.29 9.15
C ALA A 49 9.38 -0.63 8.61
N LYS A 50 9.71 -0.99 7.38
CA LYS A 50 10.90 -0.44 6.74
C LYS A 50 10.74 1.08 6.61
N HIS A 51 9.52 1.49 6.34
CA HIS A 51 9.22 2.91 6.18
C HIS A 51 8.88 3.51 7.54
N GLY A 52 9.08 2.72 8.58
CA GLY A 52 8.81 3.15 9.94
C GLY A 52 7.34 3.54 10.10
N LEU A 53 6.52 2.99 9.23
CA LEU A 53 5.10 3.27 9.27
C LEU A 53 4.37 2.13 9.98
N SER A 54 3.05 2.13 9.88
CA SER A 54 2.24 1.11 10.50
C SER A 54 1.04 0.78 9.62
N LEU A 55 0.31 -0.26 10.03
CA LEU A 55 -0.86 -0.68 9.28
C LEU A 55 -2.07 0.13 9.72
N ASP A 56 -2.02 0.59 10.97
CA ASP A 56 -3.10 1.37 11.52
C ASP A 56 -2.73 2.85 11.47
N GLN A 57 -1.95 3.20 10.46
CA GLN A 57 -1.51 4.57 10.28
C GLN A 57 -1.79 5.04 8.84
N VAL A 58 -1.38 4.21 7.90
CA VAL A 58 -1.58 4.51 6.49
C VAL A 58 -2.92 3.94 6.04
N VAL A 59 -3.61 4.71 5.20
CA VAL A 59 -4.90 4.30 4.69
C VAL A 59 -4.78 4.06 3.18
N LEU A 60 -5.01 2.80 2.80
CA LEU A 60 -4.93 2.43 1.39
C LEU A 60 -6.32 2.57 0.76
N HIS A 61 -6.33 3.11 -0.45
CA HIS A 61 -7.57 3.31 -1.18
C HIS A 61 -7.26 3.83 -2.59
N ARG A 62 -7.60 3.01 -3.57
CA ARG A 62 -7.36 3.36 -4.96
C ARG A 62 -8.24 4.56 -5.35
N PRO A 63 -7.80 5.26 -6.44
CA PRO A 63 -8.53 6.42 -6.92
C PRO A 63 -9.81 6.00 -7.65
N GLY A 64 -10.85 5.75 -6.86
CA GLY A 64 -12.12 5.35 -7.42
C GLY A 64 -12.98 4.65 -6.37
N GLU A 65 -12.31 4.07 -5.39
CA GLU A 65 -13.00 3.38 -4.30
C GLU A 65 -13.32 4.34 -3.17
N LYS A 66 -12.48 5.35 -3.03
CA LYS A 66 -12.66 6.35 -2.00
C LYS A 66 -12.40 5.71 -0.63
N GLN A 67 -13.37 4.93 -0.19
CA GLN A 67 -13.27 4.25 1.09
C GLN A 67 -11.93 3.51 1.20
N PRO A 68 -11.56 3.18 2.46
CA PRO A 68 -10.31 2.48 2.71
C PRO A 68 -10.42 1.00 2.31
N MET A 69 -9.60 0.61 1.35
CA MET A 69 -9.60 -0.75 0.87
C MET A 69 -9.33 -1.74 2.02
N ASP A 70 -9.53 -3.01 1.72
CA ASP A 70 -9.31 -4.05 2.71
C ASP A 70 -7.98 -4.76 2.43
N LEU A 71 -7.00 -4.48 3.28
CA LEU A 71 -5.69 -5.08 3.13
C LEU A 71 -5.83 -6.60 3.12
N GLU A 72 -6.75 -7.09 3.94
CA GLU A 72 -6.99 -8.53 4.03
C GLU A 72 -6.95 -9.16 2.63
N ASN A 73 -7.30 -8.35 1.64
CA ASN A 73 -7.31 -8.81 0.27
C ASN A 73 -5.87 -9.01 -0.21
N PRO A 74 -5.70 -10.02 -1.11
CA PRO A 74 -4.38 -10.32 -1.65
C PRO A 74 -3.97 -9.27 -2.70
N VAL A 75 -2.70 -8.90 -2.64
CA VAL A 75 -2.16 -7.93 -3.57
C VAL A 75 -2.46 -8.37 -5.00
N SER A 76 -2.64 -9.67 -5.16
CA SER A 76 -2.92 -10.23 -6.47
C SER A 76 -4.09 -9.51 -7.11
N SER A 77 -4.93 -8.91 -6.26
CA SER A 77 -6.08 -8.17 -6.73
C SER A 77 -5.70 -6.74 -7.06
N VAL A 78 -4.64 -6.28 -6.40
CA VAL A 78 -4.15 -4.92 -6.61
C VAL A 78 -2.83 -4.99 -7.38
N ALA A 79 -2.82 -5.80 -8.42
CA ALA A 79 -1.63 -5.96 -9.24
C ALA A 79 -1.83 -5.21 -10.56
N SER A 80 -2.35 -4.00 -10.44
CA SER A 80 -2.60 -3.17 -11.61
C SER A 80 -3.08 -1.79 -11.18
N GLN A 81 -2.97 -0.84 -12.11
CA GLN A 81 -3.38 0.52 -11.85
C GLN A 81 -2.56 1.11 -10.69
N THR A 82 -2.72 2.41 -10.50
CA THR A 82 -2.01 3.11 -9.45
C THR A 82 -2.94 3.36 -8.25
N LEU A 83 -2.49 2.93 -7.09
CA LEU A 83 -3.27 3.11 -5.88
C LEU A 83 -2.98 4.50 -5.29
N VAL A 84 -3.69 4.81 -4.22
CA VAL A 84 -3.52 6.09 -3.56
C VAL A 84 -3.41 5.87 -2.05
N LEU A 85 -2.32 6.38 -1.49
CA LEU A 85 -2.09 6.25 -0.06
C LEU A 85 -2.37 7.59 0.63
N ASP A 86 -2.93 7.50 1.82
CA ASP A 86 -3.25 8.70 2.59
C ASP A 86 -2.59 8.61 3.96
N THR A 87 -1.38 9.14 4.03
CA THR A 87 -0.62 9.13 5.27
C THR A 87 -1.33 9.97 6.33
N PRO A 88 -1.02 9.67 7.62
CA PRO A 88 -1.61 10.39 8.73
C PRO A 88 -0.99 11.77 8.88
N PRO A 89 -1.68 12.63 9.69
CA PRO A 89 -1.20 13.98 9.92
C PRO A 89 0.00 13.99 10.87
N ASP A 90 0.75 15.08 10.82
CA ASP A 90 1.92 15.23 11.67
C ASP A 90 2.85 14.03 11.45
N ALA A 91 3.75 14.18 10.50
CA ALA A 91 4.69 13.12 10.20
C ALA A 91 5.88 13.70 9.42
N LYS A 92 6.91 14.07 10.17
CA LYS A 92 8.11 14.63 9.57
C LYS A 92 9.20 13.57 9.49
N MET A 93 9.66 13.15 10.66
CA MET A 93 10.70 12.13 10.74
C MET A 93 11.76 12.36 9.66
N SER A 94 12.70 13.23 10.00
CA SER A 94 13.78 13.54 9.08
C SER A 94 13.22 13.83 7.68
N GLU A 95 12.72 15.04 7.52
CA GLU A 95 12.15 15.45 6.23
C GLU A 95 11.65 16.89 6.31
N ALA A 96 11.26 17.42 5.16
CA ALA A 96 10.76 18.78 5.08
C ALA A 96 9.75 18.88 3.94
N ARG A 97 8.78 19.77 4.12
CA ARG A 97 7.76 19.98 3.12
C ARG A 97 6.87 21.17 3.49
N SER A 98 6.50 21.94 2.49
CA SER A 98 5.65 23.10 2.71
C SER A 98 5.43 23.83 1.38
N SER A 99 4.37 23.41 0.69
CA SER A 99 4.04 24.01 -0.59
C SER A 99 2.73 23.42 -1.12
N GLY A 100 1.67 24.21 -1.01
CA GLY A 100 0.37 23.76 -1.46
C GLY A 100 -0.67 24.88 -1.30
N PRO A 101 -1.74 24.81 -2.15
CA PRO A 101 -2.80 25.78 -2.10
C PRO A 101 -3.71 25.57 -0.89
N SER A 102 -4.33 26.65 -0.45
CA SER A 102 -5.21 26.59 0.71
C SER A 102 -6.32 25.57 0.45
N SER A 103 -6.77 24.95 1.53
CA SER A 103 -7.82 23.95 1.44
C SER A 103 -9.08 24.44 2.17
N GLY A 104 -10.17 23.73 1.94
CA GLY A 104 -11.44 24.08 2.57
C GLY A 104 -12.57 24.06 1.55
N GLY A 1 4.70 -24.38 31.75
CA GLY A 1 4.75 -25.27 30.61
C GLY A 1 4.93 -24.50 29.30
N SER A 2 5.18 -25.24 28.24
CA SER A 2 5.38 -24.64 26.93
C SER A 2 5.57 -25.73 25.88
N SER A 3 5.51 -25.31 24.62
CA SER A 3 5.66 -26.23 23.51
C SER A 3 5.54 -25.49 22.19
N GLY A 4 5.92 -26.17 21.12
CA GLY A 4 5.86 -25.59 19.79
C GLY A 4 6.51 -26.51 18.75
N SER A 5 7.69 -26.10 18.30
CA SER A 5 8.42 -26.87 17.31
C SER A 5 7.60 -26.99 16.02
N SER A 6 8.31 -27.01 14.91
CA SER A 6 7.67 -27.11 13.61
C SER A 6 8.72 -27.34 12.52
N GLY A 7 8.27 -27.91 11.41
CA GLY A 7 9.16 -28.18 10.29
C GLY A 7 8.46 -27.94 8.96
N ASP A 8 9.08 -27.12 8.13
CA ASP A 8 8.51 -26.80 6.83
C ASP A 8 9.47 -25.88 6.07
N GLN A 9 9.69 -26.20 4.81
CA GLN A 9 10.57 -25.41 3.98
C GLN A 9 9.86 -24.98 2.69
N GLU A 10 10.56 -24.19 1.89
CA GLU A 10 10.00 -23.70 0.65
C GLU A 10 10.97 -22.71 -0.01
N VAL A 11 10.84 -22.59 -1.33
CA VAL A 11 11.68 -21.68 -2.07
C VAL A 11 10.81 -20.79 -2.95
N ARG A 12 11.44 -19.76 -3.51
CA ARG A 12 10.73 -18.82 -4.37
C ARG A 12 10.13 -19.57 -5.57
N LEU A 13 8.80 -19.60 -5.59
CA LEU A 13 8.09 -20.26 -6.67
C LEU A 13 6.70 -19.65 -6.80
N GLU A 14 6.67 -18.36 -7.08
CA GLU A 14 5.42 -17.64 -7.23
C GLU A 14 5.56 -16.54 -8.28
N ASN A 15 4.42 -16.06 -8.75
CA ASN A 15 4.40 -15.00 -9.74
C ASN A 15 4.24 -13.65 -9.06
N ARG A 16 5.27 -13.27 -8.31
CA ARG A 16 5.27 -12.01 -7.60
C ARG A 16 4.67 -10.91 -8.47
N ILE A 17 3.71 -10.20 -7.91
CA ILE A 17 3.05 -9.11 -8.62
C ILE A 17 3.55 -7.77 -8.08
N THR A 18 3.48 -6.76 -8.92
CA THR A 18 3.92 -5.43 -8.55
C THR A 18 2.82 -4.40 -8.84
N PHE A 19 2.85 -3.32 -8.07
CA PHE A 19 1.86 -2.27 -8.24
C PHE A 19 2.43 -0.92 -7.81
N GLN A 20 1.77 0.15 -8.26
CA GLN A 20 2.21 1.49 -7.93
C GLN A 20 1.33 2.07 -6.82
N LEU A 21 1.89 3.06 -6.12
CA LEU A 21 1.17 3.70 -5.04
C LEU A 21 1.27 5.22 -5.19
N GLU A 22 0.19 5.89 -4.86
CA GLU A 22 0.13 7.34 -4.97
C GLU A 22 0.35 7.97 -3.58
N LEU A 23 1.48 8.65 -3.44
CA LEU A 23 1.82 9.30 -2.19
C LEU A 23 1.15 10.67 -2.15
N VAL A 24 -0.16 10.66 -2.00
CA VAL A 24 -0.93 11.89 -1.95
C VAL A 24 -0.23 12.88 -1.00
N GLY A 25 -0.08 12.44 0.25
CA GLY A 25 0.56 13.27 1.25
C GLY A 25 1.73 14.05 0.66
N LEU A 26 2.47 13.38 -0.22
CA LEU A 26 3.61 13.99 -0.87
C LEU A 26 3.19 14.51 -2.25
N GLU A 27 3.45 13.69 -3.25
CA GLU A 27 3.11 14.05 -4.62
C GLU A 27 3.97 13.26 -5.61
N ARG A 28 4.12 11.98 -5.33
CA ARG A 28 4.90 11.11 -6.18
C ARG A 28 4.37 9.67 -6.13
N VAL A 29 4.52 8.98 -7.24
CA VAL A 29 4.06 7.60 -7.33
C VAL A 29 5.22 6.66 -7.01
N VAL A 30 4.91 5.62 -6.25
CA VAL A 30 5.91 4.64 -5.86
C VAL A 30 5.48 3.25 -6.34
N ARG A 31 6.43 2.34 -6.34
CA ARG A 31 6.17 0.97 -6.78
C ARG A 31 6.43 0.00 -5.64
N ILE A 32 5.59 -1.02 -5.57
CA ILE A 32 5.72 -2.03 -4.53
C ILE A 32 5.69 -3.42 -5.17
N SER A 33 6.60 -4.27 -4.70
CA SER A 33 6.70 -5.63 -5.22
C SER A 33 6.55 -6.64 -4.09
N ALA A 34 5.73 -7.64 -4.34
CA ALA A 34 5.50 -8.68 -3.35
C ALA A 34 4.57 -9.75 -3.93
N LYS A 35 4.60 -10.92 -3.31
CA LYS A 35 3.77 -12.02 -3.76
C LYS A 35 2.31 -11.58 -3.80
N PRO A 36 1.54 -12.22 -4.72
CA PRO A 36 0.12 -11.90 -4.86
C PRO A 36 -0.69 -12.48 -3.71
N THR A 37 -0.59 -13.79 -3.57
CA THR A 37 -1.32 -14.49 -2.52
C THR A 37 -1.33 -13.65 -1.24
N LYS A 38 -0.14 -13.24 -0.82
CA LYS A 38 0.00 -12.44 0.38
C LYS A 38 -1.09 -11.36 0.39
N ARG A 39 -1.28 -10.78 1.58
CA ARG A 39 -2.28 -9.74 1.74
C ARG A 39 -1.67 -8.36 1.45
N LEU A 40 -2.49 -7.34 1.61
CA LEU A 40 -2.06 -5.98 1.36
C LEU A 40 -1.35 -5.45 2.60
N GLN A 41 -1.69 -6.04 3.74
CA GLN A 41 -1.10 -5.63 5.00
C GLN A 41 0.21 -6.40 5.25
N GLU A 42 0.20 -7.66 4.83
CA GLU A 42 1.37 -8.52 4.99
C GLU A 42 2.42 -8.17 3.93
N ALA A 43 1.96 -7.63 2.83
CA ALA A 43 2.84 -7.25 1.74
C ALA A 43 3.41 -5.86 2.01
N LEU A 44 2.64 -5.07 2.74
CA LEU A 44 3.05 -3.71 3.08
C LEU A 44 3.76 -3.72 4.44
N GLN A 45 3.58 -4.82 5.16
CA GLN A 45 4.20 -4.97 6.47
C GLN A 45 5.70 -4.70 6.38
N PRO A 46 6.34 -5.37 5.39
CA PRO A 46 7.78 -5.21 5.19
C PRO A 46 8.09 -3.86 4.53
N ILE A 47 7.03 -3.13 4.21
CA ILE A 47 7.18 -1.83 3.58
C ILE A 47 7.00 -0.74 4.64
N LEU A 48 5.96 -0.89 5.43
CA LEU A 48 5.65 0.06 6.49
C LEU A 48 6.76 0.01 7.55
N ALA A 49 7.26 -1.21 7.76
CA ALA A 49 8.31 -1.41 8.75
C ALA A 49 9.62 -0.83 8.22
N LYS A 50 9.69 -0.71 6.90
CA LYS A 50 10.88 -0.16 6.26
C LYS A 50 10.67 1.33 6.00
N HIS A 51 9.45 1.78 6.22
CA HIS A 51 9.11 3.17 6.01
C HIS A 51 8.70 3.81 7.34
N GLY A 52 8.91 3.05 8.41
CA GLY A 52 8.57 3.52 9.74
C GLY A 52 7.07 3.82 9.85
N LEU A 53 6.32 3.25 8.90
CA LEU A 53 4.88 3.45 8.88
C LEU A 53 4.21 2.28 9.60
N SER A 54 2.89 2.19 9.42
CA SER A 54 2.12 1.14 10.05
C SER A 54 0.88 0.84 9.22
N LEU A 55 0.11 -0.14 9.68
CA LEU A 55 -1.11 -0.53 8.99
C LEU A 55 -2.29 0.27 9.54
N ASP A 56 -2.19 0.59 10.83
CA ASP A 56 -3.23 1.35 11.49
C ASP A 56 -2.85 2.83 11.54
N GLN A 57 -2.19 3.27 10.46
CA GLN A 57 -1.75 4.65 10.37
C GLN A 57 -2.08 5.21 8.99
N VAL A 58 -1.72 4.44 7.97
CA VAL A 58 -1.97 4.85 6.60
C VAL A 58 -3.31 4.30 6.14
N VAL A 59 -3.78 4.81 5.00
CA VAL A 59 -5.05 4.36 4.44
C VAL A 59 -4.86 4.05 2.96
N LEU A 60 -5.07 2.79 2.62
CA LEU A 60 -4.94 2.35 1.25
C LEU A 60 -6.29 2.43 0.55
N HIS A 61 -6.26 2.89 -0.69
CA HIS A 61 -7.48 3.02 -1.47
C HIS A 61 -7.13 3.43 -2.90
N ARG A 62 -7.88 2.87 -3.84
CA ARG A 62 -7.66 3.17 -5.25
C ARG A 62 -8.09 4.60 -5.57
N PRO A 63 -7.56 5.12 -6.71
CA PRO A 63 -7.89 6.47 -7.13
C PRO A 63 -9.30 6.54 -7.71
N GLY A 64 -10.24 6.92 -6.87
CA GLY A 64 -11.63 7.02 -7.28
C GLY A 64 -12.49 5.96 -6.60
N GLU A 65 -12.42 5.96 -5.28
CA GLU A 65 -13.18 5.00 -4.49
C GLU A 65 -14.19 5.73 -3.60
N LYS A 66 -14.95 4.94 -2.86
CA LYS A 66 -15.96 5.50 -1.96
C LYS A 66 -15.53 5.24 -0.51
N GLN A 67 -14.60 4.31 -0.36
CA GLN A 67 -14.10 3.95 0.96
C GLN A 67 -12.71 3.34 0.85
N PRO A 68 -12.04 3.21 2.03
CA PRO A 68 -10.71 2.64 2.08
C PRO A 68 -10.75 1.12 1.90
N MET A 69 -9.96 0.64 0.97
CA MET A 69 -9.90 -0.79 0.68
C MET A 69 -9.47 -1.58 1.93
N ASP A 70 -9.66 -2.89 1.86
CA ASP A 70 -9.31 -3.75 2.96
C ASP A 70 -8.01 -4.49 2.63
N LEU A 71 -6.99 -4.24 3.44
CA LEU A 71 -5.70 -4.87 3.24
C LEU A 71 -5.88 -6.39 3.22
N GLU A 72 -6.89 -6.85 3.96
CA GLU A 72 -7.18 -8.27 4.04
C GLU A 72 -7.12 -8.90 2.65
N ASN A 73 -7.38 -8.08 1.65
CA ASN A 73 -7.37 -8.55 0.28
C ASN A 73 -5.91 -8.73 -0.18
N PRO A 74 -5.71 -9.72 -1.08
CA PRO A 74 -4.39 -10.01 -1.60
C PRO A 74 -3.95 -8.95 -2.61
N VAL A 75 -2.66 -8.66 -2.60
CA VAL A 75 -2.11 -7.67 -3.51
C VAL A 75 -2.43 -8.07 -4.95
N SER A 76 -2.71 -9.36 -5.13
CA SER A 76 -3.03 -9.87 -6.44
C SER A 76 -4.26 -9.15 -7.01
N SER A 77 -5.01 -8.55 -6.10
CA SER A 77 -6.21 -7.82 -6.49
C SER A 77 -5.85 -6.36 -6.83
N VAL A 78 -4.62 -6.01 -6.52
CA VAL A 78 -4.13 -4.66 -6.79
C VAL A 78 -2.83 -4.74 -7.59
N ALA A 79 -2.85 -5.58 -8.61
CA ALA A 79 -1.68 -5.76 -9.45
C ALA A 79 -1.78 -4.83 -10.66
N SER A 80 -0.68 -4.16 -10.95
CA SER A 80 -0.64 -3.24 -12.07
C SER A 80 -1.36 -1.94 -11.72
N GLN A 81 -2.65 -2.07 -11.43
CA GLN A 81 -3.46 -0.92 -11.07
C GLN A 81 -2.72 -0.04 -10.06
N THR A 82 -3.06 1.24 -10.08
CA THR A 82 -2.44 2.19 -9.18
C THR A 82 -3.29 2.36 -7.91
N LEU A 83 -2.60 2.59 -6.80
CA LEU A 83 -3.27 2.77 -5.53
C LEU A 83 -2.98 4.18 -5.00
N VAL A 84 -3.84 4.63 -4.10
CA VAL A 84 -3.68 5.94 -3.50
C VAL A 84 -3.50 5.79 -1.99
N LEU A 85 -2.34 6.25 -1.52
CA LEU A 85 -2.03 6.18 -0.10
C LEU A 85 -2.24 7.54 0.53
N ASP A 86 -2.85 7.53 1.71
CA ASP A 86 -3.12 8.76 2.43
C ASP A 86 -2.50 8.67 3.82
N THR A 87 -1.29 9.21 3.94
CA THR A 87 -0.58 9.19 5.20
C THR A 87 -1.35 10.01 6.25
N PRO A 88 -1.06 9.69 7.54
CA PRO A 88 -1.72 10.38 8.64
C PRO A 88 -1.14 11.79 8.82
N PRO A 89 -1.98 12.68 9.42
CA PRO A 89 -1.57 14.05 9.66
C PRO A 89 -0.59 14.13 10.84
N ASP A 90 0.50 13.38 10.71
CA ASP A 90 1.52 13.36 11.75
C ASP A 90 2.58 12.33 11.38
N ALA A 91 2.14 11.08 11.25
CA ALA A 91 3.05 10.00 10.91
C ALA A 91 4.11 9.88 11.99
N LYS A 92 3.96 8.84 12.81
CA LYS A 92 4.91 8.60 13.89
C LYS A 92 4.79 9.72 14.92
N MET A 93 4.71 9.32 16.18
CA MET A 93 4.60 10.28 17.26
C MET A 93 5.94 10.97 17.52
N SER A 94 5.93 12.29 17.34
CA SER A 94 7.13 13.08 17.55
C SER A 94 6.80 14.57 17.43
N GLU A 95 7.68 15.38 18.00
CA GLU A 95 7.50 16.83 17.96
C GLU A 95 7.88 17.38 16.59
N ALA A 96 6.93 17.25 15.66
CA ALA A 96 7.15 17.73 14.30
C ALA A 96 5.86 18.35 13.77
N ARG A 97 5.97 18.97 12.61
CA ARG A 97 4.82 19.60 11.98
C ARG A 97 5.20 20.15 10.60
N SER A 98 4.78 19.41 9.57
CA SER A 98 5.08 19.81 8.21
C SER A 98 3.85 19.59 7.33
N SER A 99 3.67 20.49 6.38
CA SER A 99 2.53 20.40 5.46
C SER A 99 2.74 21.37 4.29
N GLY A 100 2.87 22.65 4.63
CA GLY A 100 3.06 23.67 3.63
C GLY A 100 1.76 23.95 2.87
N PRO A 101 1.06 25.03 3.33
CA PRO A 101 -0.19 25.41 2.71
C PRO A 101 0.05 26.10 1.36
N SER A 102 -1.00 26.13 0.55
CA SER A 102 -0.92 26.75 -0.76
C SER A 102 -2.08 27.73 -0.95
N SER A 103 -3.29 27.18 -0.84
CA SER A 103 -4.49 27.99 -1.00
C SER A 103 -4.48 28.68 -2.37
N GLY A 104 -5.62 29.26 -2.71
CA GLY A 104 -5.75 29.95 -3.98
C GLY A 104 -5.91 28.96 -5.13
#